data_3DZ8
# 
_entry.id   3DZ8 
# 
_audit_conform.dict_name       mmcif_pdbx.dic 
_audit_conform.dict_version    5.377 
_audit_conform.dict_location   http://mmcif.pdb.org/dictionaries/ascii/mmcif_pdbx.dic 
# 
loop_
_database_2.database_id 
_database_2.database_code 
_database_2.pdbx_database_accession 
_database_2.pdbx_DOI 
PDB   3DZ8         pdb_00003dz8 10.2210/pdb3dz8/pdb 
RCSB  RCSB048674   ?            ?                   
WWPDB D_1000048674 ?            ?                   
# 
_pdbx_database_status.entry_id                        3DZ8 
_pdbx_database_status.deposit_site                    RCSB 
_pdbx_database_status.process_site                    RCSB 
_pdbx_database_status.recvd_initial_deposition_date   2008-07-29 
_pdbx_database_status.status_code                     REL 
_pdbx_database_status.status_code_sf                  REL 
_pdbx_database_status.status_code_mr                  ? 
_pdbx_database_status.SG_entry                        Y 
_pdbx_database_status.pdb_format_compatible           Y 
_pdbx_database_status.status_code_cs                  ? 
_pdbx_database_status.methods_development_category    ? 
_pdbx_database_status.status_code_nmr_data            ? 
# 
loop_
_audit_author.name 
_audit_author.pdbx_ordinal 
'Shen, Y.'                             1  
'Tong, Y.'                             2  
'Sukumar, D.'                          3  
'Tempel, W.'                           4  
'Loppnau, P.'                          5  
'Arrowsmith, C.H.'                     6  
'Edwards, A.M.'                        7  
'Bountra, C.'                          8  
'Wilkstrom, M.'                        9  
'Bochkarev, A.'                        10 
'Park, H.'                             11 
'Structural Genomics Consortium (SGC)' 12 
# 
_citation.id                        primary 
_citation.title                     'Crystal structure of human Rab3B GTPase bound with GDP' 
_citation.journal_abbrev            'To be Published' 
_citation.journal_volume            ? 
_citation.page_first                ? 
_citation.page_last                 ? 
_citation.year                      ? 
_citation.journal_id_ASTM           ? 
_citation.country                   ? 
_citation.journal_id_ISSN           ? 
_citation.journal_id_CSD            0353 
_citation.book_publisher            ? 
_citation.pdbx_database_id_PubMed   ? 
_citation.pdbx_database_id_DOI      ? 
# 
loop_
_citation_author.citation_id 
_citation_author.name 
_citation_author.ordinal 
_citation_author.identifier_ORCID 
primary 'Shen, Y.'         1  ? 
primary 'Tong, Y.'         2  ? 
primary 'Sukumar, D.'      3  ? 
primary 'Tempel, W.'       4  ? 
primary 'Loppnau, P.'      5  ? 
primary 'Arrowsmith, C.H.' 6  ? 
primary 'Edwards, A.M.'    7  ? 
primary 'Bountra, C.'      8  ? 
primary 'Wilkstrom, M.'    9  ? 
primary 'Bochkarev, A.'    10 ? 
primary 'Park, H.'         11 ? 
# 
_cell.entry_id           3DZ8 
_cell.length_a           56.969 
_cell.length_b           50.875 
_cell.length_c           73.553 
_cell.angle_alpha        90.000 
_cell.angle_beta         110.910 
_cell.angle_gamma        90.000 
_cell.pdbx_unique_axis   ? 
_cell.Z_PDB              4 
_cell.length_a_esd       ? 
_cell.length_b_esd       ? 
_cell.length_c_esd       ? 
_cell.angle_alpha_esd    ? 
_cell.angle_beta_esd     ? 
_cell.angle_gamma_esd    ? 
# 
_symmetry.entry_id                         3DZ8 
_symmetry.space_group_name_H-M             'C 1 2 1' 
_symmetry.Int_Tables_number                5 
_symmetry.pdbx_full_space_group_name_H-M   ? 
_symmetry.cell_setting                     ? 
_symmetry.space_group_name_Hall            ? 
# 
loop_
_entity.id 
_entity.type 
_entity.src_method 
_entity.pdbx_description 
_entity.formula_weight 
_entity.pdbx_number_of_molecules 
_entity.pdbx_ec 
_entity.pdbx_mutation 
_entity.pdbx_fragment 
_entity.details 
1 polymer     man 'Ras-related protein Rab-3B' 22182.936 1  ? ? 'UNP residues 18-190' ? 
2 non-polymer syn "GUANOSINE-5'-DIPHOSPHATE"   443.201   1  ? ? ?                     ? 
3 non-polymer syn 'UNKNOWN ATOM OR ION'        ?         6  ? ? ?                     ? 
4 water       nat water                        18.015    30 ? ? ?                     ? 
# 
_entity_poly.entity_id                      1 
_entity_poly.type                           'polypeptide(L)' 
_entity_poly.nstd_linkage                   no 
_entity_poly.nstd_monomer                   no 
_entity_poly.pdbx_seq_one_letter_code       
;MHHHHHHSSGRENLYFQGNFDYMFKLLIIGNSSVGKTSFLFRYADDTFTPAFVSTVGIDFKVKTVYRHEKRVKLQIWDTA
GQERYRTITTAYYRGAMGFILMYDITNEESFNAVQDWATQIKTYSWDNAQVILVGNKCDMEEERVVPTEKGQLLAEQLGF
DFFEASAKENISVRQAFERLVDAICDKMSDS
;
_entity_poly.pdbx_seq_one_letter_code_can   
;MHHHHHHSSGRENLYFQGNFDYMFKLLIIGNSSVGKTSFLFRYADDTFTPAFVSTVGIDFKVKTVYRHEKRVKLQIWDTA
GQERYRTITTAYYRGAMGFILMYDITNEESFNAVQDWATQIKTYSWDNAQVILVGNKCDMEEERVVPTEKGQLLAEQLGF
DFFEASAKENISVRQAFERLVDAICDKMSDS
;
_entity_poly.pdbx_strand_id                 A 
_entity_poly.pdbx_target_identifier         ? 
# 
loop_
_entity_poly_seq.entity_id 
_entity_poly_seq.num 
_entity_poly_seq.mon_id 
_entity_poly_seq.hetero 
1 1   MET n 
1 2   HIS n 
1 3   HIS n 
1 4   HIS n 
1 5   HIS n 
1 6   HIS n 
1 7   HIS n 
1 8   SER n 
1 9   SER n 
1 10  GLY n 
1 11  ARG n 
1 12  GLU n 
1 13  ASN n 
1 14  LEU n 
1 15  TYR n 
1 16  PHE n 
1 17  GLN n 
1 18  GLY n 
1 19  ASN n 
1 20  PHE n 
1 21  ASP n 
1 22  TYR n 
1 23  MET n 
1 24  PHE n 
1 25  LYS n 
1 26  LEU n 
1 27  LEU n 
1 28  ILE n 
1 29  ILE n 
1 30  GLY n 
1 31  ASN n 
1 32  SER n 
1 33  SER n 
1 34  VAL n 
1 35  GLY n 
1 36  LYS n 
1 37  THR n 
1 38  SER n 
1 39  PHE n 
1 40  LEU n 
1 41  PHE n 
1 42  ARG n 
1 43  TYR n 
1 44  ALA n 
1 45  ASP n 
1 46  ASP n 
1 47  THR n 
1 48  PHE n 
1 49  THR n 
1 50  PRO n 
1 51  ALA n 
1 52  PHE n 
1 53  VAL n 
1 54  SER n 
1 55  THR n 
1 56  VAL n 
1 57  GLY n 
1 58  ILE n 
1 59  ASP n 
1 60  PHE n 
1 61  LYS n 
1 62  VAL n 
1 63  LYS n 
1 64  THR n 
1 65  VAL n 
1 66  TYR n 
1 67  ARG n 
1 68  HIS n 
1 69  GLU n 
1 70  LYS n 
1 71  ARG n 
1 72  VAL n 
1 73  LYS n 
1 74  LEU n 
1 75  GLN n 
1 76  ILE n 
1 77  TRP n 
1 78  ASP n 
1 79  THR n 
1 80  ALA n 
1 81  GLY n 
1 82  GLN n 
1 83  GLU n 
1 84  ARG n 
1 85  TYR n 
1 86  ARG n 
1 87  THR n 
1 88  ILE n 
1 89  THR n 
1 90  THR n 
1 91  ALA n 
1 92  TYR n 
1 93  TYR n 
1 94  ARG n 
1 95  GLY n 
1 96  ALA n 
1 97  MET n 
1 98  GLY n 
1 99  PHE n 
1 100 ILE n 
1 101 LEU n 
1 102 MET n 
1 103 TYR n 
1 104 ASP n 
1 105 ILE n 
1 106 THR n 
1 107 ASN n 
1 108 GLU n 
1 109 GLU n 
1 110 SER n 
1 111 PHE n 
1 112 ASN n 
1 113 ALA n 
1 114 VAL n 
1 115 GLN n 
1 116 ASP n 
1 117 TRP n 
1 118 ALA n 
1 119 THR n 
1 120 GLN n 
1 121 ILE n 
1 122 LYS n 
1 123 THR n 
1 124 TYR n 
1 125 SER n 
1 126 TRP n 
1 127 ASP n 
1 128 ASN n 
1 129 ALA n 
1 130 GLN n 
1 131 VAL n 
1 132 ILE n 
1 133 LEU n 
1 134 VAL n 
1 135 GLY n 
1 136 ASN n 
1 137 LYS n 
1 138 CYS n 
1 139 ASP n 
1 140 MET n 
1 141 GLU n 
1 142 GLU n 
1 143 GLU n 
1 144 ARG n 
1 145 VAL n 
1 146 VAL n 
1 147 PRO n 
1 148 THR n 
1 149 GLU n 
1 150 LYS n 
1 151 GLY n 
1 152 GLN n 
1 153 LEU n 
1 154 LEU n 
1 155 ALA n 
1 156 GLU n 
1 157 GLN n 
1 158 LEU n 
1 159 GLY n 
1 160 PHE n 
1 161 ASP n 
1 162 PHE n 
1 163 PHE n 
1 164 GLU n 
1 165 ALA n 
1 166 SER n 
1 167 ALA n 
1 168 LYS n 
1 169 GLU n 
1 170 ASN n 
1 171 ILE n 
1 172 SER n 
1 173 VAL n 
1 174 ARG n 
1 175 GLN n 
1 176 ALA n 
1 177 PHE n 
1 178 GLU n 
1 179 ARG n 
1 180 LEU n 
1 181 VAL n 
1 182 ASP n 
1 183 ALA n 
1 184 ILE n 
1 185 CYS n 
1 186 ASP n 
1 187 LYS n 
1 188 MET n 
1 189 SER n 
1 190 ASP n 
1 191 SER n 
# 
_entity_src_gen.entity_id                          1 
_entity_src_gen.pdbx_src_id                        1 
_entity_src_gen.pdbx_alt_source_flag               sample 
_entity_src_gen.pdbx_seq_type                      ? 
_entity_src_gen.pdbx_beg_seq_num                   ? 
_entity_src_gen.pdbx_end_seq_num                   ? 
_entity_src_gen.gene_src_common_name               Human 
_entity_src_gen.gene_src_genus                     ? 
_entity_src_gen.pdbx_gene_src_gene                 RAB3B 
_entity_src_gen.gene_src_species                   ? 
_entity_src_gen.gene_src_strain                    ? 
_entity_src_gen.gene_src_tissue                    ? 
_entity_src_gen.gene_src_tissue_fraction           ? 
_entity_src_gen.gene_src_details                   ? 
_entity_src_gen.pdbx_gene_src_fragment             ? 
_entity_src_gen.pdbx_gene_src_scientific_name      'Homo sapiens' 
_entity_src_gen.pdbx_gene_src_ncbi_taxonomy_id     9606 
_entity_src_gen.pdbx_gene_src_variant              ? 
_entity_src_gen.pdbx_gene_src_cell_line            ? 
_entity_src_gen.pdbx_gene_src_atcc                 ? 
_entity_src_gen.pdbx_gene_src_organ                ? 
_entity_src_gen.pdbx_gene_src_organelle            ? 
_entity_src_gen.pdbx_gene_src_cell                 ? 
_entity_src_gen.pdbx_gene_src_cellular_location    ? 
_entity_src_gen.host_org_common_name               ? 
_entity_src_gen.pdbx_host_org_scientific_name      'Escherichia coli' 
_entity_src_gen.pdbx_host_org_ncbi_taxonomy_id     562 
_entity_src_gen.host_org_genus                     ? 
_entity_src_gen.pdbx_host_org_gene                 ? 
_entity_src_gen.pdbx_host_org_organ                ? 
_entity_src_gen.host_org_species                   ? 
_entity_src_gen.pdbx_host_org_tissue               ? 
_entity_src_gen.pdbx_host_org_tissue_fraction      ? 
_entity_src_gen.pdbx_host_org_strain               'BL21-CodonPlus(DE3)-V2R' 
_entity_src_gen.pdbx_host_org_variant              ? 
_entity_src_gen.pdbx_host_org_cell_line            ? 
_entity_src_gen.pdbx_host_org_atcc                 ? 
_entity_src_gen.pdbx_host_org_culture_collection   ? 
_entity_src_gen.pdbx_host_org_cell                 ? 
_entity_src_gen.pdbx_host_org_organelle            ? 
_entity_src_gen.pdbx_host_org_cellular_location    ? 
_entity_src_gen.pdbx_host_org_vector_type          ? 
_entity_src_gen.pdbx_host_org_vector               ? 
_entity_src_gen.host_org_details                   ? 
_entity_src_gen.expression_system_id               ? 
_entity_src_gen.plasmid_name                       'pET28-mhl (GI:134105571)' 
_entity_src_gen.plasmid_details                    ? 
_entity_src_gen.pdbx_description                   ? 
# 
_struct_ref.id                         1 
_struct_ref.db_name                    UNP 
_struct_ref.db_code                    RAB3B_HUMAN 
_struct_ref.pdbx_db_accession          P20337 
_struct_ref.entity_id                  1 
_struct_ref.pdbx_seq_one_letter_code   
;NFDYMFKLLIIGNSSVGKTSFLFRYADDTFTPAFVSTVGIDFKVKTVYRHEKRVKLQIWDTAGQERYRTITTAYYRGAMG
FILMYDITNEESFNAVQDWATQIKTYSWDNAQVILVGNKCDMEEERVVPTEKGQLLAEQLGFDFFEASAKENISVRQAFE
RLVDAICDKMSDS
;
_struct_ref.pdbx_align_begin           18 
_struct_ref.pdbx_db_isoform            ? 
# 
_struct_ref_seq.align_id                      1 
_struct_ref_seq.ref_id                        1 
_struct_ref_seq.pdbx_PDB_id_code              3DZ8 
_struct_ref_seq.pdbx_strand_id                A 
_struct_ref_seq.seq_align_beg                 19 
_struct_ref_seq.pdbx_seq_align_beg_ins_code   ? 
_struct_ref_seq.seq_align_end                 191 
_struct_ref_seq.pdbx_seq_align_end_ins_code   ? 
_struct_ref_seq.pdbx_db_accession             P20337 
_struct_ref_seq.db_align_beg                  18 
_struct_ref_seq.pdbx_db_align_beg_ins_code    ? 
_struct_ref_seq.db_align_end                  190 
_struct_ref_seq.pdbx_db_align_end_ins_code    ? 
_struct_ref_seq.pdbx_auth_seq_align_beg       18 
_struct_ref_seq.pdbx_auth_seq_align_end       190 
# 
loop_
_struct_ref_seq_dif.align_id 
_struct_ref_seq_dif.pdbx_pdb_id_code 
_struct_ref_seq_dif.mon_id 
_struct_ref_seq_dif.pdbx_pdb_strand_id 
_struct_ref_seq_dif.seq_num 
_struct_ref_seq_dif.pdbx_pdb_ins_code 
_struct_ref_seq_dif.pdbx_seq_db_name 
_struct_ref_seq_dif.pdbx_seq_db_accession_code 
_struct_ref_seq_dif.db_mon_id 
_struct_ref_seq_dif.pdbx_seq_db_seq_num 
_struct_ref_seq_dif.details 
_struct_ref_seq_dif.pdbx_auth_seq_num 
_struct_ref_seq_dif.pdbx_ordinal 
1 3DZ8 MET A 1  ? UNP P20337 ? ? 'expression tag' 0  1  
1 3DZ8 HIS A 2  ? UNP P20337 ? ? 'expression tag' 1  2  
1 3DZ8 HIS A 3  ? UNP P20337 ? ? 'expression tag' 2  3  
1 3DZ8 HIS A 4  ? UNP P20337 ? ? 'expression tag' 3  4  
1 3DZ8 HIS A 5  ? UNP P20337 ? ? 'expression tag' 4  5  
1 3DZ8 HIS A 6  ? UNP P20337 ? ? 'expression tag' 5  6  
1 3DZ8 HIS A 7  ? UNP P20337 ? ? 'expression tag' 6  7  
1 3DZ8 SER A 8  ? UNP P20337 ? ? 'expression tag' 7  8  
1 3DZ8 SER A 9  ? UNP P20337 ? ? 'expression tag' 8  9  
1 3DZ8 GLY A 10 ? UNP P20337 ? ? 'expression tag' 9  10 
1 3DZ8 ARG A 11 ? UNP P20337 ? ? 'expression tag' 10 11 
1 3DZ8 GLU A 12 ? UNP P20337 ? ? 'expression tag' 11 12 
1 3DZ8 ASN A 13 ? UNP P20337 ? ? 'expression tag' 12 13 
1 3DZ8 LEU A 14 ? UNP P20337 ? ? 'expression tag' 13 14 
1 3DZ8 TYR A 15 ? UNP P20337 ? ? 'expression tag' 14 15 
1 3DZ8 PHE A 16 ? UNP P20337 ? ? 'expression tag' 15 16 
1 3DZ8 GLN A 17 ? UNP P20337 ? ? 'expression tag' 16 17 
1 3DZ8 GLY A 18 ? UNP P20337 ? ? 'expression tag' 17 18 
# 
loop_
_chem_comp.id 
_chem_comp.type 
_chem_comp.mon_nstd_flag 
_chem_comp.name 
_chem_comp.pdbx_synonyms 
_chem_comp.formula 
_chem_comp.formula_weight 
ALA 'L-peptide linking' y ALANINE                    ? 'C3 H7 N O2'        89.093  
ARG 'L-peptide linking' y ARGININE                   ? 'C6 H15 N4 O2 1'    175.209 
ASN 'L-peptide linking' y ASPARAGINE                 ? 'C4 H8 N2 O3'       132.118 
ASP 'L-peptide linking' y 'ASPARTIC ACID'            ? 'C4 H7 N O4'        133.103 
CYS 'L-peptide linking' y CYSTEINE                   ? 'C3 H7 N O2 S'      121.158 
GDP 'RNA linking'       n "GUANOSINE-5'-DIPHOSPHATE" ? 'C10 H15 N5 O11 P2' 443.201 
GLN 'L-peptide linking' y GLUTAMINE                  ? 'C5 H10 N2 O3'      146.144 
GLU 'L-peptide linking' y 'GLUTAMIC ACID'            ? 'C5 H9 N O4'        147.129 
GLY 'peptide linking'   y GLYCINE                    ? 'C2 H5 N O2'        75.067  
HIS 'L-peptide linking' y HISTIDINE                  ? 'C6 H10 N3 O2 1'    156.162 
HOH non-polymer         . WATER                      ? 'H2 O'              18.015  
ILE 'L-peptide linking' y ISOLEUCINE                 ? 'C6 H13 N O2'       131.173 
LEU 'L-peptide linking' y LEUCINE                    ? 'C6 H13 N O2'       131.173 
LYS 'L-peptide linking' y LYSINE                     ? 'C6 H15 N2 O2 1'    147.195 
MET 'L-peptide linking' y METHIONINE                 ? 'C5 H11 N O2 S'     149.211 
PHE 'L-peptide linking' y PHENYLALANINE              ? 'C9 H11 N O2'       165.189 
PRO 'L-peptide linking' y PROLINE                    ? 'C5 H9 N O2'        115.130 
SER 'L-peptide linking' y SERINE                     ? 'C3 H7 N O3'        105.093 
THR 'L-peptide linking' y THREONINE                  ? 'C4 H9 N O3'        119.119 
TRP 'L-peptide linking' y TRYPTOPHAN                 ? 'C11 H12 N2 O2'     204.225 
TYR 'L-peptide linking' y TYROSINE                   ? 'C9 H11 N O3'       181.189 
UNX non-polymer         . 'UNKNOWN ATOM OR ION'      ? ?                   ?       
VAL 'L-peptide linking' y VALINE                     ? 'C5 H11 N O2'       117.146 
# 
_exptl.crystals_number   1 
_exptl.entry_id          3DZ8 
_exptl.method            'X-RAY DIFFRACTION' 
# 
_exptl_crystal.id                    1 
_exptl_crystal.density_percent_sol   48.5 
_exptl_crystal.density_Matthews      2.4 
_exptl_crystal.density_meas          ? 
_exptl_crystal.description           ? 
_exptl_crystal.F_000                 ? 
_exptl_crystal.preparation           ? 
# 
_exptl_crystal_grow.crystal_id      1 
_exptl_crystal_grow.method          'VAPOR DIFFUSION, SITTING DROP' 
_exptl_crystal_grow.pH              7.5 
_exptl_crystal_grow.temp            291 
_exptl_crystal_grow.pdbx_details    
'2M ammonium sulfate, 0.2M sodium acetate, 0.1M HEPES, 5% MPD, pH 7.5, vapor diffusion, sitting drop, temperature 291K' 
_exptl_crystal_grow.temp_details    ? 
_exptl_crystal_grow.pdbx_pH_range   . 
# 
_diffrn.id                     1 
_diffrn.ambient_temp           100 
_diffrn.ambient_temp_details   ? 
_diffrn.crystal_id             1 
# 
_diffrn_detector.diffrn_id              1 
_diffrn_detector.detector               'IMAGE PLATE' 
_diffrn_detector.type                   'RIGAKU RAXIS' 
_diffrn_detector.pdbx_collection_date   2008-05-13 
_diffrn_detector.details                ? 
# 
_diffrn_radiation.diffrn_id                        1 
_diffrn_radiation.pdbx_diffrn_protocol             'SINGLE WAVELENGTH' 
_diffrn_radiation.monochromator                    ? 
_diffrn_radiation.wavelength_id                    1 
_diffrn_radiation.pdbx_monochromatic_or_laue_m_l   M 
_diffrn_radiation.pdbx_scattering_type             x-ray 
# 
_diffrn_radiation_wavelength.id           1 
_diffrn_radiation_wavelength.wavelength   1.5418 
_diffrn_radiation_wavelength.wt           1.0 
# 
_diffrn_source.diffrn_id                   1 
_diffrn_source.source                      'ROTATING ANODE' 
_diffrn_source.type                        'RIGAKU FR-E DW' 
_diffrn_source.pdbx_wavelength_list        1.5418 
_diffrn_source.pdbx_wavelength             ? 
_diffrn_source.pdbx_synchrotron_site       ? 
_diffrn_source.pdbx_synchrotron_beamline   ? 
# 
_reflns.entry_id                     3DZ8 
_reflns.d_resolution_high            1.900 
_reflns.d_resolution_low             25.000 
_reflns.number_obs                   15627 
_reflns.pdbx_Rmerge_I_obs            0.061 
_reflns.pdbx_chi_squared             1.518 
_reflns.pdbx_redundancy              6.700 
_reflns.percent_possible_obs         99.700 
_reflns.observed_criterion_sigma_F   ? 
_reflns.observed_criterion_sigma_I   ? 
_reflns.number_all                   ? 
_reflns.pdbx_Rsym_value              ? 
_reflns.B_iso_Wilson_estimate        ? 
_reflns.R_free_details               ? 
_reflns.limit_h_max                  ? 
_reflns.limit_h_min                  ? 
_reflns.limit_k_max                  ? 
_reflns.limit_k_min                  ? 
_reflns.limit_l_max                  ? 
_reflns.limit_l_min                  ? 
_reflns.observed_criterion_F_max     ? 
_reflns.observed_criterion_F_min     ? 
_reflns.pdbx_scaling_rejects         ? 
_reflns.pdbx_netI_over_sigmaI        ? 
_reflns.pdbx_ordinal                 1 
_reflns.pdbx_diffrn_id               1 
# 
loop_
_reflns_shell.d_res_high 
_reflns_shell.d_res_low 
_reflns_shell.number_measured_obs 
_reflns_shell.number_measured_all 
_reflns_shell.number_unique_obs 
_reflns_shell.Rmerge_I_obs 
_reflns_shell.meanI_over_sigI_obs 
_reflns_shell.pdbx_Rsym_value 
_reflns_shell.pdbx_chi_squared 
_reflns_shell.pdbx_redundancy 
_reflns_shell.percent_possible_obs 
_reflns_shell.number_unique_all 
_reflns_shell.percent_possible_all 
_reflns_shell.pdbx_ordinal 
_reflns_shell.pdbx_diffrn_id 
1.90 1.97  ? ? ? 0.609 ? ? 1.374 3.30 ? 1500 97.90  1  1 
1.97 2.05  ? ? ? 0.471 ? ? 1.403 5.00 ? 1569 99.60  2  1 
2.05 2.14  ? ? ? 0.370 ? ? 1.515 7.10 ? 1543 99.70  3  1 
2.14 2.25  ? ? ? 0.302 ? ? 1.488 7.20 ? 1563 100.00 4  1 
2.25 2.39  ? ? ? 0.218 ? ? 1.507 7.20 ? 1561 100.00 5  1 
2.39 2.58  ? ? ? 0.156 ? ? 1.532 7.30 ? 1555 100.00 6  1 
2.58 2.84  ? ? ? 0.108 ? ? 1.540 7.40 ? 1570 100.00 7  1 
2.84 3.25  ? ? ? 0.059 ? ? 1.497 7.50 ? 1570 100.00 8  1 
3.25 4.09  ? ? ? 0.033 ? ? 1.506 7.40 ? 1582 100.00 9  1 
4.09 25.00 ? ? ? 0.030 ? ? 1.676 7.40 ? 1614 100.00 10 1 
# 
_refine.entry_id                                 3DZ8 
_refine.ls_d_res_high                            1.900 
_refine.ls_d_res_low                             20.000 
_refine.pdbx_ls_sigma_F                          0.00 
_refine.ls_percent_reflns_obs                    99.724 
_refine.ls_number_reflns_obs                     15562 
_refine.pdbx_ls_cross_valid_method               THROUGHOUT 
_refine.pdbx_R_Free_selection_details            RANDOM 
_refine.details                                  
;ATOM RECORD CONTAINS RESIDUAL B FACTORS ONLY. HYDROGENS HAVE BEEN ADDED IN THE RIDING POSITIONS 
 U VALUES      : RESIDUAL ONLY
;
_refine.ls_R_factor_obs                          0.213 
_refine.ls_R_factor_R_work                       0.211 
_refine.ls_wR_factor_R_work                      0.204 
_refine.ls_R_factor_R_free                       0.251 
_refine.ls_wR_factor_R_free                      0.241 
_refine.ls_percent_reflns_R_free                 4.903 
_refine.ls_number_reflns_R_free                  763 
_refine.B_iso_mean                               15.646 
_refine.aniso_B[1][1]                            -1.208 
_refine.aniso_B[2][2]                            1.537 
_refine.aniso_B[3][3]                            -1.464 
_refine.aniso_B[1][2]                            0.000 
_refine.aniso_B[1][3]                            -1.590 
_refine.aniso_B[2][3]                            0.000 
_refine.correlation_coeff_Fo_to_Fc               0.947 
_refine.correlation_coeff_Fo_to_Fc_free          0.915 
_refine.pdbx_overall_ESU_R                       0.165 
_refine.pdbx_overall_ESU_R_Free                  0.153 
_refine.overall_SU_ML                            0.112 
_refine.overall_SU_B                             8.566 
_refine.solvent_model_details                    'MASK BULK SOLVENT' 
_refine.pdbx_solvent_vdw_probe_radii             1.200 
_refine.pdbx_solvent_ion_probe_radii             0.800 
_refine.pdbx_solvent_shrinkage_radii             0.800 
_refine.pdbx_method_to_determine_struct          'MOLECULAR REPLACEMENT' 
_refine.pdbx_stereochemistry_target_values       'MAXIMUM LIKELIHOOD' 
_refine.pdbx_ls_sigma_I                          ? 
_refine.ls_number_reflns_all                     ? 
_refine.ls_R_factor_all                          ? 
_refine.ls_redundancy_reflns_obs                 ? 
_refine.pdbx_data_cutoff_high_absF               ? 
_refine.pdbx_data_cutoff_low_absF                ? 
_refine.ls_number_parameters                     ? 
_refine.ls_number_restraints                     ? 
_refine.ls_R_factor_R_free_error                 ? 
_refine.ls_R_factor_R_free_error_details         ? 
_refine.pdbx_starting_model                      'PDB ENTRY 2GF9' 
_refine.pdbx_stereochem_target_val_spec_case     ? 
_refine.solvent_model_param_bsol                 ? 
_refine.solvent_model_param_ksol                 ? 
_refine.occupancy_max                            ? 
_refine.occupancy_min                            ? 
_refine.pdbx_isotropic_thermal_model             ? 
_refine.B_iso_min                                ? 
_refine.B_iso_max                                ? 
_refine.overall_SU_R_Cruickshank_DPI             ? 
_refine.overall_SU_R_free                        ? 
_refine.pdbx_data_cutoff_high_rms_absF           ? 
_refine.overall_FOM_free_R_set                   ? 
_refine.overall_FOM_work_R_set                   ? 
_refine.pdbx_overall_phase_error                 ? 
_refine.pdbx_refine_id                           'X-RAY DIFFRACTION' 
_refine.pdbx_TLS_residual_ADP_flag               'LIKELY RESIDUAL' 
_refine.pdbx_diffrn_id                           1 
_refine.pdbx_overall_SU_R_free_Cruickshank_DPI   ? 
_refine.pdbx_overall_SU_R_Blow_DPI               ? 
_refine.pdbx_overall_SU_R_free_Blow_DPI          ? 
# 
_refine_hist.pdbx_refine_id                   'X-RAY DIFFRACTION' 
_refine_hist.cycle_id                         LAST 
_refine_hist.pdbx_number_atoms_protein        1390 
_refine_hist.pdbx_number_atoms_nucleic_acid   0 
_refine_hist.pdbx_number_atoms_ligand         34 
_refine_hist.number_atoms_solvent             30 
_refine_hist.number_atoms_total               1454 
_refine_hist.d_res_high                       1.900 
_refine_hist.d_res_low                        20.000 
# 
loop_
_refine_ls_restr.type 
_refine_ls_restr.number 
_refine_ls_restr.dev_ideal 
_refine_ls_restr.dev_ideal_target 
_refine_ls_restr.weight 
_refine_ls_restr.pdbx_refine_id 
_refine_ls_restr.pdbx_restraint_function 
r_bond_refined_d       1456 0.014  0.022  ? 'X-RAY DIFFRACTION' ? 
r_bond_other_d         962  0.002  0.020  ? 'X-RAY DIFFRACTION' ? 
r_angle_refined_deg    1976 1.381  1.955  ? 'X-RAY DIFFRACTION' ? 
r_angle_other_deg      2330 0.862  3.000  ? 'X-RAY DIFFRACTION' ? 
r_dihedral_angle_1_deg 179  6.644  5.000  ? 'X-RAY DIFFRACTION' ? 
r_dihedral_angle_2_deg 66   38.192 23.636 ? 'X-RAY DIFFRACTION' ? 
r_dihedral_angle_3_deg 240  12.066 15.000 ? 'X-RAY DIFFRACTION' ? 
r_dihedral_angle_4_deg 9    16.515 15.000 ? 'X-RAY DIFFRACTION' ? 
r_chiral_restr         221  0.082  0.200  ? 'X-RAY DIFFRACTION' ? 
r_gen_planes_refined   1618 0.005  0.020  ? 'X-RAY DIFFRACTION' ? 
r_gen_planes_other     324  0.001  0.020  ? 'X-RAY DIFFRACTION' ? 
r_mcbond_it            884  1.403  2.000  ? 'X-RAY DIFFRACTION' ? 
r_mcbond_other         364  0.415  2.000  ? 'X-RAY DIFFRACTION' ? 
r_mcangle_it           1419 2.134  3.000  ? 'X-RAY DIFFRACTION' ? 
r_scbond_it            572  1.684  2.000  ? 'X-RAY DIFFRACTION' ? 
r_scangle_it           556  2.368  3.000  ? 'X-RAY DIFFRACTION' ? 
# 
loop_
_refine_ls_shell.pdbx_total_number_of_bins_used 
_refine_ls_shell.d_res_low 
_refine_ls_shell.d_res_high 
_refine_ls_shell.number_reflns_all 
_refine_ls_shell.percent_reflns_obs 
_refine_ls_shell.number_reflns_R_work 
_refine_ls_shell.R_factor_R_work 
_refine_ls_shell.number_reflns_R_free 
_refine_ls_shell.R_factor_R_free 
_refine_ls_shell.number_reflns_obs 
_refine_ls_shell.R_factor_R_free_error 
_refine_ls_shell.percent_reflns_R_free 
_refine_ls_shell.redundancy_reflns_obs 
_refine_ls_shell.R_factor_all 
_refine_ls_shell.pdbx_refine_id 
20 1.949  1.900 1112 97.482  1037 0.327 47 0.368 . . . . . 'X-RAY DIFFRACTION' 
20 2.002  1.949 1117 99.373  1053 0.294 57 0.295 . . . . . 'X-RAY DIFFRACTION' 
20 2.059  2.002 1059 99.622  1003 0.231 52 0.289 . . . . . 'X-RAY DIFFRACTION' 
20 2.122  2.059 1089 99.816  1020 0.193 67 0.249 . . . . . 'X-RAY DIFFRACTION' 
20 2.191  2.122 993  100.000 947  0.215 46 0.220 . . . . . 'X-RAY DIFFRACTION' 
20 2.267  2.191 984  99.797  937  0.216 45 0.287 . . . . . 'X-RAY DIFFRACTION' 
20 2.351  2.267 960  100.000 919  0.196 41 0.219 . . . . . 'X-RAY DIFFRACTION' 
20 2.446  2.351 918  100.000 879  0.169 39 0.196 . . . . . 'X-RAY DIFFRACTION' 
20 2.553  2.446 897  100.000 851  0.189 46 0.236 . . . . . 'X-RAY DIFFRACTION' 
20 2.675  2.553 815  100.000 768  0.205 47 0.236 . . . . . 'X-RAY DIFFRACTION' 
20 2.817  2.675 812  100.000 775  0.209 37 0.216 . . . . . 'X-RAY DIFFRACTION' 
20 2.984  2.817 770  100.000 746  0.203 24 0.229 . . . . . 'X-RAY DIFFRACTION' 
20 3.185  2.984 730  100.000 692  0.218 38 0.261 . . . . . 'X-RAY DIFFRACTION' 
20 3.433  3.185 655  100.000 619  0.213 36 0.205 . . . . . 'X-RAY DIFFRACTION' 
20 3.750  3.433 616  100.000 590  0.201 26 0.253 . . . . . 'X-RAY DIFFRACTION' 
20 4.174  3.750 571  100.000 541  0.182 30 0.163 . . . . . 'X-RAY DIFFRACTION' 
20 4.785  4.174 509  100.000 481  0.172 28 0.245 . . . . . 'X-RAY DIFFRACTION' 
20 5.778  4.785 424  100.000 401  0.227 23 0.273 . . . . . 'X-RAY DIFFRACTION' 
20 7.851  5.778 348  100.000 326  0.287 22 0.377 . . . . . 'X-RAY DIFFRACTION' 
20 20.000 7.851 226  100.000 214  0.239 12 0.423 . . . . . 'X-RAY DIFFRACTION' 
# 
_struct.entry_id                  3DZ8 
_struct.title                     'Crystal structure of human Rab3B GTPase bound with GDP' 
_struct.pdbx_model_details        ? 
_struct.pdbx_CASP_flag            ? 
_struct.pdbx_model_type_details   ? 
# 
_struct_keywords.entry_id        3DZ8 
_struct_keywords.text            
;ras, gdp, gtpase, structural genomics consortium, sgc, Cell membrane, GTP-binding, Lipoprotein, Membrane, Methylation, Nucleotide-binding, Phosphoprotein, Prenylation, Protein transport, Transport
;
_struct_keywords.pdbx_keywords   'PROTEIN TRANSPORT' 
# 
loop_
_struct_asym.id 
_struct_asym.pdbx_blank_PDB_chainid_flag 
_struct_asym.pdbx_modified 
_struct_asym.entity_id 
_struct_asym.details 
A N N 1 ? 
B N N 2 ? 
C N N 3 ? 
D N N 3 ? 
E N N 3 ? 
F N N 3 ? 
G N N 3 ? 
H N N 3 ? 
I N N 4 ? 
# 
_struct_biol.id        1 
_struct_biol.details   ? 
# 
loop_
_struct_conf.conf_type_id 
_struct_conf.id 
_struct_conf.pdbx_PDB_helix_id 
_struct_conf.beg_label_comp_id 
_struct_conf.beg_label_asym_id 
_struct_conf.beg_label_seq_id 
_struct_conf.pdbx_beg_PDB_ins_code 
_struct_conf.end_label_comp_id 
_struct_conf.end_label_asym_id 
_struct_conf.end_label_seq_id 
_struct_conf.pdbx_end_PDB_ins_code 
_struct_conf.beg_auth_comp_id 
_struct_conf.beg_auth_asym_id 
_struct_conf.beg_auth_seq_id 
_struct_conf.end_auth_comp_id 
_struct_conf.end_auth_asym_id 
_struct_conf.end_auth_seq_id 
_struct_conf.pdbx_PDB_helix_class 
_struct_conf.details 
_struct_conf.pdbx_PDB_helix_length 
HELX_P HELX_P1 1 GLY A 35  ? THR A 47  ? GLY A 34  THR A 46  1 ? 13 
HELX_P HELX_P2 2 ASP A 78  ? TYR A 85  ? ASP A 77  TYR A 84  1 ? 8  
HELX_P HELX_P3 3 TYR A 85  ? ARG A 94  ? TYR A 84  ARG A 93  1 ? 10 
HELX_P HELX_P4 4 ASN A 107 ? ALA A 113 ? ASN A 106 ALA A 112 1 ? 7  
HELX_P HELX_P5 5 ALA A 113 ? SER A 125 ? ALA A 112 SER A 124 1 ? 13 
HELX_P HELX_P6 6 MET A 140 ? ARG A 144 ? MET A 139 ARG A 143 5 ? 5  
HELX_P HELX_P7 7 PRO A 147 ? GLY A 159 ? PRO A 146 GLY A 158 1 ? 13 
HELX_P HELX_P8 8 SER A 172 ? MET A 188 ? SER A 171 MET A 187 1 ? 17 
# 
_struct_conf_type.id          HELX_P 
_struct_conf_type.criteria    ? 
_struct_conf_type.reference   ? 
# 
loop_
_struct_sheet.id 
_struct_sheet.type 
_struct_sheet.number_strands 
_struct_sheet.details 
A ? 2 ? 
B ? 7 ? 
# 
loop_
_struct_sheet_order.sheet_id 
_struct_sheet_order.range_id_1 
_struct_sheet_order.range_id_2 
_struct_sheet_order.offset 
_struct_sheet_order.sense 
A 1 2 ? anti-parallel 
B 1 2 ? anti-parallel 
B 2 3 ? anti-parallel 
B 3 4 ? parallel      
B 4 5 ? parallel      
B 5 6 ? parallel      
B 6 7 ? parallel      
# 
loop_
_struct_sheet_range.sheet_id 
_struct_sheet_range.id 
_struct_sheet_range.beg_label_comp_id 
_struct_sheet_range.beg_label_asym_id 
_struct_sheet_range.beg_label_seq_id 
_struct_sheet_range.pdbx_beg_PDB_ins_code 
_struct_sheet_range.end_label_comp_id 
_struct_sheet_range.end_label_asym_id 
_struct_sheet_range.end_label_seq_id 
_struct_sheet_range.pdbx_end_PDB_ins_code 
_struct_sheet_range.beg_auth_comp_id 
_struct_sheet_range.beg_auth_asym_id 
_struct_sheet_range.beg_auth_seq_id 
_struct_sheet_range.end_auth_comp_id 
_struct_sheet_range.end_auth_asym_id 
_struct_sheet_range.end_auth_seq_id 
A 1 ASN A 13  ? PHE A 16  ? ASN A 12  PHE A 15  
A 2 ASN A 19  ? TYR A 22  ? ASN A 18  TYR A 21  
B 1 PHE A 52  ? VAL A 56  ? PHE A 51  VAL A 55  
B 2 PHE A 60  ? ARG A 67  ? PHE A 59  ARG A 66  
B 3 VAL A 72  ? TRP A 77  ? VAL A 71  TRP A 76  
B 4 PHE A 24  ? GLY A 30  ? PHE A 23  GLY A 29  
B 5 GLY A 98  ? ASP A 104 ? GLY A 97  ASP A 103 
B 6 GLN A 130 ? ASN A 136 ? GLN A 129 ASN A 135 
B 7 ASP A 161 ? GLU A 164 ? ASP A 160 GLU A 163 
# 
loop_
_pdbx_struct_sheet_hbond.sheet_id 
_pdbx_struct_sheet_hbond.range_id_1 
_pdbx_struct_sheet_hbond.range_id_2 
_pdbx_struct_sheet_hbond.range_1_label_atom_id 
_pdbx_struct_sheet_hbond.range_1_label_comp_id 
_pdbx_struct_sheet_hbond.range_1_label_asym_id 
_pdbx_struct_sheet_hbond.range_1_label_seq_id 
_pdbx_struct_sheet_hbond.range_1_PDB_ins_code 
_pdbx_struct_sheet_hbond.range_1_auth_atom_id 
_pdbx_struct_sheet_hbond.range_1_auth_comp_id 
_pdbx_struct_sheet_hbond.range_1_auth_asym_id 
_pdbx_struct_sheet_hbond.range_1_auth_seq_id 
_pdbx_struct_sheet_hbond.range_2_label_atom_id 
_pdbx_struct_sheet_hbond.range_2_label_comp_id 
_pdbx_struct_sheet_hbond.range_2_label_asym_id 
_pdbx_struct_sheet_hbond.range_2_label_seq_id 
_pdbx_struct_sheet_hbond.range_2_PDB_ins_code 
_pdbx_struct_sheet_hbond.range_2_auth_atom_id 
_pdbx_struct_sheet_hbond.range_2_auth_comp_id 
_pdbx_struct_sheet_hbond.range_2_auth_asym_id 
_pdbx_struct_sheet_hbond.range_2_auth_seq_id 
A 1 2 N LEU A 14  ? N LEU A 13  O ASP A 21  ? O ASP A 20  
B 1 2 N VAL A 56  ? N VAL A 55  O PHE A 60  ? O PHE A 59  
B 2 3 N VAL A 65  ? N VAL A 64  O LEU A 74  ? O LEU A 73  
B 3 4 O LYS A 73  ? O LYS A 72  N LEU A 26  ? N LEU A 25  
B 4 5 N ILE A 29  ? N ILE A 28  O MET A 102 ? O MET A 101 
B 5 6 N TYR A 103 ? N TYR A 102 O ASN A 136 ? O ASN A 135 
B 6 7 N LEU A 133 ? N LEU A 132 O ASP A 161 ? O ASP A 160 
# 
loop_
_struct_site.id 
_struct_site.pdbx_evidence_code 
_struct_site.pdbx_auth_asym_id 
_struct_site.pdbx_auth_comp_id 
_struct_site.pdbx_auth_seq_id 
_struct_site.pdbx_auth_ins_code 
_struct_site.pdbx_num_residues 
_struct_site.details 
AC1 Software A GDP 201 ? 15 'BINDING SITE FOR RESIDUE GDP A 201' 
AC2 Software A UNX 501 ? 3  'BINDING SITE FOR RESIDUE UNX A 501' 
AC3 Software A UNX 502 ? 5  'BINDING SITE FOR RESIDUE UNX A 502' 
AC4 Software A UNX 504 ? 2  'BINDING SITE FOR RESIDUE UNX A 504' 
AC5 Software A UNX 505 ? 2  'BINDING SITE FOR RESIDUE UNX A 505' 
# 
loop_
_struct_site_gen.id 
_struct_site_gen.site_id 
_struct_site_gen.pdbx_num_res 
_struct_site_gen.label_comp_id 
_struct_site_gen.label_asym_id 
_struct_site_gen.label_seq_id 
_struct_site_gen.pdbx_auth_ins_code 
_struct_site_gen.auth_comp_id 
_struct_site_gen.auth_asym_id 
_struct_site_gen.auth_seq_id 
_struct_site_gen.label_atom_id 
_struct_site_gen.label_alt_id 
_struct_site_gen.symmetry 
_struct_site_gen.details 
1  AC1 15 SER A 33  ? SER A 32  . ? 1_555 ? 
2  AC1 15 GLY A 35  ? GLY A 34  . ? 1_555 ? 
3  AC1 15 LYS A 36  ? LYS A 35  . ? 1_555 ? 
4  AC1 15 THR A 37  ? THR A 36  . ? 1_555 ? 
5  AC1 15 SER A 38  ? SER A 37  . ? 1_555 ? 
6  AC1 15 ASN A 136 ? ASN A 135 . ? 1_555 ? 
7  AC1 15 LYS A 137 ? LYS A 136 . ? 1_555 ? 
8  AC1 15 ASP A 139 ? ASP A 138 . ? 1_555 ? 
9  AC1 15 MET A 140 ? MET A 139 . ? 1_555 ? 
10 AC1 15 SER A 166 ? SER A 165 . ? 1_555 ? 
11 AC1 15 ALA A 167 ? ALA A 166 . ? 1_555 ? 
12 AC1 15 LYS A 168 ? LYS A 167 . ? 1_555 ? 
13 AC1 15 HOH I .   ? HOH A 511 . ? 1_555 ? 
14 AC1 15 HOH I .   ? HOH A 520 . ? 1_555 ? 
15 AC1 15 HOH I .   ? HOH A 522 . ? 1_555 ? 
16 AC2 3  SER A 32  ? SER A 31  . ? 1_555 ? 
17 AC2 3  ALA A 80  ? ALA A 79  . ? 1_555 ? 
18 AC2 3  HOH I .   ? HOH A 510 . ? 1_555 ? 
19 AC3 5  PHE A 16  ? PHE A 15  . ? 2_656 ? 
20 AC3 5  GLN A 17  ? GLN A 16  . ? 2_656 ? 
21 AC3 5  ALA A 44  ? ALA A 43  . ? 1_555 ? 
22 AC3 5  ASP A 45  ? ASP A 44  . ? 1_555 ? 
23 AC3 5  THR A 49  ? THR A 48  . ? 1_555 ? 
24 AC4 2  ARG A 67  ? ARG A 66  . ? 1_555 ? 
25 AC4 2  ARG A 174 ? ARG A 173 . ? 1_555 ? 
26 AC5 2  ASN A 170 ? ASN A 169 . ? 1_555 ? 
27 AC5 2  ARG A 174 ? ARG A 173 . ? 1_555 ? 
# 
_atom_sites.entry_id                    3DZ8 
_atom_sites.fract_transf_matrix[1][1]   0.01064907 
_atom_sites.fract_transf_matrix[1][2]   0.01527725 
_atom_sites.fract_transf_matrix[1][3]   0.00251156 
_atom_sites.fract_transf_matrix[2][1]   -0.01313531 
_atom_sites.fract_transf_matrix[2][2]   0.00704992 
_atom_sites.fract_transf_matrix[2][3]   0.01281096 
_atom_sites.fract_transf_matrix[3][1]   0.00949638 
_atom_sites.fract_transf_matrix[3][2]   -0.00201179 
_atom_sites.fract_transf_matrix[3][3]   0.01084391 
_atom_sites.fract_transf_vector[1]      0.372478 
_atom_sites.fract_transf_vector[2]      0.159567 
_atom_sites.fract_transf_vector[3]      0.270340 
# 
loop_
_atom_type.symbol 
C 
N 
O 
P 
S 
X 
# 
loop_
_atom_site.group_PDB 
_atom_site.id 
_atom_site.type_symbol 
_atom_site.label_atom_id 
_atom_site.label_alt_id 
_atom_site.label_comp_id 
_atom_site.label_asym_id 
_atom_site.label_entity_id 
_atom_site.label_seq_id 
_atom_site.pdbx_PDB_ins_code 
_atom_site.Cartn_x 
_atom_site.Cartn_y 
_atom_site.Cartn_z 
_atom_site.occupancy 
_atom_site.B_iso_or_equiv 
_atom_site.pdbx_formal_charge 
_atom_site.auth_seq_id 
_atom_site.auth_comp_id 
_atom_site.auth_asym_id 
_atom_site.auth_atom_id 
_atom_site.pdbx_PDB_model_num 
ATOM   1    N N     . ARG A 1 11  ? 11.993  12.326  7.513   1.00 24.53 ? 10  ARG A N     1 
ATOM   2    C CA    . ARG A 1 11  ? 11.402  11.372  8.512   1.00 24.83 ? 10  ARG A CA    1 
ATOM   3    C C     . ARG A 1 11  ? 11.730  9.869   8.327   1.00 23.27 ? 10  ARG A C     1 
ATOM   4    O O     . ARG A 1 11  ? 11.509  9.070   9.263   1.00 23.60 ? 10  ARG A O     1 
ATOM   5    C CB    . ARG A 1 11  ? 9.902   11.527  8.523   1.00 24.77 ? 10  ARG A CB    1 
ATOM   6    C CG    . ARG A 1 11  ? 9.494   12.893  9.040   1.00 25.87 ? 10  ARG A CG    1 
ATOM   7    C CD    . ARG A 1 11  ? 8.010   12.988  9.214   1.00 24.18 ? 10  ARG A CD    1 
ATOM   8    N NE    . ARG A 1 11  ? 7.518   12.228  10.353  1.00 22.41 ? 10  ARG A NE    1 
ATOM   9    C CZ    . ARG A 1 11  ? 7.583   12.628  11.626  1.00 20.80 ? 10  ARG A CZ    1 
ATOM   10   N NH1   . ARG A 1 11  ? 8.177   13.767  11.966  1.00 19.56 ? 10  ARG A NH1   1 
ATOM   11   N NH2   . ARG A 1 11  ? 7.080   11.854  12.569  1.00 21.00 ? 10  ARG A NH2   1 
ATOM   12   N N     . GLU A 1 12  ? 12.152  9.477   7.120   1.00 18.90 ? 11  GLU A N     1 
ATOM   13   C CA    . GLU A 1 12  ? 12.663  8.141   6.856   1.00 17.05 ? 11  GLU A CA    1 
ATOM   14   C C     . GLU A 1 12  ? 14.032  8.309   6.186   1.00 18.14 ? 11  GLU A C     1 
ATOM   15   O O     . GLU A 1 12  ? 14.144  8.962   5.126   1.00 15.26 ? 11  GLU A O     1 
ATOM   16   C CB    . GLU A 1 12  ? 11.725  7.342   5.947   1.00 18.90 ? 11  GLU A CB    1 
ATOM   17   C CG    . GLU A 1 12  ? 10.352  6.992   6.516   1.00 20.38 ? 11  GLU A CG    1 
ATOM   18   C CD    . GLU A 1 12  ? 10.406  6.091   7.731   1.00 21.95 ? 11  GLU A CD    1 
ATOM   19   O OE1   . GLU A 1 12  ? 11.399  5.354   7.927   1.00 24.12 ? 11  GLU A OE1   1 
ATOM   20   O OE2   . GLU A 1 12  ? 9.435   6.110   8.488   1.00 20.76 ? 11  GLU A OE2   1 
ATOM   21   N N     . ASN A 1 13  ? 15.066  7.762   6.827   1.00 15.01 ? 12  ASN A N     1 
ATOM   22   C CA    . ASN A 1 13  ? 16.424  7.859   6.351   1.00 13.78 ? 12  ASN A CA    1 
ATOM   23   C C     . ASN A 1 13  ? 17.114  6.493   6.326   1.00 11.65 ? 12  ASN A C     1 
ATOM   24   O O     . ASN A 1 13  ? 16.729  5.545   7.025   1.00 10.54 ? 12  ASN A O     1 
ATOM   25   C CB    . ASN A 1 13  ? 17.254  8.841   7.176   1.00 17.34 ? 12  ASN A CB    1 
ATOM   26   C CG    . ASN A 1 13  ? 16.818  10.328  6.974   1.00 20.46 ? 12  ASN A CG    1 
ATOM   27   O OD1   . ASN A 1 13  ? 17.409  11.036  6.190   1.00 23.91 ? 12  ASN A OD1   1 
ATOM   28   N ND2   . ASN A 1 13  ? 15.785  10.766  7.682   1.00 21.72 ? 12  ASN A ND2   1 
ATOM   29   N N     . LEU A 1 14  ? 18.102  6.420   5.447   1.00 9.65  ? 13  LEU A N     1 
ATOM   30   C CA    . LEU A 1 14  ? 19.005  5.311   5.302   1.00 13.09 ? 13  LEU A CA    1 
ATOM   31   C C     . LEU A 1 14  ? 20.364  5.843   5.753   1.00 12.38 ? 13  LEU A C     1 
ATOM   32   O O     . LEU A 1 14  ? 20.771  6.961   5.362   1.00 13.54 ? 13  LEU A O     1 
ATOM   33   C CB    . LEU A 1 14  ? 19.131  4.957   3.804   1.00 15.74 ? 13  LEU A CB    1 
ATOM   34   C CG    . LEU A 1 14  ? 20.162  3.921   3.383   1.00 17.04 ? 13  LEU A CG    1 
ATOM   35   C CD1   . LEU A 1 14  ? 19.737  2.519   3.842   1.00 17.49 ? 13  LEU A CD1   1 
ATOM   36   C CD2   . LEU A 1 14  ? 20.330  3.972   1.886   1.00 16.69 ? 13  LEU A CD2   1 
ATOM   37   N N     . TYR A 1 15  ? 21.069  5.036   6.535   1.00 11.32 ? 14  TYR A N     1 
ATOM   38   C CA    . TYR A 1 15  ? 22.452  5.260   6.863   1.00 11.61 ? 14  TYR A CA    1 
ATOM   39   C C     . TYR A 1 15  ? 23.277  4.118   6.276   1.00 13.05 ? 14  TYR A C     1 
ATOM   40   O O     . TYR A 1 15  ? 22.928  2.938   6.439   1.00 12.35 ? 14  TYR A O     1 
ATOM   41   C CB    . TYR A 1 15  ? 22.633  5.274   8.361   1.00 13.66 ? 14  TYR A CB    1 
ATOM   42   C CG    . TYR A 1 15  ? 24.060  5.334   8.838   1.00 12.16 ? 14  TYR A CG    1 
ATOM   43   C CD1   . TYR A 1 15  ? 24.701  6.546   8.982   1.00 12.26 ? 14  TYR A CD1   1 
ATOM   44   C CD2   . TYR A 1 15  ? 24.745  4.169   9.216   1.00 12.58 ? 14  TYR A CD2   1 
ATOM   45   C CE1   . TYR A 1 15  ? 25.982  6.621   9.448   1.00 12.67 ? 14  TYR A CE1   1 
ATOM   46   C CE2   . TYR A 1 15  ? 26.062  4.244   9.694   1.00 10.96 ? 14  TYR A CE2   1 
ATOM   47   C CZ    . TYR A 1 15  ? 26.661  5.468   9.792   1.00 10.65 ? 14  TYR A CZ    1 
ATOM   48   O OH    . TYR A 1 15  ? 27.931  5.600   10.234  1.00 11.41 ? 14  TYR A OH    1 
ATOM   49   N N     . PHE A 1 16  ? 24.365  4.481   5.616   1.00 13.38 ? 15  PHE A N     1 
ATOM   50   C CA    . PHE A 1 16  ? 25.314  3.506   5.081   1.00 15.96 ? 15  PHE A CA    1 
ATOM   51   C C     . PHE A 1 16  ? 26.730  4.056   5.020   1.00 16.29 ? 15  PHE A C     1 
ATOM   52   O O     . PHE A 1 16  ? 26.985  5.115   4.432   1.00 14.94 ? 15  PHE A O     1 
ATOM   53   C CB    . PHE A 1 16  ? 24.903  3.023   3.701   1.00 16.08 ? 15  PHE A CB    1 
ATOM   54   C CG    . PHE A 1 16  ? 25.674  1.804   3.239   1.00 16.23 ? 15  PHE A CG    1 
ATOM   55   C CD1   . PHE A 1 16  ? 25.498  0.575   3.873   1.00 16.60 ? 15  PHE A CD1   1 
ATOM   56   C CD2   . PHE A 1 16  ? 26.563  1.881   2.165   1.00 18.81 ? 15  PHE A CD2   1 
ATOM   57   C CE1   . PHE A 1 16  ? 26.186  -0.568  3.459   1.00 16.52 ? 15  PHE A CE1   1 
ATOM   58   C CE2   . PHE A 1 16  ? 27.265  0.749   1.747   1.00 17.90 ? 15  PHE A CE2   1 
ATOM   59   C CZ    . PHE A 1 16  ? 27.057  -0.487  2.398   1.00 17.76 ? 15  PHE A CZ    1 
ATOM   60   N N     . GLN A 1 17  ? 27.648  3.343   5.671   1.00 16.75 ? 16  GLN A N     1 
ATOM   61   C CA    . GLN A 1 17  ? 29.067  3.690   5.664   1.00 16.35 ? 16  GLN A CA    1 
ATOM   62   C C     . GLN A 1 17  ? 29.358  5.166   5.951   1.00 15.44 ? 16  GLN A C     1 
ATOM   63   O O     . GLN A 1 17  ? 30.119  5.844   5.239   1.00 15.03 ? 16  GLN A O     1 
ATOM   64   C CB    . GLN A 1 17  ? 29.699  3.248   4.340   1.00 17.96 ? 16  GLN A CB    1 
ATOM   65   C CG    . GLN A 1 17  ? 29.538  1.731   4.117   1.00 19.24 ? 16  GLN A CG    1 
ATOM   66   C CD    . GLN A 1 17  ? 30.344  0.928   5.139   1.00 19.15 ? 16  GLN A CD    1 
ATOM   67   O OE1   . GLN A 1 17  ? 29.793  0.207   5.970   1.00 17.72 ? 16  GLN A OE1   1 
ATOM   68   N NE2   . GLN A 1 17  ? 31.646  1.098   5.103   1.00 14.80 ? 16  GLN A NE2   1 
ATOM   69   N N     . GLY A 1 18  ? 28.776  5.662   7.021   1.00 15.93 ? 17  GLY A N     1 
ATOM   70   C CA    . GLY A 1 18  ? 29.056  7.023   7.449   1.00 15.05 ? 17  GLY A CA    1 
ATOM   71   C C     . GLY A 1 18  ? 28.148  8.083   6.848   1.00 16.55 ? 17  GLY A C     1 
ATOM   72   O O     . GLY A 1 18  ? 28.232  9.234   7.260   1.00 19.06 ? 17  GLY A O     1 
ATOM   73   N N     . ASN A 1 19  ? 27.247  7.712   5.922   1.00 13.26 ? 18  ASN A N     1 
ATOM   74   C CA    . ASN A 1 19  ? 26.489  8.717   5.174   1.00 13.61 ? 18  ASN A CA    1 
ATOM   75   C C     . ASN A 1 19  ? 24.980  8.496   5.239   1.00 12.13 ? 18  ASN A C     1 
ATOM   76   O O     . ASN A 1 19  ? 24.502  7.371   5.395   1.00 12.27 ? 18  ASN A O     1 
ATOM   77   C CB    . ASN A 1 19  ? 26.977  8.790   3.699   1.00 12.54 ? 18  ASN A CB    1 
ATOM   78   C CG    . ASN A 1 19  ? 28.409  9.309   3.559   1.00 14.59 ? 18  ASN A CG    1 
ATOM   79   O OD1   . ASN A 1 19  ? 28.682  10.507  3.736   1.00 12.49 ? 18  ASN A OD1   1 
ATOM   80   N ND2   . ASN A 1 19  ? 29.326  8.416   3.188   1.00 14.86 ? 18  ASN A ND2   1 
ATOM   81   N N     . PHE A 1 20  ? 24.223  9.580   5.126   1.00 11.36 ? 19  PHE A N     1 
ATOM   82   C CA    . PHE A 1 20  ? 22.778  9.510   5.221   1.00 12.35 ? 19  PHE A CA    1 
ATOM   83   C C     . PHE A 1 20  ? 22.121  9.934   3.910   1.00 11.05 ? 19  PHE A C     1 
ATOM   84   O O     . PHE A 1 20  ? 22.639  10.800  3.212   1.00 10.60 ? 19  PHE A O     1 
ATOM   85   C CB    . PHE A 1 20  ? 22.254  10.473  6.283   1.00 14.30 ? 19  PHE A CB    1 
ATOM   86   C CG    . PHE A 1 20  ? 22.539  10.056  7.700   1.00 16.42 ? 19  PHE A CG    1 
ATOM   87   C CD1   . PHE A 1 20  ? 21.645  9.249   8.393   1.00 18.34 ? 19  PHE A CD1   1 
ATOM   88   C CD2   . PHE A 1 20  ? 23.684  10.514  8.347   1.00 19.04 ? 19  PHE A CD2   1 
ATOM   89   C CE1   . PHE A 1 20  ? 21.900  8.883   9.699   1.00 19.02 ? 19  PHE A CE1   1 
ATOM   90   C CE2   . PHE A 1 20  ? 23.948  10.145  9.667   1.00 19.40 ? 19  PHE A CE2   1 
ATOM   91   C CZ    . PHE A 1 20  ? 23.064  9.351   10.334  1.00 18.03 ? 19  PHE A CZ    1 
ATOM   92   N N     . ASP A 1 21  ? 20.942  9.372   3.657   1.00 12.53 ? 20  ASP A N     1 
ATOM   93   C CA    . ASP A 1 21  ? 20.051  9.840   2.595   1.00 12.80 ? 20  ASP A CA    1 
ATOM   94   C C     . ASP A 1 21  ? 18.600  9.606   3.008   1.00 11.78 ? 20  ASP A C     1 
ATOM   95   O O     . ASP A 1 21  ? 18.329  8.835   3.919   1.00 12.24 ? 20  ASP A O     1 
ATOM   96   C CB    . ASP A 1 21  ? 20.345  9.091   1.288   1.00 11.95 ? 20  ASP A CB    1 
ATOM   97   C CG    . ASP A 1 21  ? 19.790  9.800   0.054   1.00 12.52 ? 20  ASP A CG    1 
ATOM   98   O OD1   . ASP A 1 21  ? 19.496  11.021  0.107   1.00 13.49 ? 20  ASP A OD1   1 
ATOM   99   O OD2   . ASP A 1 21  ? 19.683  9.134   -0.991  1.00 10.89 ? 20  ASP A OD2   1 
ATOM   100  N N     . TYR A 1 22  ? 17.674  10.264  2.311   1.00 11.21 ? 21  TYR A N     1 
ATOM   101  C CA    . TYR A 1 22  ? 16.246  10.076  2.519   1.00 10.43 ? 21  TYR A CA    1 
ATOM   102  C C     . TYR A 1 22  ? 15.726  8.769   1.895   1.00 14.23 ? 21  TYR A C     1 
ATOM   103  O O     . TYR A 1 22  ? 16.311  8.248   0.933   1.00 11.79 ? 21  TYR A O     1 
ATOM   104  C CB    . TYR A 1 22  ? 15.485  11.262  1.926   1.00 14.06 ? 21  TYR A CB    1 
ATOM   105  N N     . MET A 1 23  ? 14.636  8.246   2.476   1.00 13.70 ? 22  MET A N     1 
ATOM   106  C CA    . MET A 1 23  ? 13.861  7.116   1.945   1.00 17.04 ? 22  MET A CA    1 
ATOM   107  C C     . MET A 1 23  ? 12.422  7.598   1.674   1.00 16.61 ? 22  MET A C     1 
ATOM   108  O O     . MET A 1 23  ? 11.929  8.428   2.406   1.00 17.82 ? 22  MET A O     1 
ATOM   109  C CB    . MET A 1 23  ? 13.766  5.994   2.974   1.00 19.36 ? 22  MET A CB    1 
ATOM   110  C CG    . MET A 1 23  ? 15.068  5.323   3.421   1.00 21.85 ? 22  MET A CG    1 
ATOM   111  S SD    . MET A 1 23  ? 15.704  4.163   2.222   1.00 26.67 ? 22  MET A SD    1 
ATOM   112  C CE    . MET A 1 23  ? 14.781  2.644   2.546   1.00 21.02 ? 22  MET A CE    1 
ATOM   113  N N     . PHE A 1 24  ? 11.773  7.081   0.629   1.00 16.07 ? 23  PHE A N     1 
ATOM   114  C CA    . PHE A 1 24  ? 10.338  7.297   0.384   1.00 18.14 ? 23  PHE A CA    1 
ATOM   115  C C     . PHE A 1 24  ? 9.542   6.318   1.256   1.00 16.05 ? 23  PHE A C     1 
ATOM   116  O O     . PHE A 1 24  ? 9.742   5.120   1.138   1.00 14.73 ? 23  PHE A O     1 
ATOM   117  C CB    . PHE A 1 24  ? 9.959   7.002   -1.082  1.00 20.49 ? 23  PHE A CB    1 
ATOM   118  C CG    . PHE A 1 24  ? 10.607  7.913   -2.118  1.00 26.14 ? 23  PHE A CG    1 
ATOM   119  C CD1   . PHE A 1 24  ? 10.110  9.196   -2.354  1.00 27.91 ? 23  PHE A CD1   1 
ATOM   120  C CD2   . PHE A 1 24  ? 11.682  7.448   -2.911  1.00 27.94 ? 23  PHE A CD2   1 
ATOM   121  C CE1   . PHE A 1 24  ? 10.694  10.030  -3.328  1.00 29.56 ? 23  PHE A CE1   1 
ATOM   122  C CE2   . PHE A 1 24  ? 12.266  8.256   -3.883  1.00 29.21 ? 23  PHE A CE2   1 
ATOM   123  C CZ    . PHE A 1 24  ? 11.776  9.558   -4.097  1.00 29.83 ? 23  PHE A CZ    1 
ATOM   124  N N     . LYS A 1 25  ? 8.645   6.815   2.113   1.00 15.10 ? 24  LYS A N     1 
ATOM   125  C CA    . LYS A 1 25  ? 7.767   5.937   2.932   1.00 15.73 ? 24  LYS A CA    1 
ATOM   126  C C     . LYS A 1 25  ? 6.552   5.613   2.080   1.00 13.60 ? 24  LYS A C     1 
ATOM   127  O O     . LYS A 1 25  ? 5.772   6.508   1.788   1.00 14.91 ? 24  LYS A O     1 
ATOM   128  C CB    . LYS A 1 25  ? 7.355   6.688   4.212   1.00 17.84 ? 24  LYS A CB    1 
ATOM   129  C CG    . LYS A 1 25  ? 6.501   5.922   5.241   1.00 21.39 ? 24  LYS A CG    1 
ATOM   130  C CD    . LYS A 1 25  ? 6.209   6.843   6.428   1.00 20.66 ? 24  LYS A CD    1 
ATOM   131  C CE    . LYS A 1 25  ? 5.663   6.109   7.582   1.00 19.24 ? 24  LYS A CE    1 
ATOM   132  N NZ    . LYS A 1 25  ? 5.347   7.058   8.685   1.00 17.08 ? 24  LYS A NZ    1 
ATOM   133  N N     . LEU A 1 26  ? 6.413   4.360   1.651   1.00 13.83 ? 25  LEU A N     1 
ATOM   134  C CA    . LEU A 1 26  ? 5.240   3.955   0.887   1.00 13.94 ? 25  LEU A CA    1 
ATOM   135  C C     . LEU A 1 26  ? 4.427   2.946   1.661   1.00 13.09 ? 25  LEU A C     1 
ATOM   136  O O     . LEU A 1 26  ? 4.967   1.942   2.191   1.00 16.82 ? 25  LEU A O     1 
ATOM   137  C CB    . LEU A 1 26  ? 5.591   3.422   -0.495  1.00 13.78 ? 25  LEU A CB    1 
ATOM   138  C CG    . LEU A 1 26  ? 6.536   4.246   -1.398  1.00 13.47 ? 25  LEU A CG    1 
ATOM   139  C CD1   . LEU A 1 26  ? 6.635   3.539   -2.722  1.00 13.46 ? 25  LEU A CD1   1 
ATOM   140  C CD2   . LEU A 1 26  ? 6.110   5.683   -1.571  1.00 14.17 ? 25  LEU A CD2   1 
ATOM   141  N N     . LEU A 1 27  ? 3.120   3.179   1.724   1.00 12.08 ? 26  LEU A N     1 
ATOM   142  C CA    . LEU A 1 27  ? 2.249   2.368   2.581   1.00 12.26 ? 26  LEU A CA    1 
ATOM   143  C C     . LEU A 1 27  ? 1.216   1.618   1.759   1.00 14.31 ? 26  LEU A C     1 
ATOM   144  O O     . LEU A 1 27  ? 0.705   2.146   0.767   1.00 15.85 ? 26  LEU A O     1 
ATOM   145  C CB    . LEU A 1 27  ? 1.541   3.227   3.619   1.00 14.11 ? 26  LEU A CB    1 
ATOM   146  C CG    . LEU A 1 27  ? 2.342   4.111   4.600   1.00 16.03 ? 26  LEU A CG    1 
ATOM   147  C CD1   . LEU A 1 27  ? 1.426   4.648   5.721   1.00 18.38 ? 26  LEU A CD1   1 
ATOM   148  C CD2   . LEU A 1 27  ? 3.460   3.358   5.183   1.00 19.71 ? 26  LEU A CD2   1 
ATOM   149  N N     . ILE A 1 28  ? 0.910   0.396   2.179   1.00 11.74 ? 27  ILE A N     1 
ATOM   150  C CA    . ILE A 1 28  ? -0.114  -0.409  1.532   1.00 14.48 ? 27  ILE A CA    1 
ATOM   151  C C     . ILE A 1 28  ? -1.245  -0.595  2.550   1.00 13.36 ? 27  ILE A C     1 
ATOM   152  O O     . ILE A 1 28  ? -1.012  -1.109  3.649   1.00 15.45 ? 27  ILE A O     1 
ATOM   153  C CB    . ILE A 1 28  ? 0.379   -1.791  1.134   1.00 14.58 ? 27  ILE A CB    1 
ATOM   154  C CG1   . ILE A 1 28  ? 1.646   -1.691  0.273   1.00 17.63 ? 27  ILE A CG1   1 
ATOM   155  C CG2   . ILE A 1 28  ? -0.782  -2.544  0.400   1.00 14.76 ? 27  ILE A CG2   1 
ATOM   156  C CD1   . ILE A 1 28  ? 2.683   -2.800  0.562   1.00 20.87 ? 27  ILE A CD1   1 
ATOM   157  N N     . ILE A 1 29  ? -2.438  -0.145  2.202   1.00 12.50 ? 28  ILE A N     1 
ATOM   158  C CA    . ILE A 1 29  ? -3.542  -0.121  3.138   1.00 11.83 ? 28  ILE A CA    1 
ATOM   159  C C     . ILE A 1 29  ? -4.789  -0.666  2.411   1.00 14.84 ? 28  ILE A C     1 
ATOM   160  O O     . ILE A 1 29  ? -4.799  -0.793  1.175   1.00 11.75 ? 28  ILE A O     1 
ATOM   161  C CB    . ILE A 1 29  ? -3.796  1.311   3.726   1.00 13.78 ? 28  ILE A CB    1 
ATOM   162  C CG1   . ILE A 1 29  ? -4.386  2.249   2.681   1.00 13.20 ? 28  ILE A CG1   1 
ATOM   163  C CG2   . ILE A 1 29  ? -2.498  1.895   4.346   1.00 10.67 ? 28  ILE A CG2   1 
ATOM   164  C CD1   . ILE A 1 29  ? -4.768  3.620   3.209   1.00 14.12 ? 28  ILE A CD1   1 
ATOM   165  N N     . GLY A 1 30  ? -5.825  -0.972  3.199   1.00 14.59 ? 29  GLY A N     1 
ATOM   166  C CA    . GLY A 1 30  ? -7.035  -1.617  2.718   1.00 14.94 ? 29  GLY A CA    1 
ATOM   167  C C     . GLY A 1 30  ? -7.575  -2.627  3.721   1.00 13.38 ? 29  GLY A C     1 
ATOM   168  O O     . GLY A 1 30  ? -6.908  -2.994  4.709   1.00 12.32 ? 29  GLY A O     1 
ATOM   169  N N     . ASN A 1 31  ? -8.768  -3.127  3.450   1.00 13.79 ? 30  ASN A N     1 
ATOM   170  C CA    . ASN A 1 31  ? -9.402  -4.095  4.355   1.00 13.57 ? 30  ASN A CA    1 
ATOM   171  C C     . ASN A 1 31  ? -8.556  -5.329  4.595   1.00 16.14 ? 30  ASN A C     1 
ATOM   172  O O     . ASN A 1 31  ? -7.763  -5.727  3.745   1.00 14.27 ? 30  ASN A O     1 
ATOM   173  C CB    . ASN A 1 31  ? -10.788 -4.515  3.840   1.00 12.49 ? 30  ASN A CB    1 
ATOM   174  C CG    . ASN A 1 31  ? -11.839 -3.500  4.155   1.00 13.20 ? 30  ASN A CG    1 
ATOM   175  O OD1   . ASN A 1 31  ? -11.520 -2.355  4.464   1.00 13.16 ? 30  ASN A OD1   1 
ATOM   176  N ND2   . ASN A 1 31  ? -13.107 -3.899  4.078   1.00 11.62 ? 30  ASN A ND2   1 
ATOM   177  N N     . SER A 1 32  ? -8.735  -5.914  5.777   1.00 17.99 ? 31  SER A N     1 
ATOM   178  C CA    . SER A 1 32  ? -8.149  -7.193  6.109   1.00 17.92 ? 31  SER A CA    1 
ATOM   179  C C     . SER A 1 32  ? -8.510  -8.160  5.012   1.00 16.16 ? 31  SER A C     1 
ATOM   180  O O     . SER A 1 32  ? -9.663  -8.191  4.538   1.00 14.78 ? 31  SER A O     1 
ATOM   181  C CB    . SER A 1 32  ? -8.704  -7.737  7.432   1.00 20.28 ? 31  SER A CB    1 
ATOM   182  O OG    . SER A 1 32  ? -8.480  -6.832  8.512   1.00 21.35 ? 31  SER A OG    1 
ATOM   183  N N     . SER A 1 33  ? -7.506  -8.889  4.574   1.00 15.06 ? 32  SER A N     1 
ATOM   184  C CA    . SER A 1 33  ? -7.668  -10.043 3.735   1.00 16.84 ? 32  SER A CA    1 
ATOM   185  C C     . SER A 1 33  ? -7.832  -9.714  2.225   1.00 16.35 ? 32  SER A C     1 
ATOM   186  O O     . SER A 1 33  ? -8.075  -10.618 1.421   1.00 15.04 ? 32  SER A O     1 
ATOM   187  C CB    . SER A 1 33  ? -8.792  -10.937 4.283   1.00 18.66 ? 32  SER A CB    1 
ATOM   188  O OG    . SER A 1 33  ? -8.685  -12.227 3.757   1.00 23.20 ? 32  SER A OG    1 
ATOM   189  N N     . VAL A 1 34  ? -7.636  -8.443  1.843   1.00 15.57 ? 33  VAL A N     1 
ATOM   190  C CA    . VAL A 1 34  ? -7.606  -8.075  0.409   1.00 14.34 ? 33  VAL A CA    1 
ATOM   191  C C     . VAL A 1 34  ? -6.310  -8.513  -0.356  1.00 14.16 ? 33  VAL A C     1 
ATOM   192  O O     . VAL A 1 34  ? -6.278  -8.505  -1.588  1.00 13.74 ? 33  VAL A O     1 
ATOM   193  C CB    . VAL A 1 34  ? -7.882  -6.588  0.209   1.00 14.61 ? 33  VAL A CB    1 
ATOM   194  C CG1   . VAL A 1 34  ? -9.231  -6.215  0.923   1.00 15.85 ? 33  VAL A CG1   1 
ATOM   195  C CG2   . VAL A 1 34  ? -6.703  -5.730  0.707   1.00 15.99 ? 33  VAL A CG2   1 
ATOM   196  N N     . GLY A 1 35  ? -5.247  -8.866  0.366   1.00 14.73 ? 34  GLY A N     1 
ATOM   197  C CA    . GLY A 1 35  ? -3.991  -9.325  -0.249  1.00 14.21 ? 34  GLY A CA    1 
ATOM   198  C C     . GLY A 1 35  ? -2.787  -8.399  -0.123  1.00 14.26 ? 34  GLY A C     1 
ATOM   199  O O     . GLY A 1 35  ? -1.832  -8.517  -0.907  1.00 15.06 ? 34  GLY A O     1 
ATOM   200  N N     . LYS A 1 36  ? -2.833  -7.495  0.855   1.00 13.54 ? 35  LYS A N     1 
ATOM   201  C CA    . LYS A 1 36  ? -1.752  -6.535  1.091   1.00 13.92 ? 35  LYS A CA    1 
ATOM   202  C C     . LYS A 1 36  ? -0.415  -7.228  1.354   1.00 12.92 ? 35  LYS A C     1 
ATOM   203  O O     . LYS A 1 36  ? 0.586   -6.916  0.718   1.00 14.75 ? 35  LYS A O     1 
ATOM   204  C CB    . LYS A 1 36  ? -2.087  -5.614  2.274   1.00 11.96 ? 35  LYS A CB    1 
ATOM   205  C CG    . LYS A 1 36  ? -3.342  -4.740  2.037   1.00 13.96 ? 35  LYS A CG    1 
ATOM   206  C CD    . LYS A 1 36  ? -3.598  -3.771  3.188   1.00 13.62 ? 35  LYS A CD    1 
ATOM   207  C CE    . LYS A 1 36  ? -3.830  -4.496  4.567   1.00 15.47 ? 35  LYS A CE    1 
ATOM   208  N NZ    . LYS A 1 36  ? -5.014  -5.487  4.634   1.00 13.74 ? 35  LYS A NZ    1 
ATOM   209  N N     . THR A 1 37  ? -0.411  -8.166  2.286   1.00 13.74 ? 36  THR A N     1 
ATOM   210  C CA    . THR A 1 37  ? 0.802   -8.890  2.637   1.00 13.49 ? 36  THR A CA    1 
ATOM   211  C C     . THR A 1 37  ? 1.309   -9.673  1.437   1.00 15.73 ? 36  THR A C     1 
ATOM   212  O O     . THR A 1 37  ? 2.510   -9.645  1.102   1.00 14.80 ? 36  THR A O     1 
ATOM   213  C CB    . THR A 1 37  ? 0.526   -9.856  3.794   1.00 12.71 ? 36  THR A CB    1 
ATOM   214  O OG1   . THR A 1 37  ? -0.057  -9.140  4.902   1.00 15.01 ? 36  THR A OG1   1 
ATOM   215  C CG2   . THR A 1 37  ? 1.806   -10.560 4.214   1.00 15.18 ? 36  THR A CG2   1 
ATOM   216  N N     . SER A 1 38  ? 0.378   -10.334 0.764   1.00 14.35 ? 37  SER A N     1 
ATOM   217  C CA    . SER A 1 38  ? 0.710   -11.144 -0.405  1.00 15.64 ? 37  SER A CA    1 
ATOM   218  C C     . SER A 1 38  ? 1.350   -10.298 -1.502  1.00 14.78 ? 37  SER A C     1 
ATOM   219  O O     . SER A 1 38  ? 2.323   -10.708 -2.142  1.00 12.69 ? 37  SER A O     1 
ATOM   220  C CB    . SER A 1 38  ? -0.533  -11.866 -0.930  1.00 16.68 ? 37  SER A CB    1 
ATOM   221  O OG    . SER A 1 38  ? -0.973  -12.829 -0.004  1.00 15.90 ? 37  SER A OG    1 
ATOM   222  N N     . PHE A 1 39  ? 0.805   -9.111  -1.681  1.00 14.55 ? 38  PHE A N     1 
ATOM   223  C CA    . PHE A 1 39  ? 1.237   -8.153  -2.684  1.00 14.56 ? 38  PHE A CA    1 
ATOM   224  C C     . PHE A 1 39  ? 2.641   -7.631  -2.345  1.00 14.41 ? 38  PHE A C     1 
ATOM   225  O O     . PHE A 1 39  ? 3.530   -7.638  -3.190  1.00 14.59 ? 38  PHE A O     1 
ATOM   226  C CB    . PHE A 1 39  ? 0.218   -7.017  -2.693  1.00 16.75 ? 38  PHE A CB    1 
ATOM   227  C CG    . PHE A 1 39  ? 0.266   -6.146  -3.896  1.00 18.92 ? 38  PHE A CG    1 
ATOM   228  C CD1   . PHE A 1 39  ? -0.523  -6.431  -5.000  1.00 20.69 ? 38  PHE A CD1   1 
ATOM   229  C CD2   . PHE A 1 39  ? 1.069   -5.027  -3.928  1.00 21.34 ? 38  PHE A CD2   1 
ATOM   230  C CE1   . PHE A 1 39  ? -0.491  -5.629  -6.122  1.00 21.11 ? 38  PHE A CE1   1 
ATOM   231  C CE2   . PHE A 1 39  ? 1.081   -4.210  -5.063  1.00 20.81 ? 38  PHE A CE2   1 
ATOM   232  C CZ    . PHE A 1 39  ? 0.288   -4.522  -6.144  1.00 20.41 ? 38  PHE A CZ    1 
ATOM   233  N N     . LEU A 1 40  ? 2.839   -7.203  -1.098  1.00 15.74 ? 39  LEU A N     1 
ATOM   234  C CA    . LEU A 1 40  ? 4.180   -6.793  -0.622  1.00 15.32 ? 39  LEU A CA    1 
ATOM   235  C C     . LEU A 1 40  ? 5.221   -7.918  -0.764  1.00 16.19 ? 39  LEU A C     1 
ATOM   236  O O     . LEU A 1 40  ? 6.338   -7.679  -1.235  1.00 13.92 ? 39  LEU A O     1 
ATOM   237  C CB    . LEU A 1 40  ? 4.136   -6.358  0.829   1.00 15.00 ? 39  LEU A CB    1 
ATOM   238  C CG    . LEU A 1 40  ? 5.489   -5.861  1.409   1.00 16.99 ? 39  LEU A CG    1 
ATOM   239  C CD1   . LEU A 1 40  ? 5.940   -4.547  0.715   1.00 15.40 ? 39  LEU A CD1   1 
ATOM   240  C CD2   . LEU A 1 40  ? 5.418   -5.680  2.898   1.00 17.67 ? 39  LEU A CD2   1 
ATOM   241  N N     . PHE A 1 41  ? 4.844   -9.128  -0.355  1.00 14.42 ? 40  PHE A N     1 
ATOM   242  C CA    . PHE A 1 41  ? 5.740   -10.289 -0.405  1.00 14.27 ? 40  PHE A CA    1 
ATOM   243  C C     . PHE A 1 41  ? 6.064   -10.766 -1.808  1.00 17.82 ? 40  PHE A C     1 
ATOM   244  O O     . PHE A 1 41  ? 7.189   -11.228 -2.059  1.00 16.54 ? 40  PHE A O     1 
ATOM   245  C CB    . PHE A 1 41  ? 5.155   -11.449 0.377   1.00 15.18 ? 40  PHE A CB    1 
ATOM   246  C CG    . PHE A 1 41  ? 5.250   -11.294 1.861   1.00 17.98 ? 40  PHE A CG    1 
ATOM   247  C CD1   . PHE A 1 41  ? 5.689   -10.098 2.445   1.00 18.37 ? 40  PHE A CD1   1 
ATOM   248  C CD2   . PHE A 1 41  ? 4.890   -12.339 2.687   1.00 20.23 ? 40  PHE A CD2   1 
ATOM   249  C CE1   . PHE A 1 41  ? 5.769   -9.966  3.820   1.00 18.35 ? 40  PHE A CE1   1 
ATOM   250  C CE2   . PHE A 1 41  ? 4.971   -12.198 4.085   1.00 20.74 ? 40  PHE A CE2   1 
ATOM   251  C CZ    . PHE A 1 41  ? 5.415   -11.025 4.632   1.00 17.55 ? 40  PHE A CZ    1 
ATOM   252  N N     . ARG A 1 42  ? 5.094   -10.660 -2.712  1.00 16.12 ? 41  ARG A N     1 
ATOM   253  C CA    . ARG A 1 42  ? 5.327   -10.961 -4.096  1.00 17.11 ? 41  ARG A CA    1 
ATOM   254  C C     . ARG A 1 42  ? 6.339   -9.968  -4.704  1.00 15.84 ? 41  ARG A C     1 
ATOM   255  O O     . ARG A 1 42  ? 7.220   -10.361 -5.485  1.00 15.71 ? 41  ARG A O     1 
ATOM   256  C CB    . ARG A 1 42  ? 4.010   -10.932 -4.877  1.00 18.09 ? 41  ARG A CB    1 
ATOM   257  C CG    . ARG A 1 42  ? 4.186   -11.271 -6.317  1.00 21.79 ? 41  ARG A CG    1 
ATOM   258  C CD    . ARG A 1 42  ? 4.836   -12.640 -6.404  1.00 24.66 ? 41  ARG A CD    1 
ATOM   259  N NE    . ARG A 1 42  ? 4.321   -13.414 -7.482  1.00 30.15 ? 41  ARG A NE    1 
ATOM   260  C CZ    . ARG A 1 42  ? 4.223   -14.740 -7.489  1.00 31.65 ? 41  ARG A CZ    1 
ATOM   261  N NH1   . ARG A 1 42  ? 4.559   -15.468 -6.426  1.00 32.70 ? 41  ARG A NH1   1 
ATOM   262  N NH2   . ARG A 1 42  ? 3.724   -15.330 -8.556  1.00 31.30 ? 41  ARG A NH2   1 
ATOM   263  N N     . TYR A 1 43  ? 6.207   -8.697  -4.349  1.00 15.90 ? 42  TYR A N     1 
ATOM   264  C CA    . TYR A 1 43  ? 7.168   -7.677  -4.773  1.00 16.13 ? 42  TYR A CA    1 
ATOM   265  C C     . TYR A 1 43  ? 8.579   -7.955  -4.222  1.00 15.21 ? 42  TYR A C     1 
ATOM   266  O O     . TYR A 1 43  ? 9.577   -7.857  -4.960  1.00 15.96 ? 42  TYR A O     1 
ATOM   267  C CB    . TYR A 1 43  ? 6.703   -6.280  -4.398  1.00 16.27 ? 42  TYR A CB    1 
ATOM   268  C CG    . TYR A 1 43  ? 7.737   -5.225  -4.674  1.00 16.98 ? 42  TYR A CG    1 
ATOM   269  C CD1   . TYR A 1 43  ? 7.908   -4.698  -5.941  1.00 18.69 ? 42  TYR A CD1   1 
ATOM   270  C CD2   . TYR A 1 43  ? 8.576   -4.765  -3.653  1.00 19.28 ? 42  TYR A CD2   1 
ATOM   271  C CE1   . TYR A 1 43  ? 8.910   -3.725  -6.197  1.00 18.31 ? 42  TYR A CE1   1 
ATOM   272  C CE2   . TYR A 1 43  ? 9.580   -3.808  -3.896  1.00 17.80 ? 42  TYR A CE2   1 
ATOM   273  C CZ    . TYR A 1 43  ? 9.725   -3.282  -5.158  1.00 19.70 ? 42  TYR A CZ    1 
ATOM   274  O OH    . TYR A 1 43  ? 10.715  -2.324  -5.376  1.00 19.75 ? 42  TYR A OH    1 
ATOM   275  N N     . ALA A 1 44  ? 8.656   -8.312  -2.943  1.00 14.93 ? 43  ALA A N     1 
ATOM   276  C CA    . ALA A 1 44  ? 9.915   -8.692  -2.319  1.00 14.60 ? 43  ALA A CA    1 
ATOM   277  C C     . ALA A 1 44  ? 10.545  -9.881  -3.077  1.00 13.56 ? 43  ALA A C     1 
ATOM   278  O O     . ALA A 1 44  ? 11.689  -9.831  -3.493  1.00 13.60 ? 43  ALA A O     1 
ATOM   279  C CB    . ALA A 1 44  ? 9.679   -9.057  -0.912  1.00 13.55 ? 43  ALA A CB    1 
ATOM   280  N N     . ASP A 1 45  ? 9.763   -10.931 -3.276  1.00 13.98 ? 44  ASP A N     1 
ATOM   281  C CA    . ASP A 1 45  ? 10.213  -12.117 -4.009  1.00 14.77 ? 44  ASP A CA    1 
ATOM   282  C C     . ASP A 1 45  ? 10.673  -11.809 -5.436  1.00 16.69 ? 44  ASP A C     1 
ATOM   283  O O     . ASP A 1 45  ? 11.751  -12.260 -5.858  1.00 14.83 ? 44  ASP A O     1 
ATOM   284  C CB    . ASP A 1 45  ? 9.100   -13.164 -4.042  1.00 16.95 ? 44  ASP A CB    1 
ATOM   285  C CG    . ASP A 1 45  ? 8.851   -13.807 -2.672  1.00 19.25 ? 44  ASP A CG    1 
ATOM   286  O OD1   . ASP A 1 45  ? 9.738   -13.726 -1.804  1.00 18.79 ? 44  ASP A OD1   1 
ATOM   287  O OD2   . ASP A 1 45  ? 7.759   -14.385 -2.470  1.00 19.50 ? 44  ASP A OD2   1 
ATOM   288  N N     . ASP A 1 46  ? 9.858   -11.050 -6.174  1.00 16.51 ? 45  ASP A N     1 
ATOM   289  C CA    . ASP A 1 46  ? 10.217  -10.578 -7.529  1.00 16.64 ? 45  ASP A CA    1 
ATOM   290  C C     . ASP A 1 46  ? 11.579  -9.890  -7.574  1.00 15.24 ? 45  ASP A C     1 
ATOM   291  O O     . ASP A 1 46  ? 12.317  -10.036 -8.543  1.00 15.92 ? 45  ASP A O     1 
ATOM   292  C CB    . ASP A 1 46  ? 9.177   -9.571  -8.048  1.00 16.66 ? 45  ASP A CB    1 
ATOM   293  C CG    . ASP A 1 46  ? 7.873   -10.226 -8.495  1.00 17.44 ? 45  ASP A CG    1 
ATOM   294  O OD1   . ASP A 1 46  ? 7.751   -11.482 -8.447  1.00 17.80 ? 45  ASP A OD1   1 
ATOM   295  O OD2   . ASP A 1 46  ? 6.960   -9.456  -8.900  1.00 16.93 ? 45  ASP A OD2   1 
ATOM   296  N N     . THR A 1 47  ? 11.896  -9.124  -6.533  1.00 15.20 ? 46  THR A N     1 
ATOM   297  C CA    . THR A 1 47  ? 13.136  -8.317  -6.501  1.00 16.85 ? 46  THR A CA    1 
ATOM   298  C C     . THR A 1 47  ? 14.266  -8.934  -5.648  1.00 15.35 ? 46  THR A C     1 
ATOM   299  O O     . THR A 1 47  ? 15.271  -8.283  -5.357  1.00 17.12 ? 46  THR A O     1 
ATOM   300  C CB    . THR A 1 47  ? 12.818  -6.885  -6.023  1.00 17.17 ? 46  THR A CB    1 
ATOM   301  O OG1   . THR A 1 47  ? 12.294  -6.918  -4.684  1.00 16.13 ? 46  THR A OG1   1 
ATOM   302  C CG2   . THR A 1 47  ? 11.794  -6.244  -6.956  1.00 17.62 ? 46  THR A CG2   1 
ATOM   303  N N     . PHE A 1 48  ? 14.115  -10.195 -5.260  1.00 15.40 ? 47  PHE A N     1 
ATOM   304  C CA    . PHE A 1 48  ? 15.123  -10.873 -4.445  1.00 14.55 ? 47  PHE A CA    1 
ATOM   305  C C     . PHE A 1 48  ? 15.423  -10.094 -3.162  1.00 15.62 ? 47  PHE A C     1 
ATOM   306  O O     . PHE A 1 48  ? 16.584  -9.940  -2.771  1.00 14.38 ? 47  PHE A O     1 
ATOM   307  C CB    . PHE A 1 48  ? 16.407  -11.143 -5.284  1.00 16.22 ? 47  PHE A CB    1 
ATOM   308  N N     . THR A 1 49  ? 14.365  -9.601  -2.503  1.00 13.47 ? 48  THR A N     1 
ATOM   309  C CA    . THR A 1 49  ? 14.520  -8.776  -1.288  1.00 15.66 ? 48  THR A CA    1 
ATOM   310  C C     . THR A 1 49  ? 13.852  -9.448  -0.087  1.00 13.92 ? 48  THR A C     1 
ATOM   311  O O     . THR A 1 49  ? 12.774  -10.026 -0.220  1.00 13.66 ? 48  THR A O     1 
ATOM   312  C CB    . THR A 1 49  ? 13.918  -7.334  -1.482  1.00 16.11 ? 48  THR A CB    1 
ATOM   313  O OG1   . THR A 1 49  ? 14.316  -6.816  -2.760  1.00 17.76 ? 48  THR A OG1   1 
ATOM   314  C CG2   . THR A 1 49  ? 14.402  -6.401  -0.410  1.00 15.20 ? 48  THR A CG2   1 
ATOM   315  N N     . PRO A 1 50  ? 14.475  -9.369  1.101   1.00 15.02 ? 49  PRO A N     1 
ATOM   316  C CA    . PRO A 1 50  ? 13.764  -9.885  2.267   1.00 16.89 ? 49  PRO A CA    1 
ATOM   317  C C     . PRO A 1 50  ? 12.631  -8.957  2.729   1.00 15.73 ? 49  PRO A C     1 
ATOM   318  O O     . PRO A 1 50  ? 12.625  -7.747  2.430   1.00 14.90 ? 49  PRO A O     1 
ATOM   319  C CB    . PRO A 1 50  ? 14.879  -9.990  3.322   1.00 16.21 ? 49  PRO A CB    1 
ATOM   320  C CG    . PRO A 1 50  ? 15.790  -8.907  2.984   1.00 16.65 ? 49  PRO A CG    1 
ATOM   321  C CD    . PRO A 1 50  ? 15.815  -8.867  1.465   1.00 16.88 ? 49  PRO A CD    1 
ATOM   322  N N     . ALA A 1 51  ? 11.682  -9.507  3.476   1.00 16.35 ? 50  ALA A N     1 
ATOM   323  C CA    . ALA A 1 51  ? 10.761  -8.682  4.222   1.00 13.21 ? 50  ALA A CA    1 
ATOM   324  C C     . ALA A 1 51  ? 10.885  -9.013  5.708   1.00 16.43 ? 50  ALA A C     1 
ATOM   325  O O     . ALA A 1 51  ? 11.249  -10.141 6.094   1.00 17.02 ? 50  ALA A O     1 
ATOM   326  C CB    . ALA A 1 51  ? 9.324   -8.892  3.746   1.00 12.45 ? 50  ALA A CB    1 
ATOM   327  N N     . PHE A 1 52  ? 10.571  -8.026  6.533   1.00 13.39 ? 51  PHE A N     1 
ATOM   328  C CA    . PHE A 1 52  ? 10.666  -8.191  7.977   1.00 15.31 ? 51  PHE A CA    1 
ATOM   329  C C     . PHE A 1 52  ? 9.321   -8.002  8.577   1.00 16.73 ? 51  PHE A C     1 
ATOM   330  O O     . PHE A 1 52  ? 8.588   -7.092  8.181   1.00 18.15 ? 51  PHE A O     1 
ATOM   331  C CB    . PHE A 1 52  ? 11.656  -7.209  8.538   1.00 15.59 ? 51  PHE A CB    1 
ATOM   332  C CG    . PHE A 1 52  ? 12.986  -7.289  7.870   1.00 17.00 ? 51  PHE A CG    1 
ATOM   333  C CD1   . PHE A 1 52  ? 13.842  -8.334  8.165   1.00 19.09 ? 51  PHE A CD1   1 
ATOM   334  C CD2   . PHE A 1 52  ? 13.368  -6.359  6.910   1.00 18.45 ? 51  PHE A CD2   1 
ATOM   335  C CE1   . PHE A 1 52  ? 15.085  -8.441  7.538   1.00 18.37 ? 51  PHE A CE1   1 
ATOM   336  C CE2   . PHE A 1 52  ? 14.630  -6.463  6.274   1.00 20.42 ? 51  PHE A CE2   1 
ATOM   337  C CZ    . PHE A 1 52  ? 15.470  -7.510  6.588   1.00 17.36 ? 51  PHE A CZ    1 
ATOM   338  N N     . VAL A 1 53  ? 9.000   -8.833  9.560   1.00 17.71 ? 52  VAL A N     1 
ATOM   339  C CA    . VAL A 1 53  ? 7.682   -8.846  10.150  1.00 17.46 ? 52  VAL A CA    1 
ATOM   340  C C     . VAL A 1 53  ? 7.858   -8.716  11.666  1.00 18.02 ? 52  VAL A C     1 
ATOM   341  O O     . VAL A 1 53  ? 8.575   -9.522  12.314  1.00 16.08 ? 52  VAL A O     1 
ATOM   342  C CB    . VAL A 1 53  ? 6.923   -10.149 9.839   1.00 18.15 ? 52  VAL A CB    1 
ATOM   343  C CG1   . VAL A 1 53  ? 5.487   -10.104 10.476  1.00 19.99 ? 52  VAL A CG1   1 
ATOM   344  C CG2   . VAL A 1 53  ? 6.867   -10.400 8.354   1.00 19.20 ? 52  VAL A CG2   1 
ATOM   345  N N     . SER A 1 54  ? 7.228   -7.693  12.231  1.00 14.61 ? 53  SER A N     1 
ATOM   346  C CA    . SER A 1 54  ? 7.322   -7.429  13.670  1.00 17.18 ? 53  SER A CA    1 
ATOM   347  C C     . SER A 1 54  ? 5.912   -7.485  14.267  1.00 19.88 ? 53  SER A C     1 
ATOM   348  O O     . SER A 1 54  ? 4.938   -7.133  13.612  1.00 20.61 ? 53  SER A O     1 
ATOM   349  C CB    . SER A 1 54  ? 7.929   -6.028  13.874  1.00 17.98 ? 53  SER A CB    1 
ATOM   350  O OG    . SER A 1 54  ? 8.313   -5.812  15.197  1.00 20.62 ? 53  SER A OG    1 
ATOM   351  N N     . THR A 1 55  ? 5.819   -7.914  15.510  1.00 19.10 ? 54  THR A N     1 
ATOM   352  C CA    . THR A 1 55  ? 4.534   -8.127  16.167  1.00 19.84 ? 54  THR A CA    1 
ATOM   353  C C     . THR A 1 55  ? 4.274   -7.024  17.176  1.00 18.77 ? 54  THR A C     1 
ATOM   354  O O     . THR A 1 55  ? 5.164   -6.623  17.929  1.00 18.89 ? 54  THR A O     1 
ATOM   355  C CB    . THR A 1 55  ? 4.476   -9.467  16.816  1.00 20.54 ? 54  THR A CB    1 
ATOM   356  O OG1   . THR A 1 55  ? 4.667   -10.451 15.799  1.00 19.87 ? 54  THR A OG1   1 
ATOM   357  C CG2   . THR A 1 55  ? 3.093   -9.693  17.454  1.00 18.90 ? 54  THR A CG2   1 
ATOM   358  N N     . VAL A 1 56  ? 3.052   -6.504  17.141  1.00 18.05 ? 55  VAL A N     1 
ATOM   359  C CA    . VAL A 1 56  ? 2.586   -5.520  18.113  1.00 17.14 ? 55  VAL A CA    1 
ATOM   360  C C     . VAL A 1 56  ? 1.385   -6.124  18.819  1.00 15.56 ? 55  VAL A C     1 
ATOM   361  O O     . VAL A 1 56  ? 0.556   -6.722  18.174  1.00 13.65 ? 55  VAL A O     1 
ATOM   362  C CB    . VAL A 1 56  ? 2.160   -4.201  17.419  1.00 18.13 ? 55  VAL A CB    1 
ATOM   363  C CG1   . VAL A 1 56  ? 1.436   -3.278  18.409  1.00 15.93 ? 55  VAL A CG1   1 
ATOM   364  C CG2   . VAL A 1 56  ? 3.374   -3.475  16.792  1.00 18.34 ? 55  VAL A CG2   1 
ATOM   365  N N     . GLY A 1 57  ? 1.312   -5.992  20.140  1.00 16.31 ? 56  GLY A N     1 
ATOM   366  C CA    . GLY A 1 57  ? 0.232   -6.615  20.899  1.00 14.29 ? 56  GLY A CA    1 
ATOM   367  C C     . GLY A 1 57  ? 0.228   -8.132  20.709  1.00 14.47 ? 56  GLY A C     1 
ATOM   368  O O     . GLY A 1 57  ? 1.292   -8.750  20.492  1.00 15.24 ? 56  GLY A O     1 
ATOM   369  N N     . ILE A 1 58  ? -0.953  -8.733  20.765  1.00 13.40 ? 57  ILE A N     1 
ATOM   370  C CA    . ILE A 1 58  ? -1.073  -10.194 20.709  1.00 13.89 ? 57  ILE A CA    1 
ATOM   371  C C     . ILE A 1 58  ? -0.538  -10.715 19.375  1.00 14.95 ? 57  ILE A C     1 
ATOM   372  O O     . ILE A 1 58  ? 0.370   -11.508 19.358  1.00 16.88 ? 57  ILE A O     1 
ATOM   373  C CB    . ILE A 1 58  ? -2.533  -10.667 20.963  1.00 13.35 ? 57  ILE A CB    1 
ATOM   374  C CG1   . ILE A 1 58  ? -2.905  -10.400 22.426  1.00 12.11 ? 57  ILE A CG1   1 
ATOM   375  C CG2   . ILE A 1 58  ? -2.712  -12.173 20.636  1.00 13.06 ? 57  ILE A CG2   1 
ATOM   376  C CD1   . ILE A 1 58  ? -4.296  -10.837 22.822  1.00 11.11 ? 57  ILE A CD1   1 
ATOM   377  N N     . ASP A 1 59  ? -1.074  -10.229 18.268  1.00 14.52 ? 58  ASP A N     1 
ATOM   378  C CA    . ASP A 1 59  ? -0.741  -10.778 16.940  1.00 15.97 ? 58  ASP A CA    1 
ATOM   379  C C     . ASP A 1 59  ? -0.882  -9.772  15.792  1.00 15.97 ? 58  ASP A C     1 
ATOM   380  O O     . ASP A 1 59  ? -1.065  -10.172 14.633  1.00 17.80 ? 58  ASP A O     1 
ATOM   381  C CB    . ASP A 1 59  ? -1.619  -11.986 16.660  1.00 14.84 ? 58  ASP A CB    1 
ATOM   382  C CG    . ASP A 1 59  ? -3.097  -11.706 16.902  1.00 17.64 ? 58  ASP A CG    1 
ATOM   383  O OD1   . ASP A 1 59  ? -3.490  -10.521 17.004  1.00 17.26 ? 58  ASP A OD1   1 
ATOM   384  O OD2   . ASP A 1 59  ? -3.878  -12.668 17.015  1.00 18.03 ? 58  ASP A OD2   1 
ATOM   385  N N     . PHE A 1 60  ? -0.782  -8.480  16.088  1.00 15.53 ? 59  PHE A N     1 
ATOM   386  C CA    . PHE A 1 60  ? -0.884  -7.492  15.017  1.00 15.63 ? 59  PHE A CA    1 
ATOM   387  C C     . PHE A 1 60  ? 0.497   -7.268  14.441  1.00 16.43 ? 59  PHE A C     1 
ATOM   388  O O     . PHE A 1 60  ? 1.479   -7.174  15.171  1.00 18.58 ? 59  PHE A O     1 
ATOM   389  C CB    . PHE A 1 60  ? -1.503  -6.201  15.519  1.00 15.21 ? 59  PHE A CB    1 
ATOM   390  C CG    . PHE A 1 60  ? -2.776  -6.405  16.258  1.00 12.15 ? 59  PHE A CG    1 
ATOM   391  C CD1   . PHE A 1 60  ? -3.943  -6.716  15.584  1.00 15.20 ? 59  PHE A CD1   1 
ATOM   392  C CD2   . PHE A 1 60  ? -2.815  -6.297  17.647  1.00 14.83 ? 59  PHE A CD2   1 
ATOM   393  C CE1   . PHE A 1 60  ? -5.155  -6.916  16.286  1.00 14.23 ? 59  PHE A CE1   1 
ATOM   394  C CE2   . PHE A 1 60  ? -4.021  -6.486  18.345  1.00 11.83 ? 59  PHE A CE2   1 
ATOM   395  C CZ    . PHE A 1 60  ? -5.167  -6.782  17.678  1.00 11.60 ? 59  PHE A CZ    1 
ATOM   396  N N     . LYS A 1 61  ? 0.573   -7.173  13.130  1.00 15.55 ? 60  LYS A N     1 
ATOM   397  C CA    . LYS A 1 61  ? 1.865   -7.227  12.433  1.00 15.62 ? 60  LYS A CA    1 
ATOM   398  C C     . LYS A 1 61  ? 2.215   -5.931  11.727  1.00 14.14 ? 60  LYS A C     1 
ATOM   399  O O     . LYS A 1 61  ? 1.344   -5.249  11.105  1.00 13.21 ? 60  LYS A O     1 
ATOM   400  C CB    . LYS A 1 61  ? 1.858   -8.352  11.397  1.00 15.67 ? 60  LYS A CB    1 
ATOM   401  C CG    . LYS A 1 61  ? 1.554   -9.727  11.950  1.00 17.15 ? 60  LYS A CG    1 
ATOM   402  C CD    . LYS A 1 61  ? 2.698   -10.228 12.802  1.00 17.33 ? 60  LYS A CD    1 
ATOM   403  C CE    . LYS A 1 61  ? 2.292   -11.292 13.794  1.00 20.98 ? 60  LYS A CE    1 
ATOM   404  N NZ    . LYS A 1 61  ? 1.672   -12.436 13.204  1.00 23.11 ? 60  LYS A NZ    1 
ATOM   405  N N     . VAL A 1 62  ? 3.496   -5.617  11.782  1.00 14.53 ? 61  VAL A N     1 
ATOM   406  C CA    . VAL A 1 62  ? 4.113   -4.648  10.883  1.00 13.16 ? 61  VAL A CA    1 
ATOM   407  C C     . VAL A 1 62  ? 5.028   -5.424  9.940   1.00 16.03 ? 61  VAL A C     1 
ATOM   408  O O     . VAL A 1 62  ? 5.859   -6.240  10.391  1.00 17.42 ? 61  VAL A O     1 
ATOM   409  C CB    . VAL A 1 62  ? 4.904   -3.600  11.663  1.00 14.83 ? 61  VAL A CB    1 
ATOM   410  C CG1   . VAL A 1 62  ? 5.565   -2.546  10.686  1.00 14.65 ? 61  VAL A CG1   1 
ATOM   411  C CG2   . VAL A 1 62  ? 3.999   -2.895  12.715  1.00 14.90 ? 61  VAL A CG2   1 
ATOM   412  N N     . LYS A 1 63  ? 4.852   -5.202  8.635   1.00 12.22 ? 62  LYS A N     1 
ATOM   413  C CA    . LYS A 1 63  ? 5.577   -5.923  7.590   1.00 14.52 ? 62  LYS A CA    1 
ATOM   414  C C     . LYS A 1 63  ? 6.251   -4.875  6.749   1.00 15.68 ? 62  LYS A C     1 
ATOM   415  O O     . LYS A 1 63  ? 5.570   -3.944  6.247   1.00 13.56 ? 62  LYS A O     1 
ATOM   416  C CB    . LYS A 1 63  ? 4.611   -6.741  6.753   1.00 17.00 ? 62  LYS A CB    1 
ATOM   417  C CG    . LYS A 1 63  ? 3.911   -7.794  7.568   1.00 18.39 ? 62  LYS A CG    1 
ATOM   418  C CD    . LYS A 1 63  ? 2.605   -8.183  7.006   1.00 17.08 ? 62  LYS A CD    1 
ATOM   419  C CE    . LYS A 1 63  ? 2.001   -9.353  7.801   1.00 18.51 ? 62  LYS A CE    1 
ATOM   420  N NZ    . LYS A 1 63  ? 0.518   -9.350  7.642   1.00 20.66 ? 62  LYS A NZ    1 
ATOM   421  N N     . THR A 1 64  ? 7.580   -4.994  6.617   1.00 14.52 ? 63  THR A N     1 
ATOM   422  C CA    . THR A 1 64  ? 8.413   -3.960  6.003   1.00 13.22 ? 63  THR A CA    1 
ATOM   423  C C     . THR A 1 64  ? 9.394   -4.553  4.963   1.00 12.61 ? 63  THR A C     1 
ATOM   424  O O     . THR A 1 64  ? 10.026  -5.573  5.222   1.00 14.90 ? 63  THR A O     1 
ATOM   425  C CB    . THR A 1 64  ? 9.179   -3.200  7.120   1.00 12.05 ? 63  THR A CB    1 
ATOM   426  O OG1   . THR A 1 64  ? 8.280   -2.903  8.202   1.00 13.92 ? 63  THR A OG1   1 
ATOM   427  C CG2   . THR A 1 64  ? 9.851   -1.904  6.594   1.00 13.19 ? 63  THR A CG2   1 
ATOM   428  N N     . VAL A 1 65  ? 9.463   -3.919  3.792   1.00 12.52 ? 64  VAL A N     1 
ATOM   429  C CA    . VAL A 1 65  ? 10.493  -4.157  2.773   1.00 13.17 ? 64  VAL A CA    1 
ATOM   430  C C     . VAL A 1 65  ? 11.260  -2.847  2.502   1.00 14.62 ? 64  VAL A C     1 
ATOM   431  O O     . VAL A 1 65  ? 10.658  -1.802  2.246   1.00 15.48 ? 64  VAL A O     1 
ATOM   432  C CB    . VAL A 1 65  ? 9.857   -4.653  1.481   1.00 12.65 ? 64  VAL A CB    1 
ATOM   433  C CG1   . VAL A 1 65  ? 10.907  -4.752  0.290   1.00 12.69 ? 64  VAL A CG1   1 
ATOM   434  C CG2   . VAL A 1 65  ? 9.143   -5.991  1.726   1.00 15.15 ? 64  VAL A CG2   1 
ATOM   435  N N     . TYR A 1 66  ? 12.588  -2.930  2.550   1.00 12.86 ? 65  TYR A N     1 
ATOM   436  C CA    . TYR A 1 66  ? 13.453  -1.849  2.237   1.00 13.68 ? 65  TYR A CA    1 
ATOM   437  C C     . TYR A 1 66  ? 14.170  -2.077  0.895   1.00 15.80 ? 65  TYR A C     1 
ATOM   438  O O     . TYR A 1 66  ? 14.732  -3.140  0.660   1.00 15.51 ? 65  TYR A O     1 
ATOM   439  C CB    . TYR A 1 66  ? 14.495  -1.711  3.345   1.00 16.98 ? 65  TYR A CB    1 
ATOM   440  C CG    . TYR A 1 66  ? 13.969  -1.350  4.728   1.00 15.09 ? 65  TYR A CG    1 
ATOM   441  C CD1   . TYR A 1 66  ? 13.737  -0.020  5.072   1.00 18.36 ? 65  TYR A CD1   1 
ATOM   442  C CD2   . TYR A 1 66  ? 13.749  -2.321  5.688   1.00 17.40 ? 65  TYR A CD2   1 
ATOM   443  C CE1   . TYR A 1 66  ? 13.294  0.328   6.320   1.00 19.13 ? 65  TYR A CE1   1 
ATOM   444  C CE2   . TYR A 1 66  ? 13.284  -1.980  6.974   1.00 17.75 ? 65  TYR A CE2   1 
ATOM   445  C CZ    . TYR A 1 66  ? 13.075  -0.649  7.269   1.00 18.08 ? 65  TYR A CZ    1 
ATOM   446  O OH    . TYR A 1 66  ? 12.634  -0.232  8.476   1.00 19.62 ? 65  TYR A OH    1 
ATOM   447  N N     . ARG A 1 67  ? 14.133  -1.084  0.019   1.00 14.67 ? 66  ARG A N     1 
ATOM   448  C CA    . ARG A 1 67  ? 14.957  -1.104  -1.197  1.00 15.78 ? 66  ARG A CA    1 
ATOM   449  C C     . ARG A 1 67  ? 16.016  -0.028  -1.040  1.00 16.94 ? 66  ARG A C     1 
ATOM   450  O O     . ARG A 1 67  ? 15.711  1.151   -0.850  1.00 16.51 ? 66  ARG A O     1 
ATOM   451  C CB    . ARG A 1 67  ? 14.133  -0.842  -2.429  1.00 15.16 ? 66  ARG A CB    1 
ATOM   452  C CG    . ARG A 1 67  ? 13.004  -1.814  -2.657  1.00 16.44 ? 66  ARG A CG    1 
ATOM   453  C CD    . ARG A 1 67  ? 13.453  -3.285  -2.860  1.00 18.37 ? 66  ARG A CD    1 
ATOM   454  N NE    . ARG A 1 67  ? 14.628  -3.477  -3.743  1.00 17.26 ? 66  ARG A NE    1 
ATOM   455  C CZ    . ARG A 1 67  ? 14.632  -3.521  -5.072  1.00 19.31 ? 66  ARG A CZ    1 
ATOM   456  N NH1   . ARG A 1 67  ? 13.536  -3.327  -5.790  1.00 19.29 ? 66  ARG A NH1   1 
ATOM   457  N NH2   . ARG A 1 67  ? 15.780  -3.731  -5.712  1.00 21.35 ? 66  ARG A NH2   1 
ATOM   458  N N     . HIS A 1 68  ? 17.267  -0.433  -1.109  1.00 19.04 ? 67  HIS A N     1 
ATOM   459  C CA    . HIS A 1 68  ? 18.350  0.445   -0.708  1.00 19.41 ? 67  HIS A CA    1 
ATOM   460  C C     . HIS A 1 68  ? 18.676  1.389   -1.796  1.00 18.11 ? 67  HIS A C     1 
ATOM   461  O O     . HIS A 1 68  ? 18.693  2.605   -1.574  1.00 15.85 ? 67  HIS A O     1 
ATOM   462  C CB    . HIS A 1 68  ? 19.556  -0.398  -0.305  1.00 23.86 ? 67  HIS A CB    1 
ATOM   463  C CG    . HIS A 1 68  ? 19.220  -1.401  0.755   1.00 26.80 ? 67  HIS A CG    1 
ATOM   464  N ND1   . HIS A 1 68  ? 19.940  -2.554  0.958   1.00 29.41 ? 67  HIS A ND1   1 
ATOM   465  C CD2   . HIS A 1 68  ? 18.188  -1.446  1.629   1.00 28.78 ? 67  HIS A CD2   1 
ATOM   466  C CE1   . HIS A 1 68  ? 19.383  -3.253  1.934   1.00 29.12 ? 67  HIS A CE1   1 
ATOM   467  N NE2   . HIS A 1 68  ? 18.315  -2.607  2.352   1.00 28.57 ? 67  HIS A NE2   1 
ATOM   468  N N     . GLU A 1 69  ? 18.938  0.824   -2.988  1.00 17.51 ? 68  GLU A N     1 
ATOM   469  C CA    . GLU A 1 69  ? 19.345  1.586   -4.151  1.00 16.38 ? 68  GLU A CA    1 
ATOM   470  C C     . GLU A 1 69  ? 18.220  2.510   -4.533  1.00 15.82 ? 68  GLU A C     1 
ATOM   471  O O     . GLU A 1 69  ? 18.454  3.645   -4.916  1.00 12.76 ? 68  GLU A O     1 
ATOM   472  C CB    . GLU A 1 69  ? 19.668  0.641   -5.341  1.00 16.35 ? 68  GLU A CB    1 
ATOM   473  N N     . LYS A 1 70  ? 16.987  2.032   -4.403  1.00 15.35 ? 69  LYS A N     1 
ATOM   474  C CA    . LYS A 1 70  ? 15.846  2.810   -4.864  1.00 17.05 ? 69  LYS A CA    1 
ATOM   475  C C     . LYS A 1 70  ? 15.290  3.729   -3.774  1.00 16.80 ? 69  LYS A C     1 
ATOM   476  O O     . LYS A 1 70  ? 14.422  4.571   -4.053  1.00 17.61 ? 69  LYS A O     1 
ATOM   477  C CB    . LYS A 1 70  ? 14.779  1.881   -5.434  1.00 18.68 ? 69  LYS A CB    1 
ATOM   478  C CG    . LYS A 1 70  ? 15.153  1.390   -6.858  1.00 19.50 ? 69  LYS A CG    1 
ATOM   479  C CD    . LYS A 1 70  ? 14.024  0.579   -7.487  1.00 21.16 ? 69  LYS A CD    1 
ATOM   480  N N     . ARG A 1 71  ? 15.782  3.540   -2.542  1.00 14.51 ? 70  ARG A N     1 
ATOM   481  C CA    . ARG A 1 71  ? 15.479  4.396   -1.396  1.00 14.40 ? 70  ARG A CA    1 
ATOM   482  C C     . ARG A 1 71  ? 13.998  4.410   -1.067  1.00 14.90 ? 70  ARG A C     1 
ATOM   483  O O     . ARG A 1 71  ? 13.399  5.477   -0.886  1.00 16.66 ? 70  ARG A O     1 
ATOM   484  C CB    . ARG A 1 71  ? 15.947  5.826   -1.637  1.00 13.58 ? 70  ARG A CB    1 
ATOM   485  C CG    . ARG A 1 71  ? 17.406  5.946   -1.927  1.00 11.90 ? 70  ARG A CG    1 
ATOM   486  C CD    . ARG A 1 71  ? 18.260  5.845   -0.677  1.00 10.98 ? 70  ARG A CD    1 
ATOM   487  N NE    . ARG A 1 71  ? 19.516  6.544   -0.930  1.00 10.90 ? 70  ARG A NE    1 
ATOM   488  C CZ    . ARG A 1 71  ? 20.538  6.053   -1.628  1.00 12.93 ? 70  ARG A CZ    1 
ATOM   489  N NH1   . ARG A 1 71  ? 21.614  6.797   -1.834  1.00 12.73 ? 70  ARG A NH1   1 
ATOM   490  N NH2   . ARG A 1 71  ? 20.496  4.824   -2.127  1.00 15.95 ? 70  ARG A NH2   1 
ATOM   491  N N     . VAL A 1 72  ? 13.418  3.233   -0.972  1.00 13.88 ? 71  VAL A N     1 
ATOM   492  C CA    . VAL A 1 72  ? 12.015  3.122   -0.627  1.00 16.51 ? 71  VAL A CA    1 
ATOM   493  C C     . VAL A 1 72  ? 11.836  2.160   0.499   1.00 16.55 ? 71  VAL A C     1 
ATOM   494  O O     . VAL A 1 72  ? 12.447  1.091   0.518   1.00 18.01 ? 71  VAL A O     1 
ATOM   495  C CB    . VAL A 1 72  ? 11.099  2.676   -1.809  1.00 18.23 ? 71  VAL A CB    1 
ATOM   496  C CG1   . VAL A 1 72  ? 11.260  3.576   -3.015  1.00 14.79 ? 71  VAL A CG1   1 
ATOM   497  C CG2   . VAL A 1 72  ? 11.296  1.214   -2.147  1.00 21.05 ? 71  VAL A CG2   1 
ATOM   498  N N     . LYS A 1 73  ? 10.999  2.575   1.454   1.00 16.83 ? 72  LYS A N     1 
ATOM   499  C CA    . LYS A 1 73  ? 10.536  1.749   2.519   1.00 14.70 ? 72  LYS A CA    1 
ATOM   500  C C     . LYS A 1 73  ? 9.040   1.430   2.275   1.00 15.85 ? 72  LYS A C     1 
ATOM   501  O O     . LYS A 1 73  ? 8.222   2.328   2.224   1.00 17.21 ? 72  LYS A O     1 
ATOM   502  C CB    . LYS A 1 73  ? 10.672  2.500   3.834   1.00 14.08 ? 72  LYS A CB    1 
ATOM   503  C CG    . LYS A 1 73  ? 10.271  1.704   5.029   1.00 13.21 ? 72  LYS A CG    1 
ATOM   504  C CD    . LYS A 1 73  ? 10.401  2.558   6.269   1.00 15.22 ? 72  LYS A CD    1 
ATOM   505  C CE    . LYS A 1 73  ? 9.609   2.063   7.411   1.00 15.76 ? 72  LYS A CE    1 
ATOM   506  N NZ    . LYS A 1 73  ? 9.696   3.021   8.559   1.00 17.74 ? 72  LYS A NZ    1 
ATOM   507  N N     . LEU A 1 74  ? 8.708   0.157   2.126   1.00 14.73 ? 73  LEU A N     1 
ATOM   508  C CA    . LEU A 1 74  ? 7.333   -0.249  1.860   1.00 15.28 ? 73  LEU A CA    1 
ATOM   509  C C     . LEU A 1 74  ? 6.826   -0.907  3.154   1.00 16.10 ? 73  LEU A C     1 
ATOM   510  O O     . LEU A 1 74  ? 7.489   -1.827  3.675   1.00 12.80 ? 73  LEU A O     1 
ATOM   511  C CB    . LEU A 1 74  ? 7.285   -1.207  0.673   1.00 17.21 ? 73  LEU A CB    1 
ATOM   512  C CG    . LEU A 1 74  ? 8.138   -0.763  -0.533  1.00 18.93 ? 73  LEU A CG    1 
ATOM   513  C CD1   . LEU A 1 74  ? 8.073   -1.853  -1.612  1.00 23.98 ? 73  LEU A CD1   1 
ATOM   514  C CD2   . LEU A 1 74  ? 7.671   0.557   -1.089  1.00 19.63 ? 73  LEU A CD2   1 
ATOM   515  N N     . GLN A 1 75  ? 5.673   -0.446  3.681   1.00 14.19 ? 74  GLN A N     1 
ATOM   516  C CA    . GLN A 1 75  ? 5.206   -0.979  4.965   1.00 14.09 ? 74  GLN A CA    1 
ATOM   517  C C     . GLN A 1 75  ? 3.705   -1.171  5.106   1.00 12.71 ? 74  GLN A C     1 
ATOM   518  O O     . GLN A 1 75  ? 2.905   -0.336  4.673   1.00 12.68 ? 74  GLN A O     1 
ATOM   519  C CB    . GLN A 1 75  ? 5.714   -0.089  6.102   1.00 14.05 ? 74  GLN A CB    1 
ATOM   520  C CG    . GLN A 1 75  ? 5.592   -0.733  7.500   1.00 14.63 ? 74  GLN A CG    1 
ATOM   521  C CD    . GLN A 1 75  ? 6.271   0.130   8.515   1.00 17.24 ? 74  GLN A CD    1 
ATOM   522  O OE1   . GLN A 1 75  ? 5.769   1.220   8.835   1.00 15.50 ? 74  GLN A OE1   1 
ATOM   523  N NE2   . GLN A 1 75  ? 7.438   -0.317  9.012   1.00 14.41 ? 74  GLN A NE2   1 
ATOM   524  N N     . ILE A 1 76  ? 3.357   -2.310  5.687   1.00 13.14 ? 75  ILE A N     1 
ATOM   525  C CA    . ILE A 1 76  ? 2.020   -2.675  6.068   1.00 13.58 ? 75  ILE A CA    1 
ATOM   526  C C     . ILE A 1 76  ? 1.981   -2.630  7.575   1.00 14.57 ? 75  ILE A C     1 
ATOM   527  O O     . ILE A 1 76  ? 2.868   -3.156  8.224   1.00 14.58 ? 75  ILE A O     1 
ATOM   528  C CB    . ILE A 1 76  ? 1.661   -4.113  5.650   1.00 14.53 ? 75  ILE A CB    1 
ATOM   529  C CG1   . ILE A 1 76  ? 1.533   -4.231  4.141   1.00 16.03 ? 75  ILE A CG1   1 
ATOM   530  C CG2   . ILE A 1 76  ? 0.317   -4.587  6.283   1.00 13.97 ? 75  ILE A CG2   1 
ATOM   531  C CD1   . ILE A 1 76  ? 1.545   -5.639  3.687   1.00 16.44 ? 75  ILE A CD1   1 
ATOM   532  N N     . TRP A 1 77  ? 0.957   -1.972  8.113   1.00 14.01 ? 76  TRP A N     1 
ATOM   533  C CA    . TRP A 1 77  ? 0.592   -2.089  9.511   1.00 14.83 ? 76  TRP A CA    1 
ATOM   534  C C     . TRP A 1 77  ? -0.837  -2.616  9.433   1.00 15.74 ? 76  TRP A C     1 
ATOM   535  O O     . TRP A 1 77  ? -1.729  -1.939  8.890   1.00 13.93 ? 76  TRP A O     1 
ATOM   536  C CB    . TRP A 1 77  ? 0.728   -0.711  10.193  1.00 15.15 ? 76  TRP A CB    1 
ATOM   537  C CG    . TRP A 1 77  ? 0.022   -0.502  11.528  1.00 14.27 ? 76  TRP A CG    1 
ATOM   538  C CD1   . TRP A 1 77  ? -0.662  0.624   11.912  1.00 16.16 ? 76  TRP A CD1   1 
ATOM   539  C CD2   . TRP A 1 77  ? 0.021   -1.369  12.672  1.00 13.46 ? 76  TRP A CD2   1 
ATOM   540  N NE1   . TRP A 1 77  ? -1.127  0.494   13.202  1.00 13.14 ? 76  TRP A NE1   1 
ATOM   541  C CE2   . TRP A 1 77  ? -0.712  -0.711  13.701  1.00 15.42 ? 76  TRP A CE2   1 
ATOM   542  C CE3   . TRP A 1 77  ? 0.574   -2.632  12.946  1.00 17.36 ? 76  TRP A CE3   1 
ATOM   543  C CZ2   . TRP A 1 77  ? -0.920  -1.288  14.961  1.00 13.18 ? 76  TRP A CZ2   1 
ATOM   544  C CZ3   . TRP A 1 77  ? 0.367   -3.197  14.237  1.00 15.55 ? 76  TRP A CZ3   1 
ATOM   545  C CH2   . TRP A 1 77  ? -0.377  -2.537  15.192  1.00 14.43 ? 76  TRP A CH2   1 
ATOM   546  N N     . ASP A 1 78  ? -1.037  -3.852  9.914   1.00 16.51 ? 77  ASP A N     1 
ATOM   547  C CA    . ASP A 1 78  ? -2.300  -4.575  9.722   1.00 17.19 ? 77  ASP A CA    1 
ATOM   548  C C     . ASP A 1 78  ? -3.511  -3.694  10.088  1.00 15.00 ? 77  ASP A C     1 
ATOM   549  O O     . ASP A 1 78  ? -3.487  -2.960  11.070  1.00 13.04 ? 77  ASP A O     1 
ATOM   550  C CB    . ASP A 1 78  ? -2.383  -5.812  10.618  1.00 19.16 ? 77  ASP A CB    1 
ATOM   551  C CG    . ASP A 1 78  ? -1.525  -6.970  10.153  1.00 22.90 ? 77  ASP A CG    1 
ATOM   552  O OD1   . ASP A 1 78  ? -0.987  -6.959  9.011   1.00 20.78 ? 77  ASP A OD1   1 
ATOM   553  O OD2   . ASP A 1 78  ? -1.407  -7.906  10.988  1.00 22.58 ? 77  ASP A OD2   1 
ATOM   554  N N     . THR A 1 79  ? -4.564  -3.818  9.303   1.00 13.21 ? 78  THR A N     1 
ATOM   555  C CA    . THR A 1 79  ? -5.821  -3.095  9.533   1.00 11.83 ? 78  THR A CA    1 
ATOM   556  C C     . THR A 1 79  ? -6.400  -3.329  10.925  1.00 13.79 ? 78  THR A C     1 
ATOM   557  O O     . THR A 1 79  ? -6.860  -2.393  11.589  1.00 13.23 ? 78  THR A O     1 
ATOM   558  C CB    . THR A 1 79  ? -6.841  -3.491  8.452   1.00 10.01 ? 78  THR A CB    1 
ATOM   559  O OG1   . THR A 1 79  ? -6.348  -3.069  7.173   1.00 13.99 ? 78  THR A OG1   1 
ATOM   560  C CG2   . THR A 1 79  ? -8.249  -2.885  8.753   1.00 12.16 ? 78  THR A CG2   1 
ATOM   561  N N     . ALA A 1 80  ? -6.362  -4.562  11.392  1.00 14.40 ? 79  ALA A N     1 
ATOM   562  C CA    . ALA A 1 80  ? -6.895  -4.885  12.750  1.00 16.11 ? 79  ALA A CA    1 
ATOM   563  C C     . ALA A 1 80  ? -6.048  -4.169  13.820  1.00 16.01 ? 79  ALA A C     1 
ATOM   564  O O     . ALA A 1 80  ? -6.554  -3.730  14.843  1.00 15.48 ? 79  ALA A O     1 
ATOM   565  C CB    . ALA A 1 80  ? -6.903  -6.374  12.949  1.00 16.54 ? 79  ALA A CB    1 
ATOM   566  N N     . GLY A 1 81  ? -4.769  -3.974  13.537  1.00 13.55 ? 80  GLY A N     1 
ATOM   567  C CA    . GLY A 1 81  ? -3.882  -3.212  14.412  1.00 14.77 ? 80  GLY A CA    1 
ATOM   568  C C     . GLY A 1 81  ? -4.233  -1.713  14.453  1.00 16.24 ? 80  GLY A C     1 
ATOM   569  O O     . GLY A 1 81  ? -4.203  -1.088  15.514  1.00 16.15 ? 80  GLY A O     1 
ATOM   570  N N     . GLN A 1 82  ? -4.570  -1.162  13.287  1.00 15.02 ? 81  GLN A N     1 
ATOM   571  C CA    . GLN A 1 82  ? -4.887  0.244   13.132  1.00 15.40 ? 81  GLN A CA    1 
ATOM   572  C C     . GLN A 1 82  ? -6.119  0.579   13.955  1.00 18.42 ? 81  GLN A C     1 
ATOM   573  O O     . GLN A 1 82  ? -6.248  1.671   14.483  1.00 18.91 ? 81  GLN A O     1 
ATOM   574  C CB    . GLN A 1 82  ? -5.161  0.570   11.659  1.00 13.92 ? 81  GLN A CB    1 
ATOM   575  C CG    . GLN A 1 82  ? -3.926  0.593   10.808  1.00 14.64 ? 81  GLN A CG    1 
ATOM   576  C CD    . GLN A 1 82  ? -4.217  0.945   9.361   1.00 14.46 ? 81  GLN A CD    1 
ATOM   577  O OE1   . GLN A 1 82  ? -5.013  1.868   9.071   1.00 14.23 ? 81  GLN A OE1   1 
ATOM   578  N NE2   . GLN A 1 82  ? -3.568  0.238   8.444   1.00 15.12 ? 81  GLN A NE2   1 
ATOM   579  N N     . GLU A 1 83  ? -7.020  -0.392  14.059  1.00 20.69 ? 82  GLU A N     1 
ATOM   580  C CA    . GLU A 1 83  ? -8.236  -0.236  14.839  1.00 22.95 ? 82  GLU A CA    1 
ATOM   581  C C     . GLU A 1 83  ? -8.021  -0.262  16.345  1.00 22.30 ? 82  GLU A C     1 
ATOM   582  O O     . GLU A 1 83  ? -8.864  0.235   17.068  1.00 25.03 ? 82  GLU A O     1 
ATOM   583  C CB    . GLU A 1 83  ? -9.244  -1.307  14.429  1.00 24.46 ? 82  GLU A CB    1 
ATOM   584  C CG    . GLU A 1 83  ? -9.546  -1.306  12.927  1.00 26.31 ? 82  GLU A CG    1 
ATOM   585  C CD    . GLU A 1 83  ? -10.641 -2.262  12.567  1.00 30.00 ? 82  GLU A CD    1 
ATOM   586  O OE1   . GLU A 1 83  ? -10.350 -3.375  12.051  1.00 31.06 ? 82  GLU A OE1   1 
ATOM   587  O OE2   . GLU A 1 83  ? -11.803 -1.908  12.831  1.00 32.82 ? 82  GLU A OE2   1 
ATOM   588  N N     . ARG A 1 84  ? -6.889  -0.794  16.804  1.00 21.50 ? 83  ARG A N     1 
ATOM   589  C CA    A ARG A 1 84  ? -6.598  -1.006  18.235  0.50 20.15 ? 83  ARG A CA    1 
ATOM   590  C CA    B ARG A 1 84  ? -6.635  -0.963  18.237  0.50 20.52 ? 83  ARG A CA    1 
ATOM   591  C C     . ARG A 1 84  ? -5.632  0.032   18.803  1.00 20.18 ? 83  ARG A C     1 
ATOM   592  O O     . ARG A 1 84  ? -5.757  0.414   19.962  1.00 20.14 ? 83  ARG A O     1 
ATOM   593  C CB    A ARG A 1 84  ? -6.023  -2.434  18.438  0.50 19.37 ? 83  ARG A CB    1 
ATOM   594  C CB    B ARG A 1 84  ? -6.151  -2.386  18.533  0.50 20.32 ? 83  ARG A CB    1 
ATOM   595  C CG    A ARG A 1 84  ? -5.386  -2.776  19.805  0.50 18.62 ? 83  ARG A CG    1 
ATOM   596  C CG    B ARG A 1 84  ? -6.951  -3.473  17.821  0.50 20.01 ? 83  ARG A CG    1 
ATOM   597  C CD    A ARG A 1 84  ? -6.378  -3.044  20.924  0.50 17.78 ? 83  ARG A CD    1 
ATOM   598  C CD    B ARG A 1 84  ? -8.170  -3.916  18.544  0.50 19.89 ? 83  ARG A CD    1 
ATOM   599  N NE    A ARG A 1 84  ? -5.736  -3.642  22.096  0.50 16.95 ? 83  ARG A NE    1 
ATOM   600  N NE    B ARG A 1 84  ? -8.364  -5.338  18.298  0.50 18.69 ? 83  ARG A NE    1 
ATOM   601  C CZ    A ARG A 1 84  ? -5.062  -2.946  23.007  0.50 17.52 ? 83  ARG A CZ    1 
ATOM   602  C CZ    B ARG A 1 84  ? -8.597  -5.854  17.096  0.50 17.48 ? 83  ARG A CZ    1 
ATOM   603  N NH1   A ARG A 1 84  ? -4.924  -1.630  22.869  0.50 17.22 ? 83  ARG A NH1   1 
ATOM   604  N NH1   B ARG A 1 84  ? -8.704  -5.057  16.032  0.50 13.42 ? 83  ARG A NH1   1 
ATOM   605  N NH2   A ARG A 1 84  ? -4.487  -3.560  24.033  0.50 16.50 ? 83  ARG A NH2   1 
ATOM   606  N NH2   B ARG A 1 84  ? -8.733  -7.170  16.969  0.50 16.58 ? 83  ARG A NH2   1 
ATOM   607  N N     . TYR A 1 85  ? -4.642  0.470   17.999  1.00 18.52 ? 84  TYR A N     1 
ATOM   608  C CA    . TYR A 1 85  ? -3.573  1.343   18.522  1.00 18.77 ? 84  TYR A CA    1 
ATOM   609  C C     . TYR A 1 85  ? -3.472  2.677   17.833  1.00 19.78 ? 84  TYR A C     1 
ATOM   610  O O     . TYR A 1 85  ? -2.888  2.781   16.768  1.00 19.79 ? 84  TYR A O     1 
ATOM   611  C CB    . TYR A 1 85  ? -2.216  0.690   18.400  1.00 19.48 ? 84  TYR A CB    1 
ATOM   612  C CG    . TYR A 1 85  ? -2.112  -0.593  19.126  1.00 21.39 ? 84  TYR A CG    1 
ATOM   613  C CD1   . TYR A 1 85  ? -2.371  -1.810  18.485  1.00 22.96 ? 84  TYR A CD1   1 
ATOM   614  C CD2   . TYR A 1 85  ? -1.793  -0.606  20.461  1.00 20.56 ? 84  TYR A CD2   1 
ATOM   615  C CE1   . TYR A 1 85  ? -2.285  -3.009  19.183  1.00 24.17 ? 84  TYR A CE1   1 
ATOM   616  C CE2   . TYR A 1 85  ? -1.708  -1.775  21.157  1.00 22.95 ? 84  TYR A CE2   1 
ATOM   617  C CZ    . TYR A 1 85  ? -1.956  -2.976  20.532  1.00 22.95 ? 84  TYR A CZ    1 
ATOM   618  O OH    . TYR A 1 85  ? -1.840  -4.120  21.294  1.00 23.88 ? 84  TYR A OH    1 
ATOM   619  N N     . ARG A 1 86  ? -3.962  3.706   18.497  1.00 16.83 ? 85  ARG A N     1 
ATOM   620  C CA    . ARG A 1 86  ? -4.025  5.043   17.933  1.00 17.25 ? 85  ARG A CA    1 
ATOM   621  C C     . ARG A 1 86  ? -2.663  5.636   17.660  1.00 14.86 ? 85  ARG A C     1 
ATOM   622  O O     . ARG A 1 86  ? -2.417  6.068   16.547  1.00 14.88 ? 85  ARG A O     1 
ATOM   623  C CB    . ARG A 1 86  ? -4.833  5.974   18.856  1.00 16.84 ? 85  ARG A CB    1 
ATOM   624  C CG    . ARG A 1 86  ? -4.776  7.438   18.454  1.00 20.25 ? 85  ARG A CG    1 
ATOM   625  N N     . THR A 1 87  ? -1.764  5.616   18.639  1.00 14.58 ? 86  THR A N     1 
ATOM   626  C CA    . THR A 1 87  ? -0.490  6.302   18.481  1.00 16.40 ? 86  THR A CA    1 
ATOM   627  C C     . THR A 1 87  ? 0.404   5.608   17.461  1.00 16.52 ? 86  THR A C     1 
ATOM   628  O O     . THR A 1 87  ? 1.094   6.253   16.670  1.00 17.84 ? 86  THR A O     1 
ATOM   629  C CB    . THR A 1 87  ? 0.267   6.541   19.839  1.00 18.16 ? 86  THR A CB    1 
ATOM   630  O OG1   . THR A 1 87  ? 0.712   5.297   20.404  1.00 21.37 ? 86  THR A OG1   1 
ATOM   631  C CG2   . THR A 1 87  ? -0.625  7.269   20.839  1.00 17.64 ? 86  THR A CG2   1 
ATOM   632  N N     . ILE A 1 88  ? 0.388   4.281   17.459  1.00 15.35 ? 87  ILE A N     1 
ATOM   633  C CA    . ILE A 1 88  ? 1.179   3.554   16.506  1.00 15.38 ? 87  ILE A CA    1 
ATOM   634  C C     . ILE A 1 88  ? 0.639   3.840   15.103  1.00 13.63 ? 87  ILE A C     1 
ATOM   635  O O     . ILE A 1 88  ? 1.404   4.014   14.172  1.00 15.20 ? 87  ILE A O     1 
ATOM   636  C CB    . ILE A 1 88  ? 1.177   2.035   16.809  1.00 14.52 ? 87  ILE A CB    1 
ATOM   637  C CG1   . ILE A 1 88  ? 2.009   1.760   18.094  1.00 15.05 ? 87  ILE A CG1   1 
ATOM   638  C CG2   . ILE A 1 88  ? 1.642   1.237   15.551  1.00 13.55 ? 87  ILE A CG2   1 
ATOM   639  C CD1   . ILE A 1 88  ? 2.009   0.287   18.514  1.00 18.62 ? 87  ILE A CD1   1 
ATOM   640  N N     . THR A 1 89  ? -0.679  3.896   14.973  1.00 12.73 ? 88  THR A N     1 
ATOM   641  C CA    . THR A 1 89  ? -1.305  4.125   13.679  1.00 12.05 ? 88  THR A CA    1 
ATOM   642  C C     . THR A 1 89  ? -1.004  5.524   13.122  1.00 15.00 ? 88  THR A C     1 
ATOM   643  O O     . THR A 1 89  ? -0.644  5.655   11.946  1.00 12.54 ? 88  THR A O     1 
ATOM   644  C CB    . THR A 1 89  ? -2.803  3.881   13.737  1.00 13.92 ? 88  THR A CB    1 
ATOM   645  O OG1   . THR A 1 89  ? -3.037  2.541   14.199  1.00 13.77 ? 88  THR A OG1   1 
ATOM   646  C CG2   . THR A 1 89  ? -3.429  4.053   12.359  1.00 14.62 ? 88  THR A CG2   1 
ATOM   647  N N     . THR A 1 90  ? -1.144  6.562   13.954  1.00 13.80 ? 89  THR A N     1 
ATOM   648  C CA    . THR A 1 90  ? -0.796  7.920   13.512  1.00 17.93 ? 89  THR A CA    1 
ATOM   649  C C     . THR A 1 90  ? 0.699   8.048   13.130  1.00 16.45 ? 89  THR A C     1 
ATOM   650  O O     . THR A 1 90  ? 1.002   8.682   12.136  1.00 16.57 ? 89  THR A O     1 
ATOM   651  C CB    . THR A 1 90  ? -1.242  9.044   14.508  1.00 19.42 ? 89  THR A CB    1 
ATOM   652  O OG1   . THR A 1 90  ? -0.439  9.010   15.685  1.00 23.20 ? 89  THR A OG1   1 
ATOM   653  C CG2   . THR A 1 90  ? -2.672  8.857   14.885  1.00 19.20 ? 89  THR A CG2   1 
ATOM   654  N N     . ALA A 1 91  ? 1.611   7.407   13.860  1.00 16.37 ? 90  ALA A N     1 
ATOM   655  C CA    . ALA A 1 91  ? 3.016   7.375   13.447  1.00 14.69 ? 90  ALA A CA    1 
ATOM   656  C C     . ALA A 1 91  ? 3.182   6.686   12.094  1.00 14.35 ? 90  ALA A C     1 
ATOM   657  O O     . ALA A 1 91  ? 4.021   7.095   11.277  1.00 14.36 ? 90  ALA A O     1 
ATOM   658  C CB    . ALA A 1 91  ? 3.915   6.689   14.506  1.00 14.31 ? 90  ALA A CB    1 
ATOM   659  N N     . TYR A 1 92  ? 2.412   5.625   11.871  1.00 12.74 ? 91  TYR A N     1 
ATOM   660  C CA    . TYR A 1 92  ? 2.451   4.880   10.629  1.00 15.08 ? 91  TYR A CA    1 
ATOM   661  C C     . TYR A 1 92  ? 2.094   5.778   9.441   1.00 16.02 ? 91  TYR A C     1 
ATOM   662  O O     . TYR A 1 92  ? 2.837   5.782   8.462   1.00 15.00 ? 91  TYR A O     1 
ATOM   663  C CB    . TYR A 1 92  ? 1.557   3.639   10.721  1.00 15.02 ? 91  TYR A CB    1 
ATOM   664  C CG    . TYR A 1 92  ? 1.363   2.816   9.467   1.00 15.33 ? 91  TYR A CG    1 
ATOM   665  C CD1   . TYR A 1 92  ? 2.407   2.060   8.901   1.00 13.99 ? 91  TYR A CD1   1 
ATOM   666  C CD2   . TYR A 1 92  ? 0.115   2.753   8.861   1.00 13.78 ? 91  TYR A CD2   1 
ATOM   667  C CE1   . TYR A 1 92  ? 2.186   1.279   7.734   1.00 15.98 ? 91  TYR A CE1   1 
ATOM   668  C CE2   . TYR A 1 92  ? -0.107  1.980   7.712   1.00 15.78 ? 91  TYR A CE2   1 
ATOM   669  C CZ    . TYR A 1 92  ? 0.908   1.268   7.151   1.00 13.44 ? 91  TYR A CZ    1 
ATOM   670  O OH    . TYR A 1 92  ? 0.650   0.516   6.028   1.00 13.46 ? 91  TYR A OH    1 
ATOM   671  N N     . TYR A 1 93  ? 0.994   6.534   9.538   1.00 12.89 ? 92  TYR A N     1 
ATOM   672  C CA    . TYR A 1 93  ? 0.537   7.372   8.425   1.00 15.79 ? 92  TYR A CA    1 
ATOM   673  C C     . TYR A 1 93  ? 1.332   8.668   8.277   1.00 16.98 ? 92  TYR A C     1 
ATOM   674  O O     . TYR A 1 93  ? 1.497   9.178   7.171   1.00 18.07 ? 92  TYR A O     1 
ATOM   675  C CB    . TYR A 1 93  ? -0.941  7.739   8.576   1.00 15.84 ? 92  TYR A CB    1 
ATOM   676  C CG    . TYR A 1 93  ? -1.875  6.635   8.186   1.00 15.07 ? 92  TYR A CG    1 
ATOM   677  C CD1   . TYR A 1 93  ? -2.341  6.517   6.877   1.00 14.40 ? 92  TYR A CD1   1 
ATOM   678  C CD2   . TYR A 1 93  ? -2.294  5.682   9.126   1.00 13.91 ? 92  TYR A CD2   1 
ATOM   679  C CE1   . TYR A 1 93  ? -3.188  5.495   6.524   1.00 13.89 ? 92  TYR A CE1   1 
ATOM   680  C CE2   . TYR A 1 93  ? -3.147  4.643   8.764   1.00 13.18 ? 92  TYR A CE2   1 
ATOM   681  C CZ    . TYR A 1 93  ? -3.606  4.571   7.474   1.00 12.33 ? 92  TYR A CZ    1 
ATOM   682  O OH    . TYR A 1 93  ? -4.461  3.553   7.129   1.00 13.44 ? 92  TYR A OH    1 
ATOM   683  N N     . ARG A 1 94  ? 1.773   9.219   9.398   1.00 17.48 ? 93  ARG A N     1 
ATOM   684  C CA    . ARG A 1 94  ? 2.455   10.509  9.404   1.00 19.94 ? 93  ARG A CA    1 
ATOM   685  C C     . ARG A 1 94  ? 3.597   10.524  8.390   1.00 19.00 ? 93  ARG A C     1 
ATOM   686  O O     . ARG A 1 94  ? 4.490   9.699   8.457   1.00 20.72 ? 93  ARG A O     1 
ATOM   687  C CB    . ARG A 1 94  ? 3.008   10.786  10.787  1.00 20.63 ? 93  ARG A CB    1 
ATOM   688  C CG    . ARG A 1 94  ? 3.547   12.182  10.946  1.00 23.25 ? 93  ARG A CG    1 
ATOM   689  C CD    . ARG A 1 94  ? 2.418   13.170  11.119  1.00 25.12 ? 93  ARG A CD    1 
ATOM   690  N NE    . ARG A 1 94  ? 1.631   12.826  12.307  1.00 25.87 ? 93  ARG A NE    1 
ATOM   691  C CZ    . ARG A 1 94  ? 0.472   13.372  12.628  1.00 25.90 ? 93  ARG A CZ    1 
ATOM   692  N NH1   . ARG A 1 94  ? -0.066  14.316  11.859  1.00 27.13 ? 93  ARG A NH1   1 
ATOM   693  N NH2   . ARG A 1 94  ? -0.144  12.978  13.735  1.00 25.98 ? 93  ARG A NH2   1 
ATOM   694  N N     . GLY A 1 95  ? 3.537   11.451  7.437   1.00 21.96 ? 94  GLY A N     1 
ATOM   695  C CA    . GLY A 1 95  ? 4.600   11.629  6.445   1.00 22.64 ? 94  GLY A CA    1 
ATOM   696  C C     . GLY A 1 95  ? 4.733   10.525  5.411   1.00 23.32 ? 94  GLY A C     1 
ATOM   697  O O     . GLY A 1 95  ? 5.800   10.355  4.820   1.00 25.84 ? 94  GLY A O     1 
ATOM   698  N N     . ALA A 1 96  ? 3.676   9.725   5.224   1.00 21.65 ? 95  ALA A N     1 
ATOM   699  C CA    . ALA A 1 96  ? 3.649   8.783   4.128   1.00 19.67 ? 95  ALA A CA    1 
ATOM   700  C C     . ALA A 1 96  ? 3.663   9.606   2.833   1.00 18.38 ? 95  ALA A C     1 
ATOM   701  O O     . ALA A 1 96  ? 2.969   10.647  2.733   1.00 17.70 ? 95  ALA A O     1 
ATOM   702  C CB    . ALA A 1 96  ? 2.432   7.885   4.211   1.00 17.69 ? 95  ALA A CB    1 
ATOM   703  N N     . MET A 1 97  ? 4.481   9.153   1.876   1.00 18.13 ? 96  MET A N     1 
ATOM   704  C CA    . MET A 1 97  ? 4.678   9.822   0.584   1.00 20.51 ? 96  MET A CA    1 
ATOM   705  C C     . MET A 1 97  ? 3.730   9.270   -0.462  1.00 16.56 ? 96  MET A C     1 
ATOM   706  O O     . MET A 1 97  ? 3.322   9.983   -1.379  1.00 14.38 ? 96  MET A O     1 
ATOM   707  C CB    . MET A 1 97  ? 6.105   9.600   0.049   1.00 24.23 ? 96  MET A CB    1 
ATOM   708  C CG    . MET A 1 97  ? 7.234   10.103  0.914   1.00 28.75 ? 96  MET A CG    1 
ATOM   709  S SD    . MET A 1 97  ? 7.135   11.855  1.018   1.00 36.24 ? 96  MET A SD    1 
ATOM   710  C CE    . MET A 1 97  ? 7.596   12.364  -0.649  1.00 33.10 ? 96  MET A CE    1 
ATOM   711  N N     . GLY A 1 98  ? 3.427   7.984   -0.354  1.00 14.56 ? 97  GLY A N     1 
ATOM   712  C CA    . GLY A 1 98  ? 2.526   7.348   -1.291  1.00 14.43 ? 97  GLY A CA    1 
ATOM   713  C C     . GLY A 1 98  ? 1.805   6.176   -0.685  1.00 13.28 ? 97  GLY A C     1 
ATOM   714  O O     . GLY A 1 98  ? 2.276   5.582   0.287   1.00 11.25 ? 97  GLY A O     1 
ATOM   715  N N     . PHE A 1 99  ? 0.655   5.848   -1.281  1.00 14.15 ? 98  PHE A N     1 
ATOM   716  C CA    . PHE A 1 99  ? -0.151  4.699   -0.872  1.00 13.76 ? 98  PHE A CA    1 
ATOM   717  C C     . PHE A 1 99  ? -0.505  3.785   -2.056  1.00 13.56 ? 98  PHE A C     1 
ATOM   718  O O     . PHE A 1 99  ? -0.760  4.255   -3.167  1.00 15.60 ? 98  PHE A O     1 
ATOM   719  C CB    . PHE A 1 99  ? -1.444  5.158   -0.213  1.00 15.56 ? 98  PHE A CB    1 
ATOM   720  C CG    . PHE A 1 99  ? -1.244  5.888   1.061   1.00 15.46 ? 98  PHE A CG    1 
ATOM   721  C CD1   . PHE A 1 99  ? -1.283  5.203   2.279   1.00 16.18 ? 98  PHE A CD1   1 
ATOM   722  C CD2   . PHE A 1 99  ? -0.989  7.248   1.064   1.00 15.62 ? 98  PHE A CD2   1 
ATOM   723  C CE1   . PHE A 1 99  ? -1.066  5.880   3.467   1.00 16.25 ? 98  PHE A CE1   1 
ATOM   724  C CE2   . PHE A 1 99  ? -0.786  7.949   2.265   1.00 15.94 ? 98  PHE A CE2   1 
ATOM   725  C CZ    . PHE A 1 99  ? -0.826  7.265   3.457   1.00 16.31 ? 98  PHE A CZ    1 
ATOM   726  N N     . ILE A 1 100 ? -0.458  2.481   -1.804  1.00 13.28 ? 99  ILE A N     1 
ATOM   727  C CA    . ILE A 1 100 ? -1.282  1.504   -2.520  1.00 14.18 ? 99  ILE A CA    1 
ATOM   728  C C     . ILE A 1 100 ? -2.546  1.301   -1.651  1.00 15.57 ? 99  ILE A C     1 
ATOM   729  O O     . ILE A 1 100 ? -2.476  0.807   -0.505  1.00 13.58 ? 99  ILE A O     1 
ATOM   730  C CB    . ILE A 1 100 ? -0.575  0.153   -2.759  1.00 15.12 ? 99  ILE A CB    1 
ATOM   731  C CG1   . ILE A 1 100 ? 0.758   0.340   -3.534  1.00 15.43 ? 99  ILE A CG1   1 
ATOM   732  C CG2   . ILE A 1 100 ? -1.500  -0.857  -3.526  1.00 13.88 ? 99  ILE A CG2   1 
ATOM   733  C CD1   . ILE A 1 100 ? 0.618   1.041   -4.921  1.00 16.54 ? 99  ILE A CD1   1 
ATOM   734  N N     . LEU A 1 101 ? -3.678  1.709   -2.203  1.00 14.33 ? 100 LEU A N     1 
ATOM   735  C CA    . LEU A 1 101 ? -4.965  1.557   -1.554  1.00 14.47 ? 100 LEU A CA    1 
ATOM   736  C C     . LEU A 1 101 ? -5.663  0.374   -2.213  1.00 14.17 ? 100 LEU A C     1 
ATOM   737  O O     . LEU A 1 101 ? -6.092  0.443   -3.366  1.00 13.74 ? 100 LEU A O     1 
ATOM   738  C CB    . LEU A 1 101 ? -5.773  2.846   -1.678  1.00 14.51 ? 100 LEU A CB    1 
ATOM   739  C CG    . LEU A 1 101 ? -6.973  3.001   -0.744  1.00 15.55 ? 100 LEU A CG    1 
ATOM   740  C CD1   . LEU A 1 101 ? -7.575  4.417   -0.927  1.00 16.17 ? 100 LEU A CD1   1 
ATOM   741  C CD2   . LEU A 1 101 ? -8.046  1.905   -0.990  1.00 17.16 ? 100 LEU A CD2   1 
ATOM   742  N N     . MET A 1 102 ? -5.744  -0.718  -1.476  1.00 14.63 ? 101 MET A N     1 
ATOM   743  C CA    . MET A 1 102 ? -6.099  -2.021  -2.056  1.00 13.37 ? 101 MET A CA    1 
ATOM   744  C C     . MET A 1 102 ? -7.501  -2.465  -1.675  1.00 14.43 ? 101 MET A C     1 
ATOM   745  O O     . MET A 1 102 ? -7.935  -2.313  -0.513  1.00 14.02 ? 101 MET A O     1 
ATOM   746  C CB    . MET A 1 102 ? -5.090  -3.090  -1.621  1.00 14.80 ? 101 MET A CB    1 
ATOM   747  C CG    . MET A 1 102 ? -5.209  -4.402  -2.426  1.00 15.85 ? 101 MET A CG    1 
ATOM   748  S SD    . MET A 1 102 ? -3.906  -5.584  -2.104  1.00 16.30 ? 101 MET A SD    1 
ATOM   749  C CE    . MET A 1 102 ? -2.473  -4.546  -2.261  1.00 14.33 ? 101 MET A CE    1 
ATOM   750  N N     . TYR A 1 103 ? -8.210  -2.999  -2.675  1.00 15.53 ? 102 TYR A N     1 
ATOM   751  C CA    . TYR A 1 103 ? -9.403  -3.775  -2.456  1.00 16.29 ? 102 TYR A CA    1 
ATOM   752  C C     . TYR A 1 103 ? -9.293  -5.110  -3.193  1.00 15.95 ? 102 TYR A C     1 
ATOM   753  O O     . TYR A 1 103 ? -8.329  -5.368  -3.903  1.00 16.27 ? 102 TYR A O     1 
ATOM   754  C CB    . TYR A 1 103 ? -10.641 -2.999  -2.899  1.00 18.07 ? 102 TYR A CB    1 
ATOM   755  C CG    . TYR A 1 103 ? -10.826 -2.774  -4.397  1.00 17.08 ? 102 TYR A CG    1 
ATOM   756  C CD1   . TYR A 1 103 ? -11.689 -3.593  -5.144  1.00 16.80 ? 102 TYR A CD1   1 
ATOM   757  C CD2   . TYR A 1 103 ? -10.197 -1.707  -5.049  1.00 16.73 ? 102 TYR A CD2   1 
ATOM   758  C CE1   . TYR A 1 103 ? -11.888 -3.370  -6.521  1.00 15.91 ? 102 TYR A CE1   1 
ATOM   759  C CE2   . TYR A 1 103 ? -10.391 -1.474  -6.429  1.00 15.88 ? 102 TYR A CE2   1 
ATOM   760  C CZ    . TYR A 1 103 ? -11.232 -2.315  -7.158  1.00 16.11 ? 102 TYR A CZ    1 
ATOM   761  O OH    . TYR A 1 103 ? -11.424 -2.083  -8.503  1.00 13.84 ? 102 TYR A OH    1 
ATOM   762  N N     . ASP A 1 104 ? -10.292 -5.952  -2.996  1.00 16.47 ? 103 ASP A N     1 
ATOM   763  C CA    . ASP A 1 104 ? -10.329 -7.293  -3.539  1.00 16.44 ? 103 ASP A CA    1 
ATOM   764  C C     . ASP A 1 104 ? -11.506 -7.317  -4.531  1.00 14.68 ? 103 ASP A C     1 
ATOM   765  O O     . ASP A 1 104 ? -12.646 -7.055  -4.136  1.00 15.98 ? 103 ASP A O     1 
ATOM   766  C CB    . ASP A 1 104 ? -10.508 -8.238  -2.348  1.00 17.26 ? 103 ASP A CB    1 
ATOM   767  C CG    . ASP A 1 104 ? -10.764 -9.695  -2.728  1.00 17.53 ? 103 ASP A CG    1 
ATOM   768  O OD1   . ASP A 1 104 ? -10.945 -10.058 -3.918  1.00 18.67 ? 103 ASP A OD1   1 
ATOM   769  O OD2   . ASP A 1 104 ? -10.819 -10.488 -1.780  1.00 20.57 ? 103 ASP A OD2   1 
ATOM   770  N N     . ILE A 1 105 ? -11.225 -7.595  -5.812  1.00 14.10 ? 104 ILE A N     1 
ATOM   771  C CA    . ILE A 1 105 ? -12.259 -7.545  -6.868  1.00 12.91 ? 104 ILE A CA    1 
ATOM   772  C C     . ILE A 1 105 ? -13.364 -8.569  -6.619  1.00 13.08 ? 104 ILE A C     1 
ATOM   773  O O     . ILE A 1 105 ? -14.463 -8.459  -7.174  1.00 13.74 ? 104 ILE A O     1 
ATOM   774  C CB    . ILE A 1 105 ? -11.672 -7.727  -8.318  1.00 13.04 ? 104 ILE A CB    1 
ATOM   775  C CG1   . ILE A 1 105 ? -11.205 -9.160  -8.559  1.00 12.89 ? 104 ILE A CG1   1 
ATOM   776  C CG2   . ILE A 1 105 ? -10.495 -6.719  -8.595  1.00 12.76 ? 104 ILE A CG2   1 
ATOM   777  C CD1   . ILE A 1 105 ? -11.172 -9.552  -10.005 1.00 12.99 ? 104 ILE A CD1   1 
ATOM   778  N N     . THR A 1 106 ? -13.044 -9.571  -5.799  1.00 13.46 ? 105 THR A N     1 
ATOM   779  C CA    . THR A 1 106 ? -13.979 -10.598 -5.372  1.00 13.94 ? 105 THR A CA    1 
ATOM   780  C C     . THR A 1 106 ? -14.681 -10.273 -4.030  1.00 15.34 ? 105 THR A C     1 
ATOM   781  O O     . THR A 1 106 ? -15.455 -11.082 -3.531  1.00 15.20 ? 105 THR A O     1 
ATOM   782  C CB    . THR A 1 106 ? -13.298 -11.987 -5.274  1.00 13.45 ? 105 THR A CB    1 
ATOM   783  O OG1   . THR A 1 106 ? -12.491 -12.068 -4.092  1.00 14.01 ? 105 THR A OG1   1 
ATOM   784  C CG2   . THR A 1 106 ? -12.440 -12.265 -6.480  1.00 12.93 ? 105 THR A CG2   1 
ATOM   785  N N     . ASN A 1 107 ? -14.456 -9.086  -3.464  1.00 15.88 ? 106 ASN A N     1 
ATOM   786  C CA    . ASN A 1 107 ? -15.112 -8.733  -2.198  1.00 15.67 ? 106 ASN A CA    1 
ATOM   787  C C     . ASN A 1 107 ? -15.713 -7.318  -2.229  1.00 16.24 ? 106 ASN A C     1 
ATOM   788  O O     . ASN A 1 107 ? -14.994 -6.327  -2.162  1.00 15.63 ? 106 ASN A O     1 
ATOM   789  C CB    . ASN A 1 107 ? -14.118 -8.909  -1.029  1.00 15.49 ? 106 ASN A CB    1 
ATOM   790  C CG    . ASN A 1 107 ? -14.787 -8.788  0.335   1.00 16.48 ? 106 ASN A CG    1 
ATOM   791  O OD1   . ASN A 1 107 ? -14.948 -7.696  0.875   1.00 15.93 ? 106 ASN A OD1   1 
ATOM   792  N ND2   . ASN A 1 107 ? -15.196 -9.918  0.882   1.00 19.18 ? 106 ASN A ND2   1 
ATOM   793  N N     . GLU A 1 108 ? -17.041 -7.234  -2.314  1.00 16.13 ? 107 GLU A N     1 
ATOM   794  C CA    . GLU A 1 108 ? -17.717 -5.945  -2.481  1.00 18.12 ? 107 GLU A CA    1 
ATOM   795  C C     . GLU A 1 108 ? -17.488 -4.971  -1.305  1.00 16.62 ? 107 GLU A C     1 
ATOM   796  O O     . GLU A 1 108 ? -17.307 -3.761  -1.517  1.00 14.69 ? 107 GLU A O     1 
ATOM   797  C CB    . GLU A 1 108 ? -19.214 -6.167  -2.721  1.00 20.56 ? 107 GLU A CB    1 
ATOM   798  C CG    . GLU A 1 108 ? -19.962 -4.924  -3.114  1.00 22.92 ? 107 GLU A CG    1 
ATOM   799  C CD    . GLU A 1 108 ? -21.427 -5.190  -3.411  1.00 24.44 ? 107 GLU A CD    1 
ATOM   800  O OE1   . GLU A 1 108 ? -21.819 -6.359  -3.692  1.00 26.60 ? 107 GLU A OE1   1 
ATOM   801  O OE2   . GLU A 1 108 ? -22.195 -4.222  -3.358  1.00 27.04 ? 107 GLU A OE2   1 
ATOM   802  N N     . GLU A 1 109 ? -17.480 -5.495  -0.083  1.00 14.77 ? 108 GLU A N     1 
ATOM   803  C CA    . GLU A 1 109 ? -17.277 -4.675  1.102   1.00 15.44 ? 108 GLU A CA    1 
ATOM   804  C C     . GLU A 1 109 ? -15.911 -3.983  1.061   1.00 14.86 ? 108 GLU A C     1 
ATOM   805  O O     . GLU A 1 109 ? -15.778 -2.804  1.454   1.00 14.70 ? 108 GLU A O     1 
ATOM   806  C CB    . GLU A 1 109 ? -17.376 -5.516  2.370   1.00 16.31 ? 108 GLU A CB    1 
ATOM   807  C CG    . GLU A 1 109 ? -17.010 -4.734  3.645   1.00 17.27 ? 108 GLU A CG    1 
ATOM   808  N N     . SER A 1 110 ? -14.899 -4.697  0.570   1.00 15.15 ? 109 SER A N     1 
ATOM   809  C CA    . SER A 1 110 ? -13.548 -4.136  0.516   1.00 15.60 ? 109 SER A CA    1 
ATOM   810  C C     . SER A 1 110 ? -13.545 -2.907  -0.398  1.00 15.25 ? 109 SER A C     1 
ATOM   811  O O     . SER A 1 110 ? -12.854 -1.912  -0.110  1.00 17.87 ? 109 SER A O     1 
ATOM   812  C CB    . SER A 1 110 ? -12.510 -5.195  0.061   1.00 14.85 ? 109 SER A CB    1 
ATOM   813  O OG    . SER A 1 110 ? -12.572 -5.459  -1.331  1.00 14.55 ? 109 SER A OG    1 
ATOM   814  N N     . PHE A 1 111 ? -14.337 -2.970  -1.471  1.00 15.00 ? 110 PHE A N     1 
ATOM   815  C CA    . PHE A 1 111 ? -14.488 -1.848  -2.400  1.00 15.02 ? 110 PHE A CA    1 
ATOM   816  C C     . PHE A 1 111 ? -15.315 -0.735  -1.795  1.00 15.73 ? 110 PHE A C     1 
ATOM   817  O O     . PHE A 1 111 ? -15.053 0.424   -2.049  1.00 15.50 ? 110 PHE A O     1 
ATOM   818  C CB    . PHE A 1 111 ? -15.128 -2.302  -3.721  1.00 16.66 ? 110 PHE A CB    1 
ATOM   819  C CG    . PHE A 1 111 ? -15.259 -1.210  -4.736  1.00 16.76 ? 110 PHE A CG    1 
ATOM   820  C CD1   . PHE A 1 111 ? -14.129 -0.610  -5.275  1.00 17.15 ? 110 PHE A CD1   1 
ATOM   821  C CD2   . PHE A 1 111 ? -16.504 -0.770  -5.149  1.00 17.70 ? 110 PHE A CD2   1 
ATOM   822  C CE1   . PHE A 1 111 ? -14.236 0.394   -6.219  1.00 16.53 ? 110 PHE A CE1   1 
ATOM   823  C CE2   . PHE A 1 111 ? -16.620 0.246   -6.091  1.00 18.49 ? 110 PHE A CE2   1 
ATOM   824  C CZ    . PHE A 1 111 ? -15.476 0.829   -6.617  1.00 17.97 ? 110 PHE A CZ    1 
ATOM   825  N N     . ASN A 1 112 ? -16.326 -1.086  -1.010  1.00 17.31 ? 111 ASN A N     1 
ATOM   826  C CA    . ASN A 1 112 ? -17.164 -0.085  -0.367  1.00 19.31 ? 111 ASN A CA    1 
ATOM   827  C C     . ASN A 1 112 ? -16.394 0.698   0.686   1.00 18.96 ? 111 ASN A C     1 
ATOM   828  O O     . ASN A 1 112 ? -16.774 1.808   1.013   1.00 20.13 ? 111 ASN A O     1 
ATOM   829  C CB    . ASN A 1 112 ? -18.405 -0.723  0.273   1.00 20.58 ? 111 ASN A CB    1 
ATOM   830  C CG    . ASN A 1 112 ? -19.391 -1.243  -0.755  1.00 20.75 ? 111 ASN A CG    1 
ATOM   831  O OD1   . ASN A 1 112 ? -19.575 -0.649  -1.813  1.00 21.88 ? 111 ASN A OD1   1 
ATOM   832  N ND2   . ASN A 1 112 ? -20.026 -2.364  -0.441  1.00 21.58 ? 111 ASN A ND2   1 
ATOM   833  N N     . ALA A 1 113 ? -15.325 0.105   1.210   1.00 18.76 ? 112 ALA A N     1 
ATOM   834  C CA    . ALA A 1 113 ? -14.485 0.752   2.214   1.00 17.87 ? 112 ALA A CA    1 
ATOM   835  C C     . ALA A 1 113 ? -13.528 1.806   1.642   1.00 17.96 ? 112 ALA A C     1 
ATOM   836  O O     . ALA A 1 113 ? -12.864 2.517   2.407   1.00 19.07 ? 112 ALA A O     1 
ATOM   837  C CB    . ALA A 1 113 ? -13.692 -0.298  2.951   1.00 16.28 ? 112 ALA A CB    1 
ATOM   838  N N     . VAL A 1 114 ? -13.439 1.905   0.319   1.00 17.34 ? 113 VAL A N     1 
ATOM   839  C CA    . VAL A 1 114 ? -12.407 2.724   -0.323  1.00 18.14 ? 113 VAL A CA    1 
ATOM   840  C C     . VAL A 1 114 ? -12.533 4.206   -0.012  1.00 16.64 ? 113 VAL A C     1 
ATOM   841  O O     . VAL A 1 114 ? -11.533 4.850   0.236   1.00 15.39 ? 113 VAL A O     1 
ATOM   842  C CB    . VAL A 1 114 ? -12.379 2.515   -1.855  1.00 18.16 ? 113 VAL A CB    1 
ATOM   843  C CG1   . VAL A 1 114 ? -11.578 3.630   -2.535  1.00 16.71 ? 113 VAL A CG1   1 
ATOM   844  C CG2   . VAL A 1 114 ? -11.784 1.113   -2.194  1.00 16.29 ? 113 VAL A CG2   1 
ATOM   845  N N     . GLN A 1 115 ? -13.754 4.745   -0.047  1.00 16.17 ? 114 GLN A N     1 
ATOM   846  C CA    . GLN A 1 115 ? -13.997 6.142   0.355   1.00 16.74 ? 114 GLN A CA    1 
ATOM   847  C C     . GLN A 1 115 ? -13.415 6.384   1.754   1.00 18.15 ? 114 GLN A C     1 
ATOM   848  O O     . GLN A 1 115 ? -12.682 7.348   1.994   1.00 15.81 ? 114 GLN A O     1 
ATOM   849  C CB    . GLN A 1 115 ? -15.511 6.457   0.325   1.00 16.31 ? 114 GLN A CB    1 
ATOM   850  N N     . ASP A 1 116 ? -13.675 5.443   2.652   1.00 20.10 ? 115 ASP A N     1 
ATOM   851  C CA    . ASP A 1 116 ? -13.185 5.533   4.029   1.00 21.64 ? 115 ASP A CA    1 
ATOM   852  C C     . ASP A 1 116 ? -11.657 5.475   4.168   1.00 19.59 ? 115 ASP A C     1 
ATOM   853  O O     . ASP A 1 116 ? -11.065 6.164   5.011   1.00 17.11 ? 115 ASP A O     1 
ATOM   854  C CB    . ASP A 1 116 ? -13.864 4.463   4.868   1.00 24.00 ? 115 ASP A CB    1 
ATOM   855  C CG    . ASP A 1 116 ? -15.381 4.551   4.775   1.00 26.16 ? 115 ASP A CG    1 
ATOM   856  O OD1   . ASP A 1 116 ? -15.979 5.237   5.626   1.00 28.56 ? 115 ASP A OD1   1 
ATOM   857  O OD2   . ASP A 1 116 ? -15.972 3.988   3.810   1.00 27.86 ? 115 ASP A OD2   1 
ATOM   858  N N     . TRP A 1 117 ? -11.013 4.670   3.328   1.00 19.30 ? 116 TRP A N     1 
ATOM   859  C CA    . TRP A 1 117 ? -9.557  4.606   3.318   1.00 18.32 ? 116 TRP A CA    1 
ATOM   860  C C     . TRP A 1 117 ? -8.988  5.897   2.717   1.00 18.71 ? 116 TRP A C     1 
ATOM   861  O O     . TRP A 1 117 ? -7.923  6.386   3.150   1.00 16.87 ? 116 TRP A O     1 
ATOM   862  C CB    . TRP A 1 117 ? -9.069  3.369   2.563   1.00 17.68 ? 116 TRP A CB    1 
ATOM   863  C CG    . TRP A 1 117 ? -9.241  2.065   3.323   1.00 16.89 ? 116 TRP A CG    1 
ATOM   864  C CD1   . TRP A 1 117 ? -10.091 1.034   3.010   1.00 17.90 ? 116 TRP A CD1   1 
ATOM   865  C CD2   . TRP A 1 117 ? -8.551  1.660   4.507   1.00 16.91 ? 116 TRP A CD2   1 
ATOM   866  N NE1   . TRP A 1 117 ? -9.967  0.015   3.928   1.00 16.86 ? 116 TRP A NE1   1 
ATOM   867  C CE2   . TRP A 1 117 ? -9.026  0.375   4.854   1.00 17.10 ? 116 TRP A CE2   1 
ATOM   868  C CE3   . TRP A 1 117 ? -7.586  2.260   5.317   1.00 16.27 ? 116 TRP A CE3   1 
ATOM   869  C CZ2   . TRP A 1 117 ? -8.568  -0.311  5.978   1.00 18.00 ? 116 TRP A CZ2   1 
ATOM   870  C CZ3   . TRP A 1 117 ? -7.132  1.575   6.438   1.00 17.23 ? 116 TRP A CZ3   1 
ATOM   871  C CH2   . TRP A 1 117 ? -7.617  0.297   6.751   1.00 16.81 ? 116 TRP A CH2   1 
ATOM   872  N N     . ALA A 1 118 ? -9.699  6.444   1.729   1.00 20.44 ? 117 ALA A N     1 
ATOM   873  C CA    . ALA A 1 118 ? -9.335  7.720   1.078   1.00 21.35 ? 117 ALA A CA    1 
ATOM   874  C C     . ALA A 1 118 ? -9.286  8.852   2.084   1.00 21.55 ? 117 ALA A C     1 
ATOM   875  O O     . ALA A 1 118 ? -8.366  9.693   2.058   1.00 22.30 ? 117 ALA A O     1 
ATOM   876  C CB    . ALA A 1 118 ? -10.341 8.061   -0.044  1.00 20.22 ? 117 ALA A CB    1 
ATOM   877  N N     . THR A 1 119 ? -10.288 8.885   2.965   1.00 22.04 ? 118 THR A N     1 
ATOM   878  C CA    . THR A 1 119 ? -10.362 9.920   4.001   1.00 22.85 ? 118 THR A CA    1 
ATOM   879  C C     . THR A 1 119 ? -9.168  9.735   4.944   1.00 23.64 ? 118 THR A C     1 
ATOM   880  O O     . THR A 1 119 ? -8.490  10.697  5.304   1.00 24.01 ? 118 THR A O     1 
ATOM   881  C CB    . THR A 1 119 ? -11.730 9.881   4.761   1.00 22.65 ? 118 THR A CB    1 
ATOM   882  O OG1   . THR A 1 119 ? -12.805 10.161  3.844   1.00 20.84 ? 118 THR A OG1   1 
ATOM   883  C CG2   . THR A 1 119 ? -11.766 10.902  5.907   1.00 22.45 ? 118 THR A CG2   1 
ATOM   884  N N     . GLN A 1 120 ? -8.894  8.478   5.290   1.00 24.11 ? 119 GLN A N     1 
ATOM   885  C CA    . GLN A 1 120 ? -7.765  8.124   6.136   1.00 23.84 ? 119 GLN A CA    1 
ATOM   886  C C     . GLN A 1 120 ? -6.464  8.749   5.609   1.00 24.21 ? 119 GLN A C     1 
ATOM   887  O O     . GLN A 1 120 ? -5.753  9.427   6.362   1.00 25.24 ? 119 GLN A O     1 
ATOM   888  C CB    . GLN A 1 120 ? -7.661  6.598   6.232   1.00 24.52 ? 119 GLN A CB    1 
ATOM   889  C CG    . GLN A 1 120 ? -6.631  6.082   7.232   1.00 24.86 ? 119 GLN A CG    1 
ATOM   890  C CD    . GLN A 1 120 ? -6.858  6.623   8.629   1.00 25.99 ? 119 GLN A CD    1 
ATOM   891  O OE1   . GLN A 1 120 ? -7.999  6.958   9.005   1.00 26.25 ? 119 GLN A OE1   1 
ATOM   892  N NE2   . GLN A 1 120 ? -5.771  6.739   9.411   1.00 24.88 ? 119 GLN A NE2   1 
ATOM   893  N N     . ILE A 1 121 ? -6.192  8.553   4.314   1.00 23.89 ? 120 ILE A N     1 
ATOM   894  C CA    . ILE A 1 121 ? -4.995  9.093   3.635   1.00 25.40 ? 120 ILE A CA    1 
ATOM   895  C C     . ILE A 1 121 ? -4.828  10.607  3.766   1.00 26.67 ? 120 ILE A C     1 
ATOM   896  O O     . ILE A 1 121 ? -3.715  11.087  3.989   1.00 26.79 ? 120 ILE A O     1 
ATOM   897  C CB    . ILE A 1 121 ? -5.008  8.800   2.106   1.00 25.08 ? 120 ILE A CB    1 
ATOM   898  C CG1   . ILE A 1 121 ? -4.920  7.298   1.824   1.00 25.89 ? 120 ILE A CG1   1 
ATOM   899  C CG2   . ILE A 1 121 ? -3.903  9.582   1.378   1.00 23.40 ? 120 ILE A CG2   1 
ATOM   900  C CD1   . ILE A 1 121 ? -3.998  6.604   2.679   1.00 29.61 ? 120 ILE A CD1   1 
ATOM   901  N N     . LYS A 1 122 ? -5.922  11.346  3.598   1.00 29.48 ? 121 LYS A N     1 
ATOM   902  C CA    . LYS A 1 122 ? -5.878  12.815  3.583   1.00 32.06 ? 121 LYS A CA    1 
ATOM   903  C C     . LYS A 1 122 ? -5.676  13.409  4.981   1.00 34.10 ? 121 LYS A C     1 
ATOM   904  O O     . LYS A 1 122 ? -4.968  14.418  5.153   1.00 32.63 ? 121 LYS A O     1 
ATOM   905  C CB    . LYS A 1 122 ? -7.174  13.371  2.985   1.00 33.08 ? 121 LYS A CB    1 
ATOM   906  C CG    . LYS A 1 122 ? -7.425  12.923  1.545   1.00 34.06 ? 121 LYS A CG    1 
ATOM   907  C CD    . LYS A 1 122 ? -6.538  13.656  0.546   1.00 34.66 ? 121 LYS A CD    1 
ATOM   908  C CE    . LYS A 1 122 ? -7.065  15.045  0.244   1.00 34.89 ? 121 LYS A CE    1 
ATOM   909  N NZ    . LYS A 1 122 ? -8.444  14.996  -0.304  1.00 36.06 ? 121 LYS A NZ    1 
ATOM   910  N N     . THR A 1 123 ? -6.343  12.791  5.955   1.00 35.35 ? 122 THR A N     1 
ATOM   911  C CA    . THR A 1 123 ? -6.291  13.183  7.358   1.00 35.48 ? 122 THR A CA    1 
ATOM   912  C C     . THR A 1 123 ? -4.874  13.086  7.892   1.00 35.17 ? 122 THR A C     1 
ATOM   913  O O     . THR A 1 123 ? -4.281  14.078  8.310   1.00 33.89 ? 122 THR A O     1 
ATOM   914  C CB    . THR A 1 123 ? -7.198  12.245  8.193   1.00 35.59 ? 122 THR A CB    1 
ATOM   915  O OG1   . THR A 1 123 ? -8.560  12.440  7.807   1.00 36.27 ? 122 THR A OG1   1 
ATOM   916  C CG2   . THR A 1 123 ? -7.048  12.498  9.684   1.00 35.85 ? 122 THR A CG2   1 
ATOM   917  N N     . TYR A 1 124 ? -4.326  11.882  7.834   1.00 36.62 ? 123 TYR A N     1 
ATOM   918  C CA    . TYR A 1 124 ? -3.123  11.531  8.586   1.00 37.03 ? 123 TYR A CA    1 
ATOM   919  C C     . TYR A 1 124 ? -1.779  11.726  7.850   1.00 36.86 ? 123 TYR A C     1 
ATOM   920  O O     . TYR A 1 124 ? -0.742  11.808  8.512   1.00 38.28 ? 123 TYR A O     1 
ATOM   921  C CB    . TYR A 1 124 ? -3.243  10.077  9.062   1.00 37.05 ? 123 TYR A CB    1 
ATOM   922  C CG    . TYR A 1 124 ? -4.489  9.796   9.870   1.00 36.75 ? 123 TYR A CG    1 
ATOM   923  C CD1   . TYR A 1 124 ? -4.671  10.380  11.117  1.00 37.19 ? 123 TYR A CD1   1 
ATOM   924  N N     . SER A 1 125 ? -1.790  11.808  6.508   1.00 35.37 ? 124 SER A N     1 
ATOM   925  C CA    . SER A 1 125 ? -0.543  11.792  5.706   1.00 34.89 ? 124 SER A CA    1 
ATOM   926  C C     . SER A 1 125 ? -0.246  13.081  4.922   1.00 36.65 ? 124 SER A C     1 
ATOM   927  O O     . SER A 1 125 ? -1.065  13.986  4.871   1.00 37.46 ? 124 SER A O     1 
ATOM   928  C CB    . SER A 1 125 ? -0.550  10.593  4.752   1.00 33.39 ? 124 SER A CB    1 
ATOM   929  O OG    . SER A 1 125 ? -0.906  9.416   5.465   1.00 31.89 ? 124 SER A OG    1 
ATOM   930  N N     . TRP A 1 126 ? 0.951   13.131  4.325   1.00 37.26 ? 125 TRP A N     1 
ATOM   931  C CA    . TRP A 1 126 ? 1.437   14.282  3.558   1.00 37.72 ? 125 TRP A CA    1 
ATOM   932  C C     . TRP A 1 126 ? 0.417   14.792  2.537   1.00 37.09 ? 125 TRP A C     1 
ATOM   933  O O     . TRP A 1 126 ? -0.210  13.996  1.827   1.00 35.85 ? 125 TRP A O     1 
ATOM   934  C CB    . TRP A 1 126 ? 2.733   13.882  2.842   1.00 39.28 ? 125 TRP A CB    1 
ATOM   935  C CG    . TRP A 1 126 ? 3.290   14.909  1.910   1.00 41.33 ? 125 TRP A CG    1 
ATOM   936  C CD1   . TRP A 1 126 ? 3.344   16.261  2.109   1.00 42.51 ? 125 TRP A CD1   1 
ATOM   937  C CD2   . TRP A 1 126 ? 3.906   14.665  0.638   1.00 42.39 ? 125 TRP A CD2   1 
ATOM   938  N NE1   . TRP A 1 126 ? 3.940   16.875  1.030   1.00 42.91 ? 125 TRP A NE1   1 
ATOM   939  C CE2   . TRP A 1 126 ? 4.300   15.918  0.115   1.00 43.06 ? 125 TRP A CE2   1 
ATOM   940  C CE3   . TRP A 1 126 ? 4.156   13.510  -0.115  1.00 42.67 ? 125 TRP A CE3   1 
ATOM   941  C CZ2   . TRP A 1 126 ? 4.933   16.048  -1.131  1.00 43.51 ? 125 TRP A CZ2   1 
ATOM   942  C CZ3   . TRP A 1 126 ? 4.785   13.634  -1.348  1.00 43.14 ? 125 TRP A CZ3   1 
ATOM   943  C CH2   . TRP A 1 126 ? 5.168   14.898  -1.845  1.00 44.00 ? 125 TRP A CH2   1 
ATOM   944  N N     . ASP A 1 127 ? 0.274   16.121  2.469   1.00 36.27 ? 126 ASP A N     1 
ATOM   945  C CA    . ASP A 1 127 ? -0.665  16.793  1.566   1.00 35.78 ? 126 ASP A CA    1 
ATOM   946  C C     . ASP A 1 127 ? -0.631  16.278  0.122   1.00 35.25 ? 126 ASP A C     1 
ATOM   947  O O     . ASP A 1 127 ? -1.684  16.076  -0.496  1.00 35.27 ? 126 ASP A O     1 
ATOM   948  C CB    . ASP A 1 127 ? -0.408  18.319  1.563   1.00 35.78 ? 126 ASP A CB    1 
ATOM   949  N N     . ASN A 1 128 ? 0.574   16.086  -0.412  1.00 33.93 ? 127 ASN A N     1 
ATOM   950  C CA    . ASN A 1 128 ? 0.751   15.684  -1.814  1.00 32.62 ? 127 ASN A CA    1 
ATOM   951  C C     . ASN A 1 128 ? 1.005   14.178  -1.997  1.00 30.68 ? 127 ASN A C     1 
ATOM   952  O O     . ASN A 1 128 ? 1.536   13.755  -3.033  1.00 30.86 ? 127 ASN A O     1 
ATOM   953  C CB    . ASN A 1 128 ? 1.896   16.482  -2.443  1.00 32.26 ? 127 ASN A CB    1 
ATOM   954  N N     . ALA A 1 129 ? 0.618   13.367  -1.004  1.00 28.37 ? 128 ALA A N     1 
ATOM   955  C CA    . ALA A 1 129 ? 0.860   11.931  -1.067  1.00 25.17 ? 128 ALA A CA    1 
ATOM   956  C C     . ALA A 1 129 ? 0.099   11.333  -2.243  1.00 22.74 ? 128 ALA A C     1 
ATOM   957  O O     . ALA A 1 129 ? -1.116  11.503  -2.345  1.00 22.48 ? 128 ALA A O     1 
ATOM   958  C CB    . ALA A 1 129 ? 0.460   11.232  0.261   1.00 24.53 ? 128 ALA A CB    1 
ATOM   959  N N     . GLN A 1 130 ? 0.822   10.645  -3.125  1.00 19.53 ? 129 GLN A N     1 
ATOM   960  C CA    . GLN A 1 130 ? 0.228   10.004  -4.304  1.00 18.16 ? 129 GLN A CA    1 
ATOM   961  C C     . GLN A 1 130 ? -0.392  8.651   -3.968  1.00 16.34 ? 129 GLN A C     1 
ATOM   962  O O     . GLN A 1 130 ? 0.147   7.901   -3.163  1.00 13.96 ? 129 GLN A O     1 
ATOM   963  C CB    . GLN A 1 130 ? 1.297   9.816   -5.357  1.00 19.05 ? 129 GLN A CB    1 
ATOM   964  C CG    . GLN A 1 130 ? 1.872   11.147  -5.826  1.00 20.74 ? 129 GLN A CG    1 
ATOM   965  C CD    . GLN A 1 130 ? 0.789   12.086  -6.259  1.00 21.95 ? 129 GLN A CD    1 
ATOM   966  O OE1   . GLN A 1 130 ? 0.146   11.862  -7.279  1.00 23.16 ? 129 GLN A OE1   1 
ATOM   967  N NE2   . GLN A 1 130 ? 0.554   13.142  -5.473  1.00 23.19 ? 129 GLN A NE2   1 
ATOM   968  N N     . VAL A 1 131 ? -1.528  8.346   -4.590  1.00 15.15 ? 130 VAL A N     1 
ATOM   969  C CA    . VAL A 1 131 ? -2.262  7.121   -4.286  1.00 16.20 ? 130 VAL A CA    1 
ATOM   970  C C     . VAL A 1 131 ? -2.581  6.329   -5.554  1.00 15.93 ? 130 VAL A C     1 
ATOM   971  O O     . VAL A 1 131 ? -3.011  6.914   -6.562  1.00 16.42 ? 130 VAL A O     1 
ATOM   972  C CB    . VAL A 1 131 ? -3.597  7.406   -3.561  1.00 17.03 ? 130 VAL A CB    1 
ATOM   973  C CG1   . VAL A 1 131 ? -4.321  6.078   -3.255  1.00 14.13 ? 130 VAL A CG1   1 
ATOM   974  C CG2   . VAL A 1 131 ? -3.367  8.227   -2.298  1.00 17.85 ? 130 VAL A CG2   1 
ATOM   975  N N     . ILE A 1 132 ? -2.353  5.011   -5.491  1.00 16.89 ? 131 ILE A N     1 
ATOM   976  C CA    . ILE A 1 132 ? -2.824  4.078   -6.499  1.00 16.77 ? 131 ILE A CA    1 
ATOM   977  C C     . ILE A 1 132 ? -3.890  3.159   -5.884  1.00 16.31 ? 131 ILE A C     1 
ATOM   978  O O     . ILE A 1 132 ? -3.631  2.430   -4.910  1.00 13.59 ? 131 ILE A O     1 
ATOM   979  C CB    . ILE A 1 132 ? -1.709  3.193   -7.064  1.00 18.93 ? 131 ILE A CB    1 
ATOM   980  C CG1   . ILE A 1 132 ? -0.473  4.024   -7.416  1.00 21.36 ? 131 ILE A CG1   1 
ATOM   981  C CG2   . ILE A 1 132 ? -2.204  2.454   -8.324  1.00 18.57 ? 131 ILE A CG2   1 
ATOM   982  C CD1   . ILE A 1 132 ? 0.438   3.338   -8.405  1.00 22.89 ? 131 ILE A CD1   1 
ATOM   983  N N     . LEU A 1 133 ? -5.080  3.202   -6.473  1.00 14.98 ? 132 LEU A N     1 
ATOM   984  C CA    . LEU A 1 133 ? -6.159  2.280   -6.149  1.00 15.14 ? 132 LEU A CA    1 
ATOM   985  C C     . LEU A 1 133 ? -5.886  0.988   -6.887  1.00 14.82 ? 132 LEU A C     1 
ATOM   986  O O     . LEU A 1 133 ? -5.821  0.994   -8.103  1.00 16.13 ? 132 LEU A O     1 
ATOM   987  C CB    . LEU A 1 133 ? -7.505  2.845   -6.611  1.00 14.90 ? 132 LEU A CB    1 
ATOM   988  C CG    . LEU A 1 133 ? -8.741  1.995   -6.262  1.00 14.53 ? 132 LEU A CG    1 
ATOM   989  C CD1   . LEU A 1 133 ? -8.871  1.908   -4.757  1.00 13.14 ? 132 LEU A CD1   1 
ATOM   990  C CD2   . LEU A 1 133 ? -10.001 2.576   -6.879  1.00 15.65 ? 132 LEU A CD2   1 
ATOM   991  N N     . VAL A 1 134 ? -5.753  -0.118  -6.164  1.00 15.48 ? 133 VAL A N     1 
ATOM   992  C CA    . VAL A 1 134 ? -5.486  -1.407  -6.795  1.00 14.07 ? 133 VAL A CA    1 
ATOM   993  C C     . VAL A 1 134 ? -6.602  -2.394  -6.450  1.00 14.49 ? 133 VAL A C     1 
ATOM   994  O O     . VAL A 1 134 ? -6.909  -2.629  -5.260  1.00 12.33 ? 133 VAL A O     1 
ATOM   995  C CB    . VAL A 1 134 ? -4.081  -1.926  -6.419  1.00 15.23 ? 133 VAL A CB    1 
ATOM   996  C CG1   . VAL A 1 134 ? -3.847  -3.369  -6.942  1.00 11.56 ? 133 VAL A CG1   1 
ATOM   997  C CG2   . VAL A 1 134 ? -2.994  -0.913  -6.963  1.00 13.57 ? 133 VAL A CG2   1 
ATOM   998  N N     . GLY A 1 135 ? -7.263  -2.890  -7.503  1.00 14.24 ? 134 GLY A N     1 
ATOM   999  C CA    . GLY A 1 135 ? -8.167  -4.017  -7.385  1.00 14.85 ? 134 GLY A CA    1 
ATOM   1000 C C     . GLY A 1 135 ? -7.382  -5.304  -7.455  1.00 13.86 ? 134 GLY A C     1 
ATOM   1001 O O     . GLY A 1 135 ? -7.026  -5.748  -8.524  1.00 12.53 ? 134 GLY A O     1 
ATOM   1002 N N     . ASN A 1 136 ? -7.112  -5.905  -6.305  1.00 15.27 ? 135 ASN A N     1 
ATOM   1003 C CA    . ASN A 1 136 ? -6.310  -7.128  -6.243  1.00 15.62 ? 135 ASN A CA    1 
ATOM   1004 C C     . ASN A 1 136 ? -7.136  -8.413  -6.471  1.00 15.63 ? 135 ASN A C     1 
ATOM   1005 O O     . ASN A 1 136 ? -8.364  -8.396  -6.402  1.00 15.83 ? 135 ASN A O     1 
ATOM   1006 C CB    . ASN A 1 136 ? -5.597  -7.220  -4.894  1.00 14.63 ? 135 ASN A CB    1 
ATOM   1007 C CG    . ASN A 1 136 ? -4.576  -8.319  -4.858  1.00 15.99 ? 135 ASN A CG    1 
ATOM   1008 O OD1   . ASN A 1 136 ? -3.864  -8.525  -5.849  1.00 14.59 ? 135 ASN A OD1   1 
ATOM   1009 N ND2   . ASN A 1 136 ? -4.511  -9.064  -3.738  1.00 12.54 ? 135 ASN A ND2   1 
ATOM   1010 N N     . LYS A 1 137 ? -6.434  -9.507  -6.730  1.00 15.64 ? 136 LYS A N     1 
ATOM   1011 C CA    . LYS A 1 137 ? -7.026  -10.843 -6.940  1.00 15.66 ? 136 LYS A CA    1 
ATOM   1012 C C     . LYS A 1 137 ? -7.678  -10.923 -8.320  1.00 16.24 ? 136 LYS A C     1 
ATOM   1013 O O     . LYS A 1 137 ? -8.649  -11.671 -8.518  1.00 13.94 ? 136 LYS A O     1 
ATOM   1014 C CB    . LYS A 1 137 ? -8.026  -11.257 -5.820  1.00 14.68 ? 136 LYS A CB    1 
ATOM   1015 C CG    . LYS A 1 137 ? -7.491  -11.106 -4.365  1.00 16.30 ? 136 LYS A CG    1 
ATOM   1016 C CD    . LYS A 1 137 ? -8.218  -12.011 -3.352  1.00 15.25 ? 136 LYS A CD    1 
ATOM   1017 C CE    . LYS A 1 137 ? -7.888  -11.598 -1.929  1.00 16.37 ? 136 LYS A CE    1 
ATOM   1018 N NZ    . LYS A 1 137 ? -8.641  -12.334 -0.885  1.00 16.51 ? 136 LYS A NZ    1 
ATOM   1019 N N     . CYS A 1 138 ? -7.115  -10.184 -9.288  1.00 16.98 ? 137 CYS A N     1 
ATOM   1020 C CA    . CYS A 1 138 ? -7.677  -10.166 -10.638 1.00 18.14 ? 137 CYS A CA    1 
ATOM   1021 C C     . CYS A 1 138 ? -7.527  -11.514 -11.342 1.00 18.14 ? 137 CYS A C     1 
ATOM   1022 O O     . CYS A 1 138 ? -8.183  -11.761 -12.348 1.00 18.45 ? 137 CYS A O     1 
ATOM   1023 C CB    . CYS A 1 138 ? -7.102  -9.009  -11.475 1.00 19.20 ? 137 CYS A CB    1 
ATOM   1024 S SG    . CYS A 1 138 ? -5.442  -9.261  -12.102 1.00 21.60 ? 137 CYS A SG    1 
ATOM   1025 N N     . ASP A 1 139 ? -6.700  -12.408 -10.790 1.00 17.97 ? 138 ASP A N     1 
ATOM   1026 C CA    . ASP A 1 139 ? -6.656  -13.807 -11.251 1.00 18.90 ? 138 ASP A CA    1 
ATOM   1027 C C     . ASP A 1 139 ? -7.974  -14.582 -11.017 1.00 19.18 ? 138 ASP A C     1 
ATOM   1028 O O     . ASP A 1 139 ? -8.212  -15.591 -11.674 1.00 21.43 ? 138 ASP A O     1 
ATOM   1029 C CB    . ASP A 1 139 ? -5.519  -14.562 -10.581 1.00 19.32 ? 138 ASP A CB    1 
ATOM   1030 C CG    . ASP A 1 139 ? -5.662  -14.615 -9.054  1.00 19.36 ? 138 ASP A CG    1 
ATOM   1031 O OD1   . ASP A 1 139 ? -5.560  -13.544 -8.411  1.00 17.83 ? 138 ASP A OD1   1 
ATOM   1032 O OD2   . ASP A 1 139 ? -5.873  -15.715 -8.504  1.00 18.54 ? 138 ASP A OD2   1 
ATOM   1033 N N     . MET A 1 140 ? -8.816  -14.120 -10.091 1.00 18.54 ? 139 MET A N     1 
ATOM   1034 C CA    . MET A 1 140 ? -10.049 -14.837 -9.735  1.00 18.88 ? 139 MET A CA    1 
ATOM   1035 C C     . MET A 1 140 ? -11.283 -14.298 -10.488 1.00 16.80 ? 139 MET A C     1 
ATOM   1036 O O     . MET A 1 140 ? -12.266 -13.947 -9.864  1.00 15.50 ? 139 MET A O     1 
ATOM   1037 C CB    . MET A 1 140 ? -10.298 -14.737 -8.223  1.00 19.52 ? 139 MET A CB    1 
ATOM   1038 C CG    . MET A 1 140 ? -9.173  -15.294 -7.350  1.00 21.85 ? 139 MET A CG    1 
ATOM   1039 S SD    . MET A 1 140 ? -8.838  -17.027 -7.690  1.00 24.70 ? 139 MET A SD    1 
ATOM   1040 C CE    . MET A 1 140 ? -10.396 -17.801 -7.210  1.00 25.60 ? 139 MET A CE    1 
ATOM   1041 N N     . GLU A 1 141 ? -11.224 -14.239 -11.818 1.00 18.36 ? 140 GLU A N     1 
ATOM   1042 C CA    . GLU A 1 141 ? -12.302 -13.608 -12.614 1.00 20.28 ? 140 GLU A CA    1 
ATOM   1043 C C     . GLU A 1 141 ? -13.668 -14.220 -12.328 1.00 19.15 ? 140 GLU A C     1 
ATOM   1044 O O     . GLU A 1 141 ? -14.686 -13.511 -12.251 1.00 17.66 ? 140 GLU A O     1 
ATOM   1045 C CB    . GLU A 1 141 ? -12.016 -13.700 -14.121 1.00 23.07 ? 140 GLU A CB    1 
ATOM   1046 C CG    . GLU A 1 141 ? -11.147 -12.572 -14.683 1.00 25.96 ? 140 GLU A CG    1 
ATOM   1047 C CD    . GLU A 1 141 ? -11.869 -11.215 -14.757 1.00 27.76 ? 140 GLU A CD    1 
ATOM   1048 O OE1   . GLU A 1 141 ? -12.994 -11.062 -14.200 1.00 30.17 ? 140 GLU A OE1   1 
ATOM   1049 O OE2   . GLU A 1 141 ? -11.309 -10.295 -15.381 1.00 27.47 ? 140 GLU A OE2   1 
ATOM   1050 N N     . GLU A 1 142 ? -13.678 -15.536 -12.155 1.00 17.96 ? 141 GLU A N     1 
ATOM   1051 C CA    . GLU A 1 142 ? -14.907 -16.273 -11.891 1.00 17.81 ? 141 GLU A CA    1 
ATOM   1052 C C     . GLU A 1 142 ? -15.590 -15.837 -10.599 1.00 15.68 ? 141 GLU A C     1 
ATOM   1053 O O     . GLU A 1 142 ? -16.780 -16.068 -10.435 1.00 15.59 ? 141 GLU A O     1 
ATOM   1054 C CB    . GLU A 1 142 ? -14.654 -17.798 -11.893 1.00 20.25 ? 141 GLU A CB    1 
ATOM   1055 C CG    . GLU A 1 142 ? -13.832 -18.372 -10.708 1.00 22.79 ? 141 GLU A CG    1 
ATOM   1056 C CD    . GLU A 1 142 ? -12.284 -18.294 -10.860 1.00 24.87 ? 141 GLU A CD    1 
ATOM   1057 O OE1   . GLU A 1 142 ? -11.760 -17.658 -11.812 1.00 25.19 ? 141 GLU A OE1   1 
ATOM   1058 O OE2   . GLU A 1 142 ? -11.593 -18.892 -9.998  1.00 26.77 ? 141 GLU A OE2   1 
ATOM   1059 N N     . GLU A 1 143 ? -14.843 -15.214 -9.682  1.00 14.70 ? 142 GLU A N     1 
ATOM   1060 C CA    . GLU A 1 143 ? -15.416 -14.746 -8.420  1.00 14.18 ? 142 GLU A CA    1 
ATOM   1061 C C     . GLU A 1 143 ? -15.559 -13.215 -8.337  1.00 14.13 ? 142 GLU A C     1 
ATOM   1062 O O     . GLU A 1 143 ? -15.900 -12.669 -7.287  1.00 14.26 ? 142 GLU A O     1 
ATOM   1063 C CB    . GLU A 1 143 ? -14.581 -15.265 -7.248  1.00 14.12 ? 142 GLU A CB    1 
ATOM   1064 C CG    . GLU A 1 143 ? -14.409 -16.778 -7.282  1.00 14.79 ? 142 GLU A CG    1 
ATOM   1065 N N     . ARG A 1 144 ? -15.329 -12.520 -9.437  1.00 15.35 ? 143 ARG A N     1 
ATOM   1066 C CA    . ARG A 1 144 ? -15.466 -11.073 -9.413  1.00 15.02 ? 143 ARG A CA    1 
ATOM   1067 C C     . ARG A 1 144 ? -16.911 -10.685 -9.041  1.00 14.83 ? 143 ARG A C     1 
ATOM   1068 O O     . ARG A 1 144 ? -17.895 -11.312 -9.508  1.00 14.22 ? 143 ARG A O     1 
ATOM   1069 C CB    . ARG A 1 144 ? -15.071 -10.467 -10.756 1.00 14.60 ? 143 ARG A CB    1 
ATOM   1070 C CG    . ARG A 1 144 ? -15.282 -8.960  -10.850 1.00 14.01 ? 143 ARG A CG    1 
ATOM   1071 C CD    . ARG A 1 144 ? -15.271 -8.511  -12.287 1.00 13.49 ? 143 ARG A CD    1 
ATOM   1072 N NE    . ARG A 1 144 ? -13.956 -8.652  -12.899 1.00 13.96 ? 143 ARG A NE    1 
ATOM   1073 C CZ    . ARG A 1 144 ? -12.932 -7.810  -12.703 1.00 13.98 ? 143 ARG A CZ    1 
ATOM   1074 N NH1   . ARG A 1 144 ? -13.040 -6.749  -11.897 1.00 12.58 ? 143 ARG A NH1   1 
ATOM   1075 N NH2   . ARG A 1 144 ? -11.789 -8.023  -13.327 1.00 14.03 ? 143 ARG A NH2   1 
ATOM   1076 N N     . VAL A 1 145 ? -17.007 -9.677  -8.168  1.00 13.76 ? 144 VAL A N     1 
ATOM   1077 C CA    . VAL A 1 145 ? -18.242 -8.923  -7.910  1.00 13.86 ? 144 VAL A CA    1 
ATOM   1078 C C     . VAL A 1 145 ? -18.099 -7.400  -8.141  1.00 13.33 ? 144 VAL A C     1 
ATOM   1079 O O     . VAL A 1 145 ? -19.101 -6.683  -8.123  1.00 12.67 ? 144 VAL A O     1 
ATOM   1080 C CB    . VAL A 1 145 ? -18.755 -9.151  -6.452  1.00 14.80 ? 144 VAL A CB    1 
ATOM   1081 C CG1   . VAL A 1 145 ? -19.232 -10.585 -6.265  1.00 14.90 ? 144 VAL A CG1   1 
ATOM   1082 C CG2   . VAL A 1 145 ? -17.699 -8.792  -5.447  1.00 13.98 ? 144 VAL A CG2   1 
ATOM   1083 N N     . VAL A 1 146 ? -16.871 -6.910  -8.331  1.00 12.09 ? 145 VAL A N     1 
ATOM   1084 C CA    . VAL A 1 146 ? -16.632 -5.491  -8.580  1.00 11.63 ? 145 VAL A CA    1 
ATOM   1085 C C     . VAL A 1 146 ? -16.114 -5.270  -9.998  1.00 12.33 ? 145 VAL A C     1 
ATOM   1086 O O     . VAL A 1 146 ? -14.923 -5.499  -10.277 1.00 13.61 ? 145 VAL A O     1 
ATOM   1087 C CB    . VAL A 1 146 ? -15.614 -4.872  -7.601  1.00 11.66 ? 145 VAL A CB    1 
ATOM   1088 C CG1   . VAL A 1 146 ? -15.644 -3.333  -7.725  1.00 10.11 ? 145 VAL A CG1   1 
ATOM   1089 C CG2   . VAL A 1 146 ? -15.892 -5.313  -6.174  1.00 9.76  ? 145 VAL A CG2   1 
ATOM   1090 N N     . PRO A 1 147 ? -16.992 -4.794  -10.892 1.00 11.39 ? 146 PRO A N     1 
ATOM   1091 C CA    . PRO A 1 147 ? -16.578 -4.484  -12.239 1.00 12.43 ? 146 PRO A CA    1 
ATOM   1092 C C     . PRO A 1 147 ? -15.429 -3.488  -12.251 1.00 13.75 ? 146 PRO A C     1 
ATOM   1093 O O     . PRO A 1 147 ? -15.362 -2.597  -11.393 1.00 13.53 ? 146 PRO A O     1 
ATOM   1094 C CB    . PRO A 1 147 ? -17.835 -3.856  -12.861 1.00 12.75 ? 146 PRO A CB    1 
ATOM   1095 C CG    . PRO A 1 147 ? -18.962 -4.421  -12.105 1.00 12.67 ? 146 PRO A CG    1 
ATOM   1096 C CD    . PRO A 1 147 ? -18.452 -4.691  -10.727 1.00 12.16 ? 146 PRO A CD    1 
ATOM   1097 N N     . THR A 1 148 ? -14.524 -3.664  -13.202 1.00 13.84 ? 147 THR A N     1 
ATOM   1098 C CA    . THR A 1 148 ? -13.377 -2.787  -13.359 1.00 14.93 ? 147 THR A CA    1 
ATOM   1099 C C     . THR A 1 148 ? -13.805 -1.305  -13.461 1.00 13.16 ? 147 THR A C     1 
ATOM   1100 O O     . THR A 1 148 ? -13.150 -0.430  -12.895 1.00 13.47 ? 147 THR A O     1 
ATOM   1101 C CB    . THR A 1 148 ? -12.560 -3.203  -14.612 1.00 15.95 ? 147 THR A CB    1 
ATOM   1102 O OG1   . THR A 1 148 ? -12.157 -4.576  -14.482 1.00 17.29 ? 147 THR A OG1   1 
ATOM   1103 C CG2   . THR A 1 148 ? -11.324 -2.326  -14.777 1.00 15.00 ? 147 THR A CG2   1 
ATOM   1104 N N     . GLU A 1 149 ? -14.914 -1.045  -14.152 1.00 12.70 ? 148 GLU A N     1 
ATOM   1105 C CA    . GLU A 1 149 ? -15.393 0.320   -14.390 1.00 12.95 ? 148 GLU A CA    1 
ATOM   1106 C C     . GLU A 1 149 ? -15.719 1.093   -13.105 1.00 14.01 ? 148 GLU A C     1 
ATOM   1107 O O     . GLU A 1 149 ? -15.596 2.322   -13.072 1.00 15.07 ? 148 GLU A O     1 
ATOM   1108 C CB    . GLU A 1 149 ? -16.609 0.327   -15.350 1.00 12.69 ? 148 GLU A CB    1 
ATOM   1109 N N     . LYS A 1 150 ? -16.143 0.380   -12.066 1.00 15.49 ? 149 LYS A N     1 
ATOM   1110 C CA    . LYS A 1 150 ? -16.411 0.977   -10.763 1.00 16.51 ? 149 LYS A CA    1 
ATOM   1111 C C     . LYS A 1 150 ? -15.106 1.470   -10.146 1.00 16.66 ? 149 LYS A C     1 
ATOM   1112 O O     . LYS A 1 150 ? -15.039 2.565   -9.583  1.00 16.17 ? 149 LYS A O     1 
ATOM   1113 C CB    . LYS A 1 150 ? -17.074 -0.037  -9.822  1.00 17.80 ? 149 LYS A CB    1 
ATOM   1114 C CG    . LYS A 1 150 ? -18.496 -0.420  -10.198 1.00 20.28 ? 149 LYS A CG    1 
ATOM   1115 C CD    . LYS A 1 150 ? -19.147 -1.298  -9.105  1.00 22.09 ? 149 LYS A CD    1 
ATOM   1116 C CE    . LYS A 1 150 ? -20.534 -1.792  -9.547  1.00 23.92 ? 149 LYS A CE    1 
ATOM   1117 N NZ    . LYS A 1 150 ? -21.336 -2.416  -8.445  1.00 25.20 ? 149 LYS A NZ    1 
ATOM   1118 N N     . GLY A 1 151 ? -14.073 0.642   -10.252 1.00 16.26 ? 150 GLY A N     1 
ATOM   1119 C CA    . GLY A 1 151 ? -12.760 0.980   -9.730  1.00 16.46 ? 150 GLY A CA    1 
ATOM   1120 C C     . GLY A 1 151 ? -12.155 2.155   -10.462 1.00 16.78 ? 150 GLY A C     1 
ATOM   1121 O O     . GLY A 1 151 ? -11.633 3.085   -9.840  1.00 15.93 ? 150 GLY A O     1 
ATOM   1122 N N     . GLN A 1 152 ? -12.216 2.115   -11.786 1.00 18.23 ? 151 GLN A N     1 
ATOM   1123 C CA    . GLN A 1 152 ? -11.715 3.222   -12.614 1.00 20.64 ? 151 GLN A CA    1 
ATOM   1124 C C     . GLN A 1 152 ? -12.408 4.550   -12.295 1.00 20.64 ? 151 GLN A C     1 
ATOM   1125 O O     . GLN A 1 152 ? -11.751 5.593   -12.237 1.00 21.41 ? 151 GLN A O     1 
ATOM   1126 C CB    . GLN A 1 152 ? -11.857 2.889   -14.113 1.00 22.27 ? 151 GLN A CB    1 
ATOM   1127 C CG    . GLN A 1 152 ? -10.924 1.753   -14.547 1.00 24.33 ? 151 GLN A CG    1 
ATOM   1128 C CD    . GLN A 1 152 ? -11.022 1.365   -16.012 1.00 26.72 ? 151 GLN A CD    1 
ATOM   1129 O OE1   . GLN A 1 152 ? -12.005 0.750   -16.456 1.00 26.76 ? 151 GLN A OE1   1 
ATOM   1130 N NE2   . GLN A 1 152 ? -9.979  1.697   -16.770 1.00 28.46 ? 151 GLN A NE2   1 
ATOM   1131 N N     . LEU A 1 153 ? -13.722 4.504   -12.077 1.00 20.26 ? 152 LEU A N     1 
ATOM   1132 C CA    . LEU A 1 153 ? -14.519 5.718   -11.891 1.00 21.03 ? 152 LEU A CA    1 
ATOM   1133 C C     . LEU A 1 153 ? -14.316 6.342   -10.508 1.00 20.55 ? 152 LEU A C     1 
ATOM   1134 O O     . LEU A 1 153 ? -14.280 7.559   -10.367 1.00 19.66 ? 152 LEU A O     1 
ATOM   1135 C CB    . LEU A 1 153 ? -15.998 5.406   -12.101 1.00 22.45 ? 152 LEU A CB    1 
ATOM   1136 C CG    . LEU A 1 153 ? -16.952 6.602   -12.201 1.00 23.89 ? 152 LEU A CG    1 
ATOM   1137 C CD1   . LEU A 1 153 ? -16.552 7.582   -13.314 1.00 23.61 ? 152 LEU A CD1   1 
ATOM   1138 C CD2   . LEU A 1 153 ? -18.385 6.109   -12.411 1.00 24.16 ? 152 LEU A CD2   1 
ATOM   1139 N N     . LEU A 1 154 ? -14.223 5.505   -9.491  1.00 19.84 ? 153 LEU A N     1 
ATOM   1140 C CA    . LEU A 1 154 ? -13.873 5.972   -8.147  1.00 20.62 ? 153 LEU A CA    1 
ATOM   1141 C C     . LEU A 1 154 ? -12.467 6.580   -8.128  1.00 19.55 ? 153 LEU A C     1 
ATOM   1142 O O     . LEU A 1 154 ? -12.270 7.657   -7.567  1.00 18.29 ? 153 LEU A O     1 
ATOM   1143 C CB    . LEU A 1 154 ? -13.961 4.832   -7.128  1.00 20.82 ? 153 LEU A CB    1 
ATOM   1144 C CG    . LEU A 1 154 ? -13.838 5.229   -5.653  1.00 20.66 ? 153 LEU A CG    1 
ATOM   1145 C CD1   . LEU A 1 154 ? -14.791 6.370   -5.317  1.00 22.27 ? 153 LEU A CD1   1 
ATOM   1146 C CD2   . LEU A 1 154 ? -14.104 4.035   -4.757  1.00 19.94 ? 153 LEU A CD2   1 
ATOM   1147 N N     . ALA A 1 155 ? -11.507 5.883   -8.741  1.00 18.47 ? 154 ALA A N     1 
ATOM   1148 C CA    . ALA A 1 155 ? -10.121 6.366   -8.860  1.00 17.49 ? 154 ALA A CA    1 
ATOM   1149 C C     . ALA A 1 155 ? -10.061 7.750   -9.497  1.00 18.02 ? 154 ALA A C     1 
ATOM   1150 O O     . ALA A 1 155 ? -9.269  8.587   -9.092  1.00 16.20 ? 154 ALA A O     1 
ATOM   1151 C CB    . ALA A 1 155 ? -9.289  5.397   -9.675  1.00 14.70 ? 154 ALA A CB    1 
ATOM   1152 N N     . GLU A 1 156 ? -10.912 7.978   -10.497 1.00 19.98 ? 155 GLU A N     1 
ATOM   1153 C CA    . GLU A 1 156 ? -10.997 9.283   -11.161 1.00 20.11 ? 155 GLU A CA    1 
ATOM   1154 C C     . GLU A 1 156 ? -11.547 10.366  -10.235 1.00 21.65 ? 155 GLU A C     1 
ATOM   1155 O O     . GLU A 1 156 ? -10.976 11.467  -10.159 1.00 20.76 ? 155 GLU A O     1 
ATOM   1156 C CB    . GLU A 1 156 ? -11.854 9.197   -12.424 1.00 20.69 ? 155 GLU A CB    1 
ATOM   1157 C CG    . GLU A 1 156 ? -11.193 8.433   -13.566 1.00 21.51 ? 155 GLU A CG    1 
ATOM   1158 N N     . GLN A 1 157 ? -12.647 10.071  -9.535  1.00 21.05 ? 156 GLN A N     1 
ATOM   1159 C CA    . GLN A 1 157 ? -13.262 11.073  -8.654  1.00 22.87 ? 156 GLN A CA    1 
ATOM   1160 C C     . GLN A 1 157 ? -12.493 11.329  -7.340  1.00 23.56 ? 156 GLN A C     1 
ATOM   1161 O O     . GLN A 1 157 ? -12.700 12.359  -6.689  1.00 23.69 ? 156 GLN A O     1 
ATOM   1162 C CB    . GLN A 1 157 ? -14.720 10.735  -8.374  1.00 24.43 ? 156 GLN A CB    1 
ATOM   1163 C CG    . GLN A 1 157 ? -14.975 9.709   -7.327  1.00 25.62 ? 156 GLN A CG    1 
ATOM   1164 C CD    . GLN A 1 157 ? -16.441 9.284   -7.284  1.00 27.09 ? 156 GLN A CD    1 
ATOM   1165 O OE1   . GLN A 1 157 ? -17.187 9.469   -8.251  1.00 28.96 ? 156 GLN A OE1   1 
ATOM   1166 N NE2   . GLN A 1 157 ? -16.854 8.701   -6.161  1.00 28.77 ? 156 GLN A NE2   1 
ATOM   1167 N N     . LEU A 1 158 ? -11.609 10.407  -6.965  1.00 22.90 ? 157 LEU A N     1 
ATOM   1168 C CA    . LEU A 1 158 ? -10.791 10.576  -5.766  1.00 23.41 ? 157 LEU A CA    1 
ATOM   1169 C C     . LEU A 1 158 ? -9.390  11.104  -6.096  1.00 22.61 ? 157 LEU A C     1 
ATOM   1170 O O     . LEU A 1 158 ? -8.613  11.406  -5.190  1.00 23.58 ? 157 LEU A O     1 
ATOM   1171 C CB    . LEU A 1 158 ? -10.710 9.249   -4.992  1.00 24.38 ? 157 LEU A CB    1 
ATOM   1172 C CG    . LEU A 1 158 ? -11.957 8.941   -4.151  1.00 24.65 ? 157 LEU A CG    1 
ATOM   1173 C CD1   . LEU A 1 158 ? -12.029 7.480   -3.763  1.00 24.99 ? 157 LEU A CD1   1 
ATOM   1174 C CD2   . LEU A 1 158 ? -11.983 9.809   -2.902  1.00 25.61 ? 157 LEU A CD2   1 
ATOM   1175 N N     . GLY A 1 159 ? -9.071  11.217  -7.384  1.00 21.36 ? 158 GLY A N     1 
ATOM   1176 C CA    . GLY A 1 159 ? -7.745  11.688  -7.826  1.00 20.70 ? 158 GLY A CA    1 
ATOM   1177 C C     . GLY A 1 159 ? -6.626  10.654  -7.744  1.00 19.68 ? 158 GLY A C     1 
ATOM   1178 O O     . GLY A 1 159 ? -5.444  11.013  -7.635  1.00 18.96 ? 158 GLY A O     1 
ATOM   1179 N N     . PHE A 1 160 ? -6.984  9.366   -7.797  1.00 19.69 ? 159 PHE A N     1 
ATOM   1180 C CA    . PHE A 1 160 ? -5.988  8.295   -7.717  1.00 17.75 ? 159 PHE A CA    1 
ATOM   1181 C C     . PHE A 1 160 ? -5.693  7.712   -9.068  1.00 18.24 ? 159 PHE A C     1 
ATOM   1182 O O     . PHE A 1 160 ? -6.512  7.776   -9.976  1.00 14.23 ? 159 PHE A O     1 
ATOM   1183 C CB    . PHE A 1 160 ? -6.474  7.142   -6.847  1.00 17.78 ? 159 PHE A CB    1 
ATOM   1184 C CG    . PHE A 1 160 ? -6.908  7.539   -5.493  1.00 18.98 ? 159 PHE A CG    1 
ATOM   1185 C CD1   . PHE A 1 160 ? -7.800  6.749   -4.807  1.00 19.55 ? 159 PHE A CD1   1 
ATOM   1186 C CD2   . PHE A 1 160 ? -6.446  8.708   -4.890  1.00 21.15 ? 159 PHE A CD2   1 
ATOM   1187 C CE1   . PHE A 1 160 ? -8.215  7.084   -3.544  1.00 20.04 ? 159 PHE A CE1   1 
ATOM   1188 C CE2   . PHE A 1 160 ? -6.868  9.056   -3.621  1.00 21.12 ? 159 PHE A CE2   1 
ATOM   1189 C CZ    . PHE A 1 160 ? -7.751  8.238   -2.948  1.00 20.79 ? 159 PHE A CZ    1 
ATOM   1190 N N     . ASP A 1 161 ? -4.518  7.099   -9.171  1.00 19.05 ? 160 ASP A N     1 
ATOM   1191 C CA    . ASP A 1 161 ? -4.222  6.197   -10.263 1.00 19.52 ? 160 ASP A CA    1 
ATOM   1192 C C     . ASP A 1 161 ? -4.990  4.880   -9.985  1.00 17.44 ? 160 ASP A C     1 
ATOM   1193 O O     . ASP A 1 161 ? -5.456  4.660   -8.867  1.00 18.01 ? 160 ASP A O     1 
ATOM   1194 C CB    . ASP A 1 161 ? -2.722  5.940   -10.296 1.00 21.06 ? 160 ASP A CB    1 
ATOM   1195 C CG    . ASP A 1 161 ? -2.261  5.310   -11.578 1.00 23.16 ? 160 ASP A CG    1 
ATOM   1196 O OD1   . ASP A 1 161 ? -3.038  5.276   -12.548 1.00 23.51 ? 160 ASP A OD1   1 
ATOM   1197 O OD2   . ASP A 1 161 ? -1.095  4.849   -11.619 1.00 27.22 ? 160 ASP A OD2   1 
ATOM   1198 N N     . PHE A 1 162 ? -5.109  4.019   -10.989 1.00 16.83 ? 161 PHE A N     1 
ATOM   1199 C CA    . PHE A 1 162 ? -5.874  2.765   -10.855 1.00 16.86 ? 161 PHE A CA    1 
ATOM   1200 C C     . PHE A 1 162 ? -5.320  1.652   -11.732 1.00 17.16 ? 161 PHE A C     1 
ATOM   1201 O O     . PHE A 1 162 ? -5.049  1.866   -12.903 1.00 18.68 ? 161 PHE A O     1 
ATOM   1202 C CB    . PHE A 1 162 ? -7.354  2.992   -11.204 1.00 16.18 ? 161 PHE A CB    1 
ATOM   1203 C CG    . PHE A 1 162 ? -8.192  1.719   -11.170 1.00 17.36 ? 161 PHE A CG    1 
ATOM   1204 C CD1   . PHE A 1 162 ? -8.588  1.165   -9.965  1.00 16.61 ? 161 PHE A CD1   1 
ATOM   1205 C CD2   . PHE A 1 162 ? -8.563  1.082   -12.348 1.00 18.06 ? 161 PHE A CD2   1 
ATOM   1206 C CE1   . PHE A 1 162 ? -9.345  -0.006  -9.933  1.00 16.96 ? 161 PHE A CE1   1 
ATOM   1207 C CE2   . PHE A 1 162 ? -9.321  -0.090  -12.323 1.00 18.13 ? 161 PHE A CE2   1 
ATOM   1208 C CZ    . PHE A 1 162 ? -9.712  -0.624  -11.113 1.00 18.28 ? 161 PHE A CZ    1 
ATOM   1209 N N     . PHE A 1 163 ? -5.163  0.465   -11.148 1.00 17.57 ? 162 PHE A N     1 
ATOM   1210 C CA    . PHE A 1 163 ? -4.789  -0.762  -11.868 1.00 15.88 ? 162 PHE A CA    1 
ATOM   1211 C C     . PHE A 1 163 ? -5.523  -1.949  -11.184 1.00 15.48 ? 162 PHE A C     1 
ATOM   1212 O O     . PHE A 1 163 ? -5.744  -1.923  -9.973  1.00 12.20 ? 162 PHE A O     1 
ATOM   1213 C CB    . PHE A 1 163 ? -3.253  -1.028  -11.766 1.00 17.74 ? 162 PHE A CB    1 
ATOM   1214 C CG    . PHE A 1 163 ? -2.407  0.209   -11.480 1.00 19.01 ? 162 PHE A CG    1 
ATOM   1215 N N     . GLU A 1 164 ? -5.859  -2.998  -11.933 1.00 14.12 ? 163 GLU A N     1 
ATOM   1216 C CA    . GLU A 1 164 ? -6.132  -4.304  -11.308 1.00 12.91 ? 163 GLU A CA    1 
ATOM   1217 C C     . GLU A 1 164 ? -4.852  -5.131  -11.319 1.00 15.10 ? 163 GLU A C     1 
ATOM   1218 O O     . GLU A 1 164 ? -4.011  -4.975  -12.211 1.00 15.15 ? 163 GLU A O     1 
ATOM   1219 C CB    . GLU A 1 164 ? -7.291  -5.039  -12.014 1.00 13.87 ? 163 GLU A CB    1 
ATOM   1220 C CG    . GLU A 1 164 ? -8.624  -4.325  -11.817 1.00 13.67 ? 163 GLU A CG    1 
ATOM   1221 C CD    . GLU A 1 164 ? -9.810  -5.130  -12.326 1.00 15.70 ? 163 GLU A CD    1 
ATOM   1222 O OE1   . GLU A 1 164 ? -9.578  -6.186  -12.977 1.00 17.06 ? 163 GLU A OE1   1 
ATOM   1223 O OE2   . GLU A 1 164 ? -10.969 -4.703  -12.084 1.00 14.48 ? 163 GLU A OE2   1 
ATOM   1224 N N     . ALA A 1 165 ? -4.689  -5.992  -10.313 1.00 12.37 ? 164 ALA A N     1 
ATOM   1225 C CA    . ALA A 1 165 ? -3.445  -6.698  -10.114 1.00 13.62 ? 164 ALA A CA    1 
ATOM   1226 C C     . ALA A 1 165 ? -3.720  -8.066  -9.528  1.00 14.83 ? 164 ALA A C     1 
ATOM   1227 O O     . ALA A 1 165 ? -4.846  -8.370  -9.128  1.00 14.77 ? 164 ALA A O     1 
ATOM   1228 C CB    . ALA A 1 165 ? -2.513  -5.885  -9.188  1.00 11.92 ? 164 ALA A CB    1 
ATOM   1229 N N     . SER A 1 166 ? -2.696  -8.898  -9.525  1.00 15.51 ? 165 SER A N     1 
ATOM   1230 C CA    . SER A 1 166 ? -2.756  -10.185 -8.878  1.00 15.92 ? 165 SER A CA    1 
ATOM   1231 C C     . SER A 1 166 ? -1.419  -10.451 -8.199  1.00 18.37 ? 165 SER A C     1 
ATOM   1232 O O     . SER A 1 166 ? -0.408  -10.631 -8.865  1.00 18.73 ? 165 SER A O     1 
ATOM   1233 C CB    . SER A 1 166 ? -3.044  -11.309 -9.849  1.00 15.46 ? 165 SER A CB    1 
ATOM   1234 O OG    . SER A 1 166 ? -2.915  -12.575 -9.181  1.00 13.62 ? 165 SER A OG    1 
ATOM   1235 N N     . ALA A 1 167 ? -1.447  -10.478 -6.869  1.00 20.59 ? 166 ALA A N     1 
ATOM   1236 C CA    . ALA A 1 167 ? -0.287  -10.896 -6.057  1.00 22.46 ? 166 ALA A CA    1 
ATOM   1237 C C     . ALA A 1 167 ? 0.069   -12.344 -6.346  1.00 22.81 ? 166 ALA A C     1 
ATOM   1238 O O     . ALA A 1 167 ? 1.248   -12.699 -6.424  1.00 23.33 ? 166 ALA A O     1 
ATOM   1239 C CB    . ALA A 1 167 ? -0.593  -10.724 -4.589  1.00 20.65 ? 166 ALA A CB    1 
ATOM   1240 N N     . LYS A 1 168 ? -0.951  -13.179 -6.528  1.00 23.96 ? 167 LYS A N     1 
ATOM   1241 C CA    . LYS A 1 168 ? -0.737  -14.624 -6.748  1.00 25.40 ? 167 LYS A CA    1 
ATOM   1242 C C     . LYS A 1 168 ? -0.131  -14.919 -8.116  1.00 26.05 ? 167 LYS A C     1 
ATOM   1243 O O     . LYS A 1 168 ? 0.717   -15.805 -8.258  1.00 27.09 ? 167 LYS A O     1 
ATOM   1244 C CB    . LYS A 1 168 ? -2.047  -15.405 -6.574  1.00 25.35 ? 167 LYS A CB    1 
ATOM   1245 C CG    . LYS A 1 168 ? -1.999  -16.840 -7.133  1.00 24.25 ? 167 LYS A CG    1 
ATOM   1246 N N     . GLU A 1 169 ? -0.570  -14.171 -9.117  1.00 26.55 ? 168 GLU A N     1 
ATOM   1247 C CA    . GLU A 1 169 ? -0.115  -14.351 -10.483 1.00 26.61 ? 168 GLU A CA    1 
ATOM   1248 C C     . GLU A 1 169 ? 0.943   -13.349 -10.903 1.00 24.79 ? 168 GLU A C     1 
ATOM   1249 O O     . GLU A 1 169 ? 1.353   -13.360 -12.037 1.00 23.97 ? 168 GLU A O     1 
ATOM   1250 C CB    . GLU A 1 169 ? -1.309  -14.254 -11.440 1.00 29.18 ? 168 GLU A CB    1 
ATOM   1251 C CG    . GLU A 1 169 ? -2.279  -15.401 -11.305 1.00 31.66 ? 168 GLU A CG    1 
ATOM   1252 C CD    . GLU A 1 169 ? -1.671  -16.722 -11.739 1.00 34.81 ? 168 GLU A CD    1 
ATOM   1253 O OE1   . GLU A 1 169 ? -1.193  -16.809 -12.894 1.00 37.01 ? 168 GLU A OE1   1 
ATOM   1254 O OE2   . GLU A 1 169 ? -1.664  -17.677 -10.926 1.00 36.49 ? 168 GLU A OE2   1 
ATOM   1255 N N     . ASN A 1 170 ? 1.391   -12.479 -10.003 1.00 22.84 ? 169 ASN A N     1 
ATOM   1256 C CA    . ASN A 1 170 ? 2.401   -11.479 -10.371 1.00 22.69 ? 169 ASN A CA    1 
ATOM   1257 C C     . ASN A 1 170 ? 1.941   -10.614 -11.558 1.00 21.45 ? 169 ASN A C     1 
ATOM   1258 O O     . ASN A 1 170 ? 2.696   -10.382 -12.500 1.00 22.18 ? 169 ASN A O     1 
ATOM   1259 C CB    . ASN A 1 170 ? 3.751   -12.149 -10.723 1.00 22.01 ? 169 ASN A CB    1 
ATOM   1260 C CG    . ASN A 1 170 ? 4.918   -11.209 -10.574 1.00 20.85 ? 169 ASN A CG    1 
ATOM   1261 O OD1   . ASN A 1 170 ? 4.870   -10.275 -9.776  1.00 21.92 ? 169 ASN A OD1   1 
ATOM   1262 N ND2   . ASN A 1 170 ? 5.980   -11.448 -11.335 1.00 22.30 ? 169 ASN A ND2   1 
ATOM   1263 N N     . ILE A 1 171 ? 0.695   -10.159 -11.509 1.00 21.24 ? 170 ILE A N     1 
ATOM   1264 C CA    . ILE A 1 171 ? 0.168   -9.242  -12.505 1.00 18.77 ? 170 ILE A CA    1 
ATOM   1265 C C     . ILE A 1 171 ? 0.156   -7.867  -11.889 1.00 19.15 ? 170 ILE A C     1 
ATOM   1266 O O     . ILE A 1 171 ? -0.517  -7.651  -10.888 1.00 20.36 ? 170 ILE A O     1 
ATOM   1267 C CB    . ILE A 1 171 ? -1.259  -9.603  -12.905 1.00 18.41 ? 170 ILE A CB    1 
ATOM   1268 C CG1   . ILE A 1 171 ? -1.333  -11.047 -13.371 1.00 18.54 ? 170 ILE A CG1   1 
ATOM   1269 C CG2   . ILE A 1 171 ? -1.766  -8.657  -14.000 1.00 17.25 ? 170 ILE A CG2   1 
ATOM   1270 C CD1   . ILE A 1 171 ? -2.711  -11.467 -13.822 1.00 16.73 ? 170 ILE A CD1   1 
ATOM   1271 N N     . SER A 1 172 ? 0.931   -6.951  -12.467 1.00 18.96 ? 171 SER A N     1 
ATOM   1272 C CA    . SER A 1 172 ? 0.956   -5.527  -12.079 1.00 19.51 ? 171 SER A CA    1 
ATOM   1273 C C     . SER A 1 172 ? 1.388   -5.264  -10.646 1.00 18.66 ? 171 SER A C     1 
ATOM   1274 O O     . SER A 1 172 ? 0.934   -4.302  -10.010 1.00 20.49 ? 171 SER A O     1 
ATOM   1275 C CB    . SER A 1 172 ? -0.396  -4.870  -12.374 1.00 20.29 ? 171 SER A CB    1 
ATOM   1276 O OG    . SER A 1 172 ? -0.745  -5.105  -13.738 1.00 22.23 ? 171 SER A OG    1 
ATOM   1277 N N     . VAL A 1 173 ? 2.289   -6.088  -10.138 1.00 19.44 ? 172 VAL A N     1 
ATOM   1278 C CA    . VAL A 1 173 ? 2.813   -5.882  -8.780  1.00 20.93 ? 172 VAL A CA    1 
ATOM   1279 C C     . VAL A 1 173 ? 3.948   -4.843  -8.828  1.00 23.06 ? 172 VAL A C     1 
ATOM   1280 O O     . VAL A 1 173 ? 3.919   -3.832  -8.119  1.00 26.93 ? 172 VAL A O     1 
ATOM   1281 C CB    . VAL A 1 173 ? 3.294   -7.215  -8.137  1.00 18.82 ? 172 VAL A CB    1 
ATOM   1282 C CG1   . VAL A 1 173 ? 3.839   -6.970  -6.721  1.00 21.72 ? 172 VAL A CG1   1 
ATOM   1283 C CG2   . VAL A 1 173 ? 2.158   -8.211  -8.098  1.00 18.69 ? 172 VAL A CG2   1 
ATOM   1284 N N     . ARG A 1 174 ? 4.950   -5.075  -9.653  1.00 26.32 ? 173 ARG A N     1 
ATOM   1285 C CA    . ARG A 1 174 ? 5.995   -4.060  -9.820  1.00 29.74 ? 173 ARG A CA    1 
ATOM   1286 C C     . ARG A 1 174 ? 5.386   -2.764  -10.360 1.00 30.68 ? 173 ARG A C     1 
ATOM   1287 O O     . ARG A 1 174 ? 5.581   -1.689  -9.790  1.00 29.41 ? 173 ARG A O     1 
ATOM   1288 C CB    . ARG A 1 174 ? 7.070   -4.543  -10.766 1.00 31.19 ? 173 ARG A CB    1 
ATOM   1289 C CG    . ARG A 1 174 ? 7.974   -5.614  -10.203 1.00 33.14 ? 173 ARG A CG    1 
ATOM   1290 C CD    . ARG A 1 174 ? 8.902   -6.088  -11.324 1.00 34.24 ? 173 ARG A CD    1 
ATOM   1291 N NE    . ARG A 1 174 ? 10.136  -6.755  -10.898 1.00 35.10 ? 173 ARG A NE    1 
ATOM   1292 C CZ    . ARG A 1 174 ? 11.236  -6.143  -10.456 1.00 37.39 ? 173 ARG A CZ    1 
ATOM   1293 N NH1   . ARG A 1 174 ? 12.306  -6.871  -10.142 1.00 38.41 ? 173 ARG A NH1   1 
ATOM   1294 N NH2   . ARG A 1 174 ? 11.285  -4.817  -10.305 1.00 38.39 ? 173 ARG A NH2   1 
ATOM   1295 N N     . GLN A 1 175 ? 4.611   -2.879  -11.438 1.00 31.96 ? 174 GLN A N     1 
ATOM   1296 C CA    . GLN A 1 175 ? 3.975   -1.714  -12.043 1.00 33.70 ? 174 GLN A CA    1 
ATOM   1297 C C     . GLN A 1 175 ? 3.500   -0.739  -10.953 1.00 33.83 ? 174 GLN A C     1 
ATOM   1298 O O     . GLN A 1 175 ? 3.796   0.459   -11.013 1.00 33.31 ? 174 GLN A O     1 
ATOM   1299 C CB    . GLN A 1 175 ? 2.824   -2.133  -12.971 1.00 34.97 ? 174 GLN A CB    1 
ATOM   1300 C CG    . GLN A 1 175 ? 2.250   -0.977  -13.769 1.00 36.80 ? 174 GLN A CG    1 
ATOM   1301 C CD    . GLN A 1 175 ? 1.477   -1.416  -15.001 1.00 38.21 ? 174 GLN A CD    1 
ATOM   1302 O OE1   . GLN A 1 175 ? 0.549   -2.224  -14.917 1.00 40.77 ? 174 GLN A OE1   1 
ATOM   1303 N NE2   . GLN A 1 175 ? 1.850   -0.870  -16.159 1.00 39.37 ? 174 GLN A NE2   1 
ATOM   1304 N N     . ALA A 1 176 ? 2.835   -1.279  -9.928  1.00 33.56 ? 175 ALA A N     1 
ATOM   1305 C CA    . ALA A 1 176 ? 2.302   -0.495  -8.816  1.00 31.61 ? 175 ALA A CA    1 
ATOM   1306 C C     . ALA A 1 176 ? 3.325   0.391   -8.122  1.00 30.71 ? 175 ALA A C     1 
ATOM   1307 O O     . ALA A 1 176 ? 3.078   1.580   -7.980  1.00 30.65 ? 175 ALA A O     1 
ATOM   1308 C CB    . ALA A 1 176 ? 1.612   -1.417  -7.784  1.00 31.96 ? 175 ALA A CB    1 
ATOM   1309 N N     . PHE A 1 177 ? 4.443   -0.168  -7.648  1.00 29.32 ? 176 PHE A N     1 
ATOM   1310 C CA    . PHE A 1 177 ? 5.360   0.626   -6.808  1.00 28.11 ? 176 PHE A CA    1 
ATOM   1311 C C     . PHE A 1 177 ? 6.221   1.589   -7.631  1.00 28.77 ? 176 PHE A C     1 
ATOM   1312 O O     . PHE A 1 177 ? 6.471   2.737   -7.222  1.00 27.22 ? 176 PHE A O     1 
ATOM   1313 C CB    . PHE A 1 177 ? 6.237   -0.268  -5.924  1.00 27.99 ? 176 PHE A CB    1 
ATOM   1314 C CG    . PHE A 1 177 ? 5.456   -1.045  -4.874  1.00 26.83 ? 176 PHE A CG    1 
ATOM   1315 C CD1   . PHE A 1 177 ? 4.833   -0.390  -3.819  1.00 24.84 ? 176 PHE A CD1   1 
ATOM   1316 C CD2   . PHE A 1 177 ? 5.334   -2.427  -4.960  1.00 26.90 ? 176 PHE A CD2   1 
ATOM   1317 C CE1   . PHE A 1 177 ? 4.101   -1.098  -2.877  1.00 24.43 ? 176 PHE A CE1   1 
ATOM   1318 C CE2   . PHE A 1 177 ? 4.605   -3.146  -3.997  1.00 23.96 ? 176 PHE A CE2   1 
ATOM   1319 C CZ    . PHE A 1 177 ? 3.998   -2.473  -2.969  1.00 23.68 ? 176 PHE A CZ    1 
ATOM   1320 N N     . GLU A 1 178 ? 6.675   1.120   -8.789  1.00 29.60 ? 177 GLU A N     1 
ATOM   1321 C CA    . GLU A 1 178 ? 7.487   1.949   -9.678  1.00 29.82 ? 177 GLU A CA    1 
ATOM   1322 C C     . GLU A 1 178 ? 6.635   3.090   -10.211 1.00 26.94 ? 177 GLU A C     1 
ATOM   1323 O O     . GLU A 1 178 ? 7.095   4.232   -10.270 1.00 26.72 ? 177 GLU A O     1 
ATOM   1324 C CB    . GLU A 1 178 ? 8.119   1.107   -10.796 1.00 31.60 ? 177 GLU A CB    1 
ATOM   1325 C CG    . GLU A 1 178 ? 7.146   0.436   -11.759 1.00 34.96 ? 177 GLU A CG    1 
ATOM   1326 C CD    . GLU A 1 178 ? 7.773   -0.734  -12.521 1.00 36.19 ? 177 GLU A CD    1 
ATOM   1327 O OE1   . GLU A 1 178 ? 8.942   -1.087  -12.231 1.00 36.80 ? 177 GLU A OE1   1 
ATOM   1328 O OE2   . GLU A 1 178 ? 7.090   -1.298  -13.413 1.00 37.13 ? 177 GLU A OE2   1 
ATOM   1329 N N     . ARG A 1 179 ? 5.377   2.792   -10.534 1.00 24.30 ? 178 ARG A N     1 
ATOM   1330 C CA    . ARG A 1 179 ? 4.422   3.829   -10.925 1.00 22.95 ? 178 ARG A CA    1 
ATOM   1331 C C     . ARG A 1 179 ? 4.146   4.812   -9.767  1.00 21.70 ? 178 ARG A C     1 
ATOM   1332 O O     . ARG A 1 179 ? 4.039   6.015   -9.988  1.00 20.88 ? 178 ARG A O     1 
ATOM   1333 C CB    . ARG A 1 179 ? 3.125   3.199   -11.434 1.00 23.61 ? 178 ARG A CB    1 
ATOM   1334 C CG    . ARG A 1 179 ? 2.064   4.182   -11.853 1.00 24.45 ? 178 ARG A CG    1 
ATOM   1335 N N     . LEU A 1 180 ? 4.075   4.312   -8.532  1.00 20.35 ? 179 LEU A N     1 
ATOM   1336 C CA    . LEU A 1 180 ? 3.847   5.184   -7.368  1.00 19.20 ? 179 LEU A CA    1 
ATOM   1337 C C     . LEU A 1 180 ? 5.000   6.177   -7.122  1.00 19.00 ? 179 LEU A C     1 
ATOM   1338 O O     . LEU A 1 180 ? 4.781   7.384   -6.949  1.00 19.13 ? 179 LEU A O     1 
ATOM   1339 C CB    . LEU A 1 180 ? 3.594   4.342   -6.098  1.00 18.95 ? 179 LEU A CB    1 
ATOM   1340 C CG    . LEU A 1 180 ? 3.286   5.090   -4.799  1.00 17.48 ? 179 LEU A CG    1 
ATOM   1341 C CD1   . LEU A 1 180 ? 2.121   6.085   -4.932  1.00 17.54 ? 179 LEU A CD1   1 
ATOM   1342 C CD2   . LEU A 1 180 ? 2.986   4.068   -3.672  1.00 15.56 ? 179 LEU A CD2   1 
ATOM   1343 N N     . VAL A 1 181 ? 6.226   5.674   -7.103  1.00 19.46 ? 180 VAL A N     1 
ATOM   1344 C CA    . VAL A 1 181 ? 7.399   6.551   -6.966  1.00 20.35 ? 180 VAL A CA    1 
ATOM   1345 C C     . VAL A 1 181 ? 7.431   7.596   -8.072  1.00 20.76 ? 180 VAL A C     1 
ATOM   1346 O O     . VAL A 1 181 ? 7.820   8.744   -7.833  1.00 22.23 ? 180 VAL A O     1 
ATOM   1347 C CB    . VAL A 1 181 ? 8.713   5.762   -6.996  1.00 19.67 ? 180 VAL A CB    1 
ATOM   1348 C CG1   . VAL A 1 181 ? 9.906   6.729   -6.964  1.00 18.96 ? 180 VAL A CG1   1 
ATOM   1349 C CG2   . VAL A 1 181 ? 8.760   4.756   -5.813  1.00 19.73 ? 180 VAL A CG2   1 
ATOM   1350 N N     . ASP A 1 182 ? 7.026   7.199   -9.281  1.00 21.86 ? 181 ASP A N     1 
ATOM   1351 C CA    . ASP A 1 182 ? 7.005   8.116   -10.430 1.00 22.64 ? 181 ASP A CA    1 
ATOM   1352 C C     . ASP A 1 182 ? 6.004   9.260   -10.223 1.00 22.61 ? 181 ASP A C     1 
ATOM   1353 O O     . ASP A 1 182 ? 6.312   10.426  -10.504 1.00 21.21 ? 181 ASP A O     1 
ATOM   1354 C CB    . ASP A 1 182 ? 6.689   7.361   -11.730 1.00 23.80 ? 181 ASP A CB    1 
ATOM   1355 C CG    . ASP A 1 182 ? 7.863   6.526   -12.236 1.00 25.04 ? 181 ASP A CG    1 
ATOM   1356 O OD1   . ASP A 1 182 ? 9.015   6.748   -11.788 1.00 25.33 ? 181 ASP A OD1   1 
ATOM   1357 O OD2   . ASP A 1 182 ? 7.626   5.643   -13.096 1.00 27.12 ? 181 ASP A OD2   1 
ATOM   1358 N N     . ALA A 1 183 ? 4.820   8.925   -9.717  1.00 20.70 ? 182 ALA A N     1 
ATOM   1359 C CA    . ALA A 1 183 ? 3.803   9.923   -9.393  1.00 21.67 ? 182 ALA A CA    1 
ATOM   1360 C C     . ALA A 1 183 ? 4.323   10.891  -8.324  1.00 22.36 ? 182 ALA A C     1 
ATOM   1361 O O     . ALA A 1 183 ? 4.128   12.099  -8.419  1.00 23.80 ? 182 ALA A O     1 
ATOM   1362 C CB    . ALA A 1 183 ? 2.499   9.228   -8.908  1.00 21.19 ? 182 ALA A CB    1 
ATOM   1363 N N     . ILE A 1 184 ? 4.992   10.343  -7.320  1.00 22.74 ? 183 ILE A N     1 
ATOM   1364 C CA    . ILE A 1 184 ? 5.599   11.136  -6.248  1.00 22.94 ? 183 ILE A CA    1 
ATOM   1365 C C     . ILE A 1 184 ? 6.641   12.131  -6.771  1.00 24.68 ? 183 ILE A C     1 
ATOM   1366 O O     . ILE A 1 184 ? 6.567   13.321  -6.469  1.00 24.83 ? 183 ILE A O     1 
ATOM   1367 C CB    . ILE A 1 184 ? 6.275   10.217  -5.213  1.00 22.24 ? 183 ILE A CB    1 
ATOM   1368 C CG1   . ILE A 1 184 ? 5.215   9.462   -4.395  1.00 21.22 ? 183 ILE A CG1   1 
ATOM   1369 C CG2   . ILE A 1 184 ? 7.192   11.005  -4.279  1.00 22.51 ? 183 ILE A CG2   1 
ATOM   1370 C CD1   . ILE A 1 184 ? 5.778   8.262   -3.652  1.00 20.72 ? 183 ILE A CD1   1 
ATOM   1371 N N     . CYS A 1 185 ? 7.613   11.631  -7.535  1.00 25.57 ? 184 CYS A N     1 
ATOM   1372 C CA    . CYS A 1 185 ? 8.657   12.478  -8.141  1.00 26.12 ? 184 CYS A CA    1 
ATOM   1373 C C     . CYS A 1 185 ? 8.085   13.525  -9.090  1.00 26.78 ? 184 CYS A C     1 
ATOM   1374 O O     . CYS A 1 185 ? 8.500   14.683  -9.062  1.00 24.87 ? 184 CYS A O     1 
ATOM   1375 C CB    . CYS A 1 185 ? 9.677   11.620  -8.888  1.00 26.23 ? 184 CYS A CB    1 
ATOM   1376 S SG    . CYS A 1 185 ? 10.621  10.516  -7.811  1.00 28.89 ? 184 CYS A SG    1 
ATOM   1377 N N     . ASP A 1 186 ? 7.135   13.112  -9.932  1.00 28.88 ? 185 ASP A N     1 
ATOM   1378 C CA    . ASP A 1 186 ? 6.504   14.022  -10.903 1.00 30.86 ? 185 ASP A CA    1 
ATOM   1379 C C     . ASP A 1 186 ? 5.819   15.189  -10.183 1.00 33.65 ? 185 ASP A C     1 
ATOM   1380 O O     . ASP A 1 186 ? 5.823   16.324  -10.675 1.00 32.00 ? 185 ASP A O     1 
ATOM   1381 C CB    . ASP A 1 186 ? 5.498   13.276  -11.780 1.00 29.88 ? 185 ASP A CB    1 
ATOM   1382 N N     . LYS A 1 187 ? 5.256   14.901  -9.005  1.00 36.72 ? 186 LYS A N     1 
ATOM   1383 C CA    . LYS A 1 187 ? 4.584   15.913  -8.189  1.00 38.54 ? 186 LYS A CA    1 
ATOM   1384 C C     . LYS A 1 187 ? 5.588   16.955  -7.725  1.00 40.16 ? 186 LYS A C     1 
ATOM   1385 O O     . LYS A 1 187 ? 5.394   18.154  -7.936  1.00 41.00 ? 186 LYS A O     1 
ATOM   1386 C CB    . LYS A 1 187 ? 3.885   15.257  -6.979  1.00 38.85 ? 186 LYS A CB    1 
ATOM   1387 C CG    . LYS A 1 187 ? 2.880   16.152  -6.255  1.00 39.22 ? 186 LYS A CG    1 
ATOM   1388 C CD    . LYS A 1 187 ? 1.775   16.622  -7.193  1.00 39.89 ? 186 LYS A CD    1 
ATOM   1389 C CE    . LYS A 1 187 ? 0.623   17.275  -6.445  1.00 40.63 ? 186 LYS A CE    1 
ATOM   1390 N NZ    . LYS A 1 187 ? -0.498  17.648  -7.370  1.00 41.18 ? 186 LYS A NZ    1 
ATOM   1391 N N     . MET A 1 188 ? 6.665   16.486  -7.102  1.00 41.81 ? 187 MET A N     1 
ATOM   1392 C CA    . MET A 1 188 ? 7.751   17.363  -6.651  1.00 43.61 ? 187 MET A CA    1 
ATOM   1393 C C     . MET A 1 188 ? 8.677   17.758  -7.808  1.00 43.42 ? 187 MET A C     1 
ATOM   1394 O O     . MET A 1 188 ? 8.417   18.727  -8.530  1.00 43.82 ? 187 MET A O     1 
ATOM   1395 C CB    . MET A 1 188 ? 8.550   16.695  -5.521  1.00 44.93 ? 187 MET A CB    1 
ATOM   1396 C CG    . MET A 1 188 ? 9.188   15.351  -5.872  1.00 45.90 ? 187 MET A CG    1 
ATOM   1397 S SD    . MET A 1 188 ? 9.677   14.402  -4.405  1.00 48.34 ? 187 MET A SD    1 
ATOM   1398 C CE    . MET A 1 188 ? 11.386  14.948  -4.214  1.00 47.30 ? 187 MET A CE    1 
HETATM 1399 P PB    . GDP B 2 .   ? -4.048  -8.940  3.980   1.00 21.14 ? 201 GDP A PB    1 
HETATM 1400 O O1B   . GDP B 2 .   ? -2.552  -8.739  4.274   1.00 20.29 ? 201 GDP A O1B   1 
HETATM 1401 O O2B   . GDP B 2 .   ? -4.789  -9.268  5.224   1.00 21.41 ? 201 GDP A O2B   1 
HETATM 1402 O O3B   . GDP B 2 .   ? -4.668  -7.755  3.271   1.00 21.04 ? 201 GDP A O3B   1 
HETATM 1403 O O3A   . GDP B 2 .   ? -4.265  -10.151 2.935   1.00 20.37 ? 201 GDP A O3A   1 
HETATM 1404 P PA    . GDP B 2 .   ? -3.320  -11.428 2.733   1.00 19.76 ? 201 GDP A PA    1 
HETATM 1405 O O1A   . GDP B 2 .   ? -2.114  -11.194 1.829   1.00 18.47 ? 201 GDP A O1A   1 
HETATM 1406 O O2A   . GDP B 2 .   ? -3.083  -12.127 4.071   1.00 19.06 ? 201 GDP A O2A   1 
HETATM 1407 O "O5'" . GDP B 2 .   ? -4.271  -12.381 1.824   1.00 19.99 ? 201 GDP A "O5'" 1 
HETATM 1408 C "C5'" . GDP B 2 .   ? -5.533  -12.789 2.335   1.00 20.67 ? 201 GDP A "C5'" 1 
HETATM 1409 C "C4'" . GDP B 2 .   ? -6.025  -14.010 1.583   1.00 20.20 ? 201 GDP A "C4'" 1 
HETATM 1410 O "O4'" . GDP B 2 .   ? -6.184  -13.680 0.200   1.00 20.19 ? 201 GDP A "O4'" 1 
HETATM 1411 C "C3'" . GDP B 2 .   ? -4.977  -15.108 1.659   1.00 20.87 ? 201 GDP A "C3'" 1 
HETATM 1412 O "O3'" . GDP B 2 .   ? -5.580  -16.400 1.685   1.00 20.57 ? 201 GDP A "O3'" 1 
HETATM 1413 C "C2'" . GDP B 2 .   ? -4.201  -14.964 0.367   1.00 20.12 ? 201 GDP A "C2'" 1 
HETATM 1414 O "O2'" . GDP B 2 .   ? -3.633  -16.190 -0.060  1.00 21.10 ? 201 GDP A "O2'" 1 
HETATM 1415 C "C1'" . GDP B 2 .   ? -5.300  -14.480 -0.588  1.00 19.69 ? 201 GDP A "C1'" 1 
HETATM 1416 N N9    . GDP B 2 .   ? -4.762  -13.687 -1.695  1.00 19.79 ? 201 GDP A N9    1 
HETATM 1417 C C8    . GDP B 2 .   ? -3.984  -12.589 -1.567  1.00 21.07 ? 201 GDP A C8    1 
HETATM 1418 N N7    . GDP B 2 .   ? -3.660  -12.080 -2.776  1.00 19.89 ? 201 GDP A N7    1 
HETATM 1419 C C5    . GDP B 2 .   ? -4.266  -12.861 -3.702  1.00 21.15 ? 201 GDP A C5    1 
HETATM 1420 C C6    . GDP B 2 .   ? -4.366  -12.868 -5.174  1.00 21.64 ? 201 GDP A C6    1 
HETATM 1421 O O6    . GDP B 2 .   ? -3.764  -12.042 -5.870  1.00 20.03 ? 201 GDP A O6    1 
HETATM 1422 N N1    . GDP B 2 .   ? -5.095  -13.841 -5.757  1.00 22.81 ? 201 GDP A N1    1 
HETATM 1423 C C2    . GDP B 2 .   ? -5.728  -14.780 -5.031  1.00 22.11 ? 201 GDP A C2    1 
HETATM 1424 N N2    . GDP B 2 .   ? -6.447  -15.716 -5.659  1.00 21.71 ? 201 GDP A N2    1 
HETATM 1425 N N3    . GDP B 2 .   ? -5.705  -14.818 -3.673  1.00 23.39 ? 201 GDP A N3    1 
HETATM 1426 C C4    . GDP B 2 .   ? -4.991  -13.904 -2.982  1.00 21.55 ? 201 GDP A C4    1 
HETATM 1427 X UNK   . UNX C 3 .   ? -5.833  -7.376  9.598   0.01 2.00  ? 501 UNX A UNK   1 
HETATM 1428 X UNK   . UNX D 3 .   ? 12.165  -12.226 -1.400  0.01 2.00  ? 502 UNX A UNK   1 
HETATM 1429 X UNK   . UNX E 3 .   ? -2.836  3.549   22.489  0.01 2.00  ? 503 UNX A UNK   1 
HETATM 1430 X UNK   . UNX F 3 .   ? 14.732  -4.891  -8.968  0.01 2.00  ? 504 UNX A UNK   1 
HETATM 1431 X UNK   . UNX G 3 .   ? 8.958   -9.714  -12.524 0.01 2.00  ? 505 UNX A UNK   1 
HETATM 1432 X UNK   . UNX H 3 .   ? 18.276  -3.422  -2.568  0.01 2.00  ? 506 UNX A UNK   1 
HETATM 1433 O O     . HOH I 4 .   ? 8.473   -4.695  10.297  1.00 14.78 ? 507 HOH A O     1 
HETATM 1434 O O     . HOH I 4 .   ? 5.835   8.923   11.954  1.00 16.84 ? 508 HOH A O     1 
HETATM 1435 O O     . HOH I 4 .   ? 13.620  4.179   7.291   1.00 18.90 ? 509 HOH A O     1 
HETATM 1436 O O     . HOH I 4 .   ? -4.663  -6.065  7.275   1.00 16.32 ? 510 HOH A O     1 
HETATM 1437 O O     . HOH I 4 .   ? -2.215  -6.886  6.459   1.00 14.15 ? 511 HOH A O     1 
HETATM 1438 O O     . HOH I 4 .   ? -3.674  -8.472  12.388  1.00 18.65 ? 512 HOH A O     1 
HETATM 1439 O O     . HOH I 4 .   ? 13.908  -5.370  3.175   1.00 18.76 ? 513 HOH A O     1 
HETATM 1440 O O     . HOH I 4 .   ? 10.484  -0.740  -7.379  1.00 17.73 ? 514 HOH A O     1 
HETATM 1441 O O     . HOH I 4 .   ? -10.209 -2.431  0.942   1.00 14.73 ? 515 HOH A O     1 
HETATM 1442 O O     . HOH I 4 .   ? -4.664  -1.022  6.053   1.00 15.79 ? 516 HOH A O     1 
HETATM 1443 O O     . HOH I 4 .   ? -11.009 -4.891  7.503   1.00 12.59 ? 517 HOH A O     1 
HETATM 1444 O O     . HOH I 4 .   ? -11.444 -10.092 0.917   1.00 22.27 ? 518 HOH A O     1 
HETATM 1445 O O     . HOH I 4 .   ? 16.808  -7.058  -7.256  1.00 37.90 ? 519 HOH A O     1 
HETATM 1446 O O     . HOH I 4 .   ? -8.093  -16.848 0.650   1.00 30.46 ? 520 HOH A O     1 
HETATM 1447 O O     . HOH I 4 .   ? -1.239  -10.260 9.613   1.00 31.59 ? 521 HOH A O     1 
HETATM 1448 O O     . HOH I 4 .   ? -1.879  -11.628 6.378   1.00 27.67 ? 522 HOH A O     1 
HETATM 1449 O O     . HOH I 4 .   ? -1.999  -1.748  6.004   1.00 19.76 ? 523 HOH A O     1 
HETATM 1450 O O     . HOH I 4 .   ? -2.709  10.435  -6.453  1.00 24.31 ? 524 HOH A O     1 
HETATM 1451 O O     . HOH I 4 .   ? -4.659  -9.863  14.532  1.00 25.02 ? 525 HOH A O     1 
HETATM 1452 O O     . HOH I 4 .   ? 4.610   -7.989  -11.535 1.00 25.00 ? 526 HOH A O     1 
HETATM 1453 O O     . HOH I 4 .   ? -12.421 -13.180 1.580   1.00 48.74 ? 527 HOH A O     1 
HETATM 1454 O O     . HOH I 4 .   ? 13.034  2.364   9.434   1.00 16.80 ? 528 HOH A O     1 
HETATM 1455 O O     . HOH I 4 .   ? -2.944  -6.667  21.759  1.00 20.36 ? 529 HOH A O     1 
HETATM 1456 O O     . HOH I 4 .   ? 9.119   0.939   11.026  1.00 20.96 ? 530 HOH A O     1 
HETATM 1457 O O     . HOH I 4 .   ? 4.710   10.583  14.300  1.00 13.76 ? 531 HOH A O     1 
HETATM 1458 O O     . HOH I 4 .   ? -12.510 -3.977  -9.951  1.00 11.27 ? 532 HOH A O     1 
HETATM 1459 O O     . HOH I 4 .   ? -16.849 -13.410 -4.960  1.00 17.44 ? 533 HOH A O     1 
HETATM 1460 O O     . HOH I 4 .   ? -5.679  -18.367 -9.329  1.00 22.88 ? 534 HOH A O     1 
HETATM 1461 O O     . HOH I 4 .   ? -18.823 -9.498  -1.669  1.00 14.52 ? 535 HOH A O     1 
HETATM 1462 O O     . HOH I 4 .   ? -13.889 -6.715  3.273   1.00 13.50 ? 536 HOH A O     1 
# 
loop_
_pdbx_poly_seq_scheme.asym_id 
_pdbx_poly_seq_scheme.entity_id 
_pdbx_poly_seq_scheme.seq_id 
_pdbx_poly_seq_scheme.mon_id 
_pdbx_poly_seq_scheme.ndb_seq_num 
_pdbx_poly_seq_scheme.pdb_seq_num 
_pdbx_poly_seq_scheme.auth_seq_num 
_pdbx_poly_seq_scheme.pdb_mon_id 
_pdbx_poly_seq_scheme.auth_mon_id 
_pdbx_poly_seq_scheme.pdb_strand_id 
_pdbx_poly_seq_scheme.pdb_ins_code 
_pdbx_poly_seq_scheme.hetero 
A 1 1   MET 1   0   ?   ?   ?   A . n 
A 1 2   HIS 2   1   ?   ?   ?   A . n 
A 1 3   HIS 3   2   ?   ?   ?   A . n 
A 1 4   HIS 4   3   ?   ?   ?   A . n 
A 1 5   HIS 5   4   ?   ?   ?   A . n 
A 1 6   HIS 6   5   ?   ?   ?   A . n 
A 1 7   HIS 7   6   ?   ?   ?   A . n 
A 1 8   SER 8   7   ?   ?   ?   A . n 
A 1 9   SER 9   8   ?   ?   ?   A . n 
A 1 10  GLY 10  9   ?   ?   ?   A . n 
A 1 11  ARG 11  10  10  ARG ARG A . n 
A 1 12  GLU 12  11  11  GLU GLU A . n 
A 1 13  ASN 13  12  12  ASN ASN A . n 
A 1 14  LEU 14  13  13  LEU LEU A . n 
A 1 15  TYR 15  14  14  TYR TYR A . n 
A 1 16  PHE 16  15  15  PHE PHE A . n 
A 1 17  GLN 17  16  16  GLN GLN A . n 
A 1 18  GLY 18  17  17  GLY GLY A . n 
A 1 19  ASN 19  18  18  ASN ASN A . n 
A 1 20  PHE 20  19  19  PHE PHE A . n 
A 1 21  ASP 21  20  20  ASP ASP A . n 
A 1 22  TYR 22  21  21  TYR TYR A . n 
A 1 23  MET 23  22  22  MET MET A . n 
A 1 24  PHE 24  23  23  PHE PHE A . n 
A 1 25  LYS 25  24  24  LYS LYS A . n 
A 1 26  LEU 26  25  25  LEU LEU A . n 
A 1 27  LEU 27  26  26  LEU LEU A . n 
A 1 28  ILE 28  27  27  ILE ILE A . n 
A 1 29  ILE 29  28  28  ILE ILE A . n 
A 1 30  GLY 30  29  29  GLY GLY A . n 
A 1 31  ASN 31  30  30  ASN ASN A . n 
A 1 32  SER 32  31  31  SER SER A . n 
A 1 33  SER 33  32  32  SER SER A . n 
A 1 34  VAL 34  33  33  VAL VAL A . n 
A 1 35  GLY 35  34  34  GLY GLY A . n 
A 1 36  LYS 36  35  35  LYS LYS A . n 
A 1 37  THR 37  36  36  THR THR A . n 
A 1 38  SER 38  37  37  SER SER A . n 
A 1 39  PHE 39  38  38  PHE PHE A . n 
A 1 40  LEU 40  39  39  LEU LEU A . n 
A 1 41  PHE 41  40  40  PHE PHE A . n 
A 1 42  ARG 42  41  41  ARG ARG A . n 
A 1 43  TYR 43  42  42  TYR TYR A . n 
A 1 44  ALA 44  43  43  ALA ALA A . n 
A 1 45  ASP 45  44  44  ASP ASP A . n 
A 1 46  ASP 46  45  45  ASP ASP A . n 
A 1 47  THR 47  46  46  THR THR A . n 
A 1 48  PHE 48  47  47  PHE PHE A . n 
A 1 49  THR 49  48  48  THR THR A . n 
A 1 50  PRO 50  49  49  PRO PRO A . n 
A 1 51  ALA 51  50  50  ALA ALA A . n 
A 1 52  PHE 52  51  51  PHE PHE A . n 
A 1 53  VAL 53  52  52  VAL VAL A . n 
A 1 54  SER 54  53  53  SER SER A . n 
A 1 55  THR 55  54  54  THR THR A . n 
A 1 56  VAL 56  55  55  VAL VAL A . n 
A 1 57  GLY 57  56  56  GLY GLY A . n 
A 1 58  ILE 58  57  57  ILE ILE A . n 
A 1 59  ASP 59  58  58  ASP ASP A . n 
A 1 60  PHE 60  59  59  PHE PHE A . n 
A 1 61  LYS 61  60  60  LYS LYS A . n 
A 1 62  VAL 62  61  61  VAL VAL A . n 
A 1 63  LYS 63  62  62  LYS LYS A . n 
A 1 64  THR 64  63  63  THR THR A . n 
A 1 65  VAL 65  64  64  VAL VAL A . n 
A 1 66  TYR 66  65  65  TYR TYR A . n 
A 1 67  ARG 67  66  66  ARG ARG A . n 
A 1 68  HIS 68  67  67  HIS HIS A . n 
A 1 69  GLU 69  68  68  GLU GLU A . n 
A 1 70  LYS 70  69  69  LYS LYS A . n 
A 1 71  ARG 71  70  70  ARG ARG A . n 
A 1 72  VAL 72  71  71  VAL VAL A . n 
A 1 73  LYS 73  72  72  LYS LYS A . n 
A 1 74  LEU 74  73  73  LEU LEU A . n 
A 1 75  GLN 75  74  74  GLN GLN A . n 
A 1 76  ILE 76  75  75  ILE ILE A . n 
A 1 77  TRP 77  76  76  TRP TRP A . n 
A 1 78  ASP 78  77  77  ASP ASP A . n 
A 1 79  THR 79  78  78  THR THR A . n 
A 1 80  ALA 80  79  79  ALA ALA A . n 
A 1 81  GLY 81  80  80  GLY GLY A . n 
A 1 82  GLN 82  81  81  GLN GLN A . n 
A 1 83  GLU 83  82  82  GLU GLU A . n 
A 1 84  ARG 84  83  83  ARG ARG A . n 
A 1 85  TYR 85  84  84  TYR TYR A . n 
A 1 86  ARG 86  85  85  ARG ARG A . n 
A 1 87  THR 87  86  86  THR THR A . n 
A 1 88  ILE 88  87  87  ILE ILE A . n 
A 1 89  THR 89  88  88  THR THR A . n 
A 1 90  THR 90  89  89  THR THR A . n 
A 1 91  ALA 91  90  90  ALA ALA A . n 
A 1 92  TYR 92  91  91  TYR TYR A . n 
A 1 93  TYR 93  92  92  TYR TYR A . n 
A 1 94  ARG 94  93  93  ARG ARG A . n 
A 1 95  GLY 95  94  94  GLY GLY A . n 
A 1 96  ALA 96  95  95  ALA ALA A . n 
A 1 97  MET 97  96  96  MET MET A . n 
A 1 98  GLY 98  97  97  GLY GLY A . n 
A 1 99  PHE 99  98  98  PHE PHE A . n 
A 1 100 ILE 100 99  99  ILE ILE A . n 
A 1 101 LEU 101 100 100 LEU LEU A . n 
A 1 102 MET 102 101 101 MET MET A . n 
A 1 103 TYR 103 102 102 TYR TYR A . n 
A 1 104 ASP 104 103 103 ASP ASP A . n 
A 1 105 ILE 105 104 104 ILE ILE A . n 
A 1 106 THR 106 105 105 THR THR A . n 
A 1 107 ASN 107 106 106 ASN ASN A . n 
A 1 108 GLU 108 107 107 GLU GLU A . n 
A 1 109 GLU 109 108 108 GLU GLU A . n 
A 1 110 SER 110 109 109 SER SER A . n 
A 1 111 PHE 111 110 110 PHE PHE A . n 
A 1 112 ASN 112 111 111 ASN ASN A . n 
A 1 113 ALA 113 112 112 ALA ALA A . n 
A 1 114 VAL 114 113 113 VAL VAL A . n 
A 1 115 GLN 115 114 114 GLN GLN A . n 
A 1 116 ASP 116 115 115 ASP ASP A . n 
A 1 117 TRP 117 116 116 TRP TRP A . n 
A 1 118 ALA 118 117 117 ALA ALA A . n 
A 1 119 THR 119 118 118 THR THR A . n 
A 1 120 GLN 120 119 119 GLN GLN A . n 
A 1 121 ILE 121 120 120 ILE ILE A . n 
A 1 122 LYS 122 121 121 LYS LYS A . n 
A 1 123 THR 123 122 122 THR THR A . n 
A 1 124 TYR 124 123 123 TYR TYR A . n 
A 1 125 SER 125 124 124 SER SER A . n 
A 1 126 TRP 126 125 125 TRP TRP A . n 
A 1 127 ASP 127 126 126 ASP ASP A . n 
A 1 128 ASN 128 127 127 ASN ASN A . n 
A 1 129 ALA 129 128 128 ALA ALA A . n 
A 1 130 GLN 130 129 129 GLN GLN A . n 
A 1 131 VAL 131 130 130 VAL VAL A . n 
A 1 132 ILE 132 131 131 ILE ILE A . n 
A 1 133 LEU 133 132 132 LEU LEU A . n 
A 1 134 VAL 134 133 133 VAL VAL A . n 
A 1 135 GLY 135 134 134 GLY GLY A . n 
A 1 136 ASN 136 135 135 ASN ASN A . n 
A 1 137 LYS 137 136 136 LYS LYS A . n 
A 1 138 CYS 138 137 137 CYS CYS A . n 
A 1 139 ASP 139 138 138 ASP ASP A . n 
A 1 140 MET 140 139 139 MET MET A . n 
A 1 141 GLU 141 140 140 GLU GLU A . n 
A 1 142 GLU 142 141 141 GLU GLU A . n 
A 1 143 GLU 143 142 142 GLU GLU A . n 
A 1 144 ARG 144 143 143 ARG ARG A . n 
A 1 145 VAL 145 144 144 VAL VAL A . n 
A 1 146 VAL 146 145 145 VAL VAL A . n 
A 1 147 PRO 147 146 146 PRO PRO A . n 
A 1 148 THR 148 147 147 THR THR A . n 
A 1 149 GLU 149 148 148 GLU GLU A . n 
A 1 150 LYS 150 149 149 LYS LYS A . n 
A 1 151 GLY 151 150 150 GLY GLY A . n 
A 1 152 GLN 152 151 151 GLN GLN A . n 
A 1 153 LEU 153 152 152 LEU LEU A . n 
A 1 154 LEU 154 153 153 LEU LEU A . n 
A 1 155 ALA 155 154 154 ALA ALA A . n 
A 1 156 GLU 156 155 155 GLU GLU A . n 
A 1 157 GLN 157 156 156 GLN GLN A . n 
A 1 158 LEU 158 157 157 LEU LEU A . n 
A 1 159 GLY 159 158 158 GLY GLY A . n 
A 1 160 PHE 160 159 159 PHE PHE A . n 
A 1 161 ASP 161 160 160 ASP ASP A . n 
A 1 162 PHE 162 161 161 PHE PHE A . n 
A 1 163 PHE 163 162 162 PHE PHE A . n 
A 1 164 GLU 164 163 163 GLU GLU A . n 
A 1 165 ALA 165 164 164 ALA ALA A . n 
A 1 166 SER 166 165 165 SER SER A . n 
A 1 167 ALA 167 166 166 ALA ALA A . n 
A 1 168 LYS 168 167 167 LYS LYS A . n 
A 1 169 GLU 169 168 168 GLU GLU A . n 
A 1 170 ASN 170 169 169 ASN ASN A . n 
A 1 171 ILE 171 170 170 ILE ILE A . n 
A 1 172 SER 172 171 171 SER SER A . n 
A 1 173 VAL 173 172 172 VAL VAL A . n 
A 1 174 ARG 174 173 173 ARG ARG A . n 
A 1 175 GLN 175 174 174 GLN GLN A . n 
A 1 176 ALA 176 175 175 ALA ALA A . n 
A 1 177 PHE 177 176 176 PHE PHE A . n 
A 1 178 GLU 178 177 177 GLU GLU A . n 
A 1 179 ARG 179 178 178 ARG ARG A . n 
A 1 180 LEU 180 179 179 LEU LEU A . n 
A 1 181 VAL 181 180 180 VAL VAL A . n 
A 1 182 ASP 182 181 181 ASP ASP A . n 
A 1 183 ALA 183 182 182 ALA ALA A . n 
A 1 184 ILE 184 183 183 ILE ILE A . n 
A 1 185 CYS 185 184 184 CYS CYS A . n 
A 1 186 ASP 186 185 185 ASP ASP A . n 
A 1 187 LYS 187 186 186 LYS LYS A . n 
A 1 188 MET 188 187 187 MET MET A . n 
A 1 189 SER 189 188 ?   ?   ?   A . n 
A 1 190 ASP 190 189 ?   ?   ?   A . n 
A 1 191 SER 191 190 ?   ?   ?   A . n 
# 
_pdbx_SG_project.id                    1 
_pdbx_SG_project.project_name          ? 
_pdbx_SG_project.full_name_of_center   'Structural Genomics Consortium' 
_pdbx_SG_project.initial_of_center     SGC 
# 
loop_
_pdbx_nonpoly_scheme.asym_id 
_pdbx_nonpoly_scheme.entity_id 
_pdbx_nonpoly_scheme.mon_id 
_pdbx_nonpoly_scheme.ndb_seq_num 
_pdbx_nonpoly_scheme.pdb_seq_num 
_pdbx_nonpoly_scheme.auth_seq_num 
_pdbx_nonpoly_scheme.pdb_mon_id 
_pdbx_nonpoly_scheme.auth_mon_id 
_pdbx_nonpoly_scheme.pdb_strand_id 
_pdbx_nonpoly_scheme.pdb_ins_code 
B 2 GDP 1  201 201 GDP GDP A . 
C 3 UNX 1  501 501 UNX UNX A . 
D 3 UNX 1  502 502 UNX UNX A . 
E 3 UNX 1  503 503 UNX UNX A . 
F 3 UNX 1  504 504 UNX UNX A . 
G 3 UNX 1  505 505 UNX UNX A . 
H 3 UNX 1  506 506 UNX UNX A . 
I 4 HOH 1  507 1   HOH HOH A . 
I 4 HOH 2  508 2   HOH HOH A . 
I 4 HOH 3  509 3   HOH HOH A . 
I 4 HOH 4  510 4   HOH HOH A . 
I 4 HOH 5  511 5   HOH HOH A . 
I 4 HOH 6  512 6   HOH HOH A . 
I 4 HOH 7  513 7   HOH HOH A . 
I 4 HOH 8  514 8   HOH HOH A . 
I 4 HOH 9  515 9   HOH HOH A . 
I 4 HOH 10 516 10  HOH HOH A . 
I 4 HOH 11 517 11  HOH HOH A . 
I 4 HOH 12 518 12  HOH HOH A . 
I 4 HOH 13 519 13  HOH HOH A . 
I 4 HOH 14 520 14  HOH HOH A . 
I 4 HOH 15 521 15  HOH HOH A . 
I 4 HOH 16 522 16  HOH HOH A . 
I 4 HOH 17 523 17  HOH HOH A . 
I 4 HOH 18 524 18  HOH HOH A . 
I 4 HOH 19 525 19  HOH HOH A . 
I 4 HOH 20 526 20  HOH HOH A . 
I 4 HOH 21 527 21  HOH HOH A . 
I 4 HOH 22 528 22  HOH HOH A . 
I 4 HOH 23 529 23  HOH HOH A . 
I 4 HOH 24 530 24  HOH HOH A . 
I 4 HOH 25 531 25  HOH HOH A . 
I 4 HOH 26 532 26  HOH HOH A . 
I 4 HOH 27 533 27  HOH HOH A . 
I 4 HOH 28 534 28  HOH HOH A . 
I 4 HOH 29 535 29  HOH HOH A . 
I 4 HOH 30 536 30  HOH HOH A . 
# 
_pdbx_struct_assembly.id                   1 
_pdbx_struct_assembly.details              software_defined_assembly 
_pdbx_struct_assembly.method_details       PISA 
_pdbx_struct_assembly.oligomeric_details   dimeric 
_pdbx_struct_assembly.oligomeric_count     2 
# 
_pdbx_struct_assembly_gen.assembly_id       1 
_pdbx_struct_assembly_gen.oper_expression   1,2 
_pdbx_struct_assembly_gen.asym_id_list      A,B,C,D,E,F,G,H,I 
# 
loop_
_pdbx_struct_assembly_prop.biol_id 
_pdbx_struct_assembly_prop.type 
_pdbx_struct_assembly_prop.value 
_pdbx_struct_assembly_prop.details 
1 'ABSA (A^2)' 3890  ? 
1 MORE         -19   ? 
1 'SSA (A^2)'  15190 ? 
# 
loop_
_pdbx_struct_oper_list.id 
_pdbx_struct_oper_list.type 
_pdbx_struct_oper_list.name 
_pdbx_struct_oper_list.symmetry_operation 
_pdbx_struct_oper_list.matrix[1][1] 
_pdbx_struct_oper_list.matrix[1][2] 
_pdbx_struct_oper_list.matrix[1][3] 
_pdbx_struct_oper_list.vector[1] 
_pdbx_struct_oper_list.matrix[2][1] 
_pdbx_struct_oper_list.matrix[2][2] 
_pdbx_struct_oper_list.matrix[2][3] 
_pdbx_struct_oper_list.vector[2] 
_pdbx_struct_oper_list.matrix[3][1] 
_pdbx_struct_oper_list.matrix[3][2] 
_pdbx_struct_oper_list.matrix[3][3] 
_pdbx_struct_oper_list.vector[3] 
1 'identity operation'         1_555 x,y,z       1.0000000000  0.0000000000  0.0000000000  0.0000000000  0.0000000000  1.0000000000  0.0000000000 0.0000000000  0.0000000000  0.0000000000 1.0000000000  0.0000000000  
2 'crystal symmetry operation' 2_656 -x+1,y,-z+1 -0.1068584300 -0.4793624762 -0.8710871899 21.4762893845 -0.4793624762 -0.7427189694 0.4675255596 -2.0779352310 -0.8710871899 0.4675255596 -0.1504226006 23.1635262584 
# 
loop_
_pdbx_audit_revision_history.ordinal 
_pdbx_audit_revision_history.data_content_type 
_pdbx_audit_revision_history.major_revision 
_pdbx_audit_revision_history.minor_revision 
_pdbx_audit_revision_history.revision_date 
1 'Structure model' 1 0 2008-08-12 
2 'Structure model' 1 1 2011-07-13 
3 'Structure model' 1 2 2017-10-25 
4 'Structure model' 1 3 2023-08-30 
# 
_pdbx_audit_revision_details.ordinal             1 
_pdbx_audit_revision_details.revision_ordinal    1 
_pdbx_audit_revision_details.data_content_type   'Structure model' 
_pdbx_audit_revision_details.provider            repository 
_pdbx_audit_revision_details.type                'Initial release' 
_pdbx_audit_revision_details.description         ? 
_pdbx_audit_revision_details.details             ? 
# 
loop_
_pdbx_audit_revision_group.ordinal 
_pdbx_audit_revision_group.revision_ordinal 
_pdbx_audit_revision_group.data_content_type 
_pdbx_audit_revision_group.group 
1 2 'Structure model' Advisory                    
2 2 'Structure model' 'Version format compliance' 
3 3 'Structure model' 'Refinement description'    
4 4 'Structure model' 'Data collection'           
5 4 'Structure model' 'Database references'       
6 4 'Structure model' 'Derived calculations'      
7 4 'Structure model' 'Refinement description'    
# 
loop_
_pdbx_audit_revision_category.ordinal 
_pdbx_audit_revision_category.revision_ordinal 
_pdbx_audit_revision_category.data_content_type 
_pdbx_audit_revision_category.category 
1 3 'Structure model' software                      
2 4 'Structure model' chem_comp_atom                
3 4 'Structure model' chem_comp_bond                
4 4 'Structure model' database_2                    
5 4 'Structure model' pdbx_initial_refinement_model 
6 4 'Structure model' struct_ref_seq_dif            
7 4 'Structure model' struct_site                   
# 
loop_
_pdbx_audit_revision_item.ordinal 
_pdbx_audit_revision_item.revision_ordinal 
_pdbx_audit_revision_item.data_content_type 
_pdbx_audit_revision_item.item 
1  3 'Structure model' '_software.classification'            
2  3 'Structure model' '_software.contact_author'            
3  3 'Structure model' '_software.contact_author_email'      
4  3 'Structure model' '_software.date'                      
5  3 'Structure model' '_software.language'                  
6  3 'Structure model' '_software.location'                  
7  3 'Structure model' '_software.name'                      
8  3 'Structure model' '_software.type'                      
9  3 'Structure model' '_software.version'                   
10 4 'Structure model' '_database_2.pdbx_DOI'                
11 4 'Structure model' '_database_2.pdbx_database_accession' 
12 4 'Structure model' '_struct_ref_seq_dif.details'         
13 4 'Structure model' '_struct_site.pdbx_auth_asym_id'      
14 4 'Structure model' '_struct_site.pdbx_auth_comp_id'      
15 4 'Structure model' '_struct_site.pdbx_auth_seq_id'       
# 
loop_
_pdbx_refine_tls.id 
_pdbx_refine_tls.details 
_pdbx_refine_tls.method 
_pdbx_refine_tls.origin_x 
_pdbx_refine_tls.origin_y 
_pdbx_refine_tls.origin_z 
_pdbx_refine_tls.T[1][1] 
_pdbx_refine_tls.T[2][2] 
_pdbx_refine_tls.T[3][3] 
_pdbx_refine_tls.T[1][2] 
_pdbx_refine_tls.T[1][3] 
_pdbx_refine_tls.T[2][3] 
_pdbx_refine_tls.L[1][1] 
_pdbx_refine_tls.L[2][2] 
_pdbx_refine_tls.L[3][3] 
_pdbx_refine_tls.L[1][2] 
_pdbx_refine_tls.L[1][3] 
_pdbx_refine_tls.L[2][3] 
_pdbx_refine_tls.S[1][1] 
_pdbx_refine_tls.S[2][2] 
_pdbx_refine_tls.S[3][3] 
_pdbx_refine_tls.S[1][2] 
_pdbx_refine_tls.S[1][3] 
_pdbx_refine_tls.S[2][3] 
_pdbx_refine_tls.S[2][1] 
_pdbx_refine_tls.S[3][1] 
_pdbx_refine_tls.S[3][2] 
_pdbx_refine_tls.pdbx_refine_id 
1 ? refined 0.3900  -0.1773  0.2389  0.1317 0.1028 0.1495 -0.0052 -0.0157 0.0220  3.2254 1.6616 2.2101  0.8391 1.5212 0.0871 -0.1285 0.1298 -0.0014 0.2867 0.3538  0.3317 -0.3569 -0.1589 0.0466  'X-RAY DIFFRACTION' 
2 ? refined -4.8683 -13.2760 -0.4050 0.0884 0.0665 0.0909 -0.0289 -0.0265 -0.0187 3.7213 2.0361 13.9070 1.2979 1.5198 1.9945 -0.0021 0.1385 -0.1364 0.0840 -0.3004 0.0855 -0.1018 0.8430  -0.0735 'X-RAY DIFFRACTION' 
# 
loop_
_pdbx_refine_tls_group.id 
_pdbx_refine_tls_group.refine_tls_id 
_pdbx_refine_tls_group.beg_auth_asym_id 
_pdbx_refine_tls_group.end_auth_asym_id 
_pdbx_refine_tls_group.end_auth_seq_id 
_pdbx_refine_tls_group.selection 
_pdbx_refine_tls_group.beg_auth_seq_id 
_pdbx_refine_tls_group.beg_label_asym_id 
_pdbx_refine_tls_group.beg_label_seq_id 
_pdbx_refine_tls_group.end_label_asym_id 
_pdbx_refine_tls_group.end_label_seq_id 
_pdbx_refine_tls_group.pdbx_refine_id 
_pdbx_refine_tls_group.selection_details 
1 1 A A 187 ? 10  A 11 A 188 'X-RAY DIFFRACTION' ? 
2 2 A A 201 ? 201 B .  B .   'X-RAY DIFFRACTION' ? 
# 
_phasing.method   MR 
# 
loop_
_software.name 
_software.version 
_software.date 
_software.type 
_software.contact_author 
_software.contact_author_email 
_software.classification 
_software.location 
_software.language 
_software.citation_id 
_software.pdbx_ordinal 
DENZO       .        ?                    package 'Zbyszek Otwinowski' zbyszek@mix.swmed.edu       'data reduction'  
http://www.lnls.br/infra/linhasluz/denzo-hkl.htm ?          ? 1 
SCALEPACK   .        ?                    package 'Zbyszek Otwinowski' zbyszek@mix.swmed.edu       'data scaling'    
http://www.lnls.br/infra/linhasluz/denzo-hkl.htm ?          ? 2 
PHASER      .        ?                    other   'R. J. Read'         cimr-phaser@lists.cam.ac.uk phasing           
http://www-structmed.cimr.cam.ac.uk/phaser/      ?          ? 3 
REFMAC      5.5.0044 ?                    program 'Murshudov, G.N.'    ccp4@dl.ac.uk               refinement        
http://www.ccp4.ac.uk/main.html                  Fortran_77 ? 4 
PDB_EXTRACT 3.005    'September 10, 2007' package PDB                  sw-help@rcsb.rutgers.edu    'data extraction' 
http://pdb.rutgers.edu/software/                 C++        ? 5 
ARP/wARP    .        ?                    ?       ?                    ?                           'model building'  ? ?          
? 6 
Coot        .        ?                    ?       ?                    ?                           'model building'  ? ?          
? 7 
MolProbity  .        ?                    ?       ?                    ?                           'model building'  ? ?          
? 8 
# 
loop_
_pdbx_validate_torsion.id 
_pdbx_validate_torsion.PDB_model_num 
_pdbx_validate_torsion.auth_comp_id 
_pdbx_validate_torsion.auth_asym_id 
_pdbx_validate_torsion.auth_seq_id 
_pdbx_validate_torsion.PDB_ins_code 
_pdbx_validate_torsion.label_alt_id 
_pdbx_validate_torsion.phi 
_pdbx_validate_torsion.psi 
1 1 SER A 32  ? ? 82.26   8.43  
2 1 ASP A 58  ? ? -152.76 24.51 
3 1 LYS A 136 ? ? 74.96   31.26 
4 1 MET A 139 ? ? -96.20  54.11 
# 
loop_
_pdbx_unobs_or_zero_occ_atoms.id 
_pdbx_unobs_or_zero_occ_atoms.PDB_model_num 
_pdbx_unobs_or_zero_occ_atoms.polymer_flag 
_pdbx_unobs_or_zero_occ_atoms.occupancy_flag 
_pdbx_unobs_or_zero_occ_atoms.auth_asym_id 
_pdbx_unobs_or_zero_occ_atoms.auth_comp_id 
_pdbx_unobs_or_zero_occ_atoms.auth_seq_id 
_pdbx_unobs_or_zero_occ_atoms.PDB_ins_code 
_pdbx_unobs_or_zero_occ_atoms.auth_atom_id 
_pdbx_unobs_or_zero_occ_atoms.label_alt_id 
_pdbx_unobs_or_zero_occ_atoms.label_asym_id 
_pdbx_unobs_or_zero_occ_atoms.label_comp_id 
_pdbx_unobs_or_zero_occ_atoms.label_seq_id 
_pdbx_unobs_or_zero_occ_atoms.label_atom_id 
1  1 Y 1 A TYR 21  ? CG  ? A TYR 22  CG  
2  1 Y 1 A TYR 21  ? CD1 ? A TYR 22  CD1 
3  1 Y 1 A TYR 21  ? CD2 ? A TYR 22  CD2 
4  1 Y 1 A TYR 21  ? CE1 ? A TYR 22  CE1 
5  1 Y 1 A TYR 21  ? CE2 ? A TYR 22  CE2 
6  1 Y 1 A TYR 21  ? CZ  ? A TYR 22  CZ  
7  1 Y 1 A TYR 21  ? OH  ? A TYR 22  OH  
8  1 Y 1 A PHE 47  ? CG  ? A PHE 48  CG  
9  1 Y 1 A PHE 47  ? CD1 ? A PHE 48  CD1 
10 1 Y 1 A PHE 47  ? CD2 ? A PHE 48  CD2 
11 1 Y 1 A PHE 47  ? CE1 ? A PHE 48  CE1 
12 1 Y 1 A PHE 47  ? CE2 ? A PHE 48  CE2 
13 1 Y 1 A PHE 47  ? CZ  ? A PHE 48  CZ  
14 1 Y 1 A GLU 68  ? CG  ? A GLU 69  CG  
15 1 Y 1 A GLU 68  ? CD  ? A GLU 69  CD  
16 1 Y 1 A GLU 68  ? OE1 ? A GLU 69  OE1 
17 1 Y 1 A GLU 68  ? OE2 ? A GLU 69  OE2 
18 1 Y 1 A LYS 69  ? CE  ? A LYS 70  CE  
19 1 Y 1 A LYS 69  ? NZ  ? A LYS 70  NZ  
20 1 Y 1 A ARG 85  ? CD  ? A ARG 86  CD  
21 1 Y 1 A ARG 85  ? NE  ? A ARG 86  NE  
22 1 Y 1 A ARG 85  ? CZ  ? A ARG 86  CZ  
23 1 Y 1 A ARG 85  ? NH1 ? A ARG 86  NH1 
24 1 Y 1 A ARG 85  ? NH2 ? A ARG 86  NH2 
25 1 Y 1 A GLU 108 ? CD  ? A GLU 109 CD  
26 1 Y 1 A GLU 108 ? OE1 ? A GLU 109 OE1 
27 1 Y 1 A GLU 108 ? OE2 ? A GLU 109 OE2 
28 1 Y 1 A GLN 114 ? CG  ? A GLN 115 CG  
29 1 Y 1 A GLN 114 ? CD  ? A GLN 115 CD  
30 1 Y 1 A GLN 114 ? OE1 ? A GLN 115 OE1 
31 1 Y 1 A GLN 114 ? NE2 ? A GLN 115 NE2 
32 1 Y 1 A TYR 123 ? CD2 ? A TYR 124 CD2 
33 1 Y 1 A TYR 123 ? CE1 ? A TYR 124 CE1 
34 1 Y 1 A TYR 123 ? CE2 ? A TYR 124 CE2 
35 1 Y 1 A TYR 123 ? CZ  ? A TYR 124 CZ  
36 1 Y 1 A TYR 123 ? OH  ? A TYR 124 OH  
37 1 Y 1 A ASP 126 ? CG  ? A ASP 127 CG  
38 1 Y 1 A ASP 126 ? OD1 ? A ASP 127 OD1 
39 1 Y 1 A ASP 126 ? OD2 ? A ASP 127 OD2 
40 1 Y 1 A ASN 127 ? CG  ? A ASN 128 CG  
41 1 Y 1 A ASN 127 ? OD1 ? A ASN 128 OD1 
42 1 Y 1 A ASN 127 ? ND2 ? A ASN 128 ND2 
43 1 Y 1 A GLU 142 ? CD  ? A GLU 143 CD  
44 1 Y 1 A GLU 142 ? OE1 ? A GLU 143 OE1 
45 1 Y 1 A GLU 142 ? OE2 ? A GLU 143 OE2 
46 1 Y 1 A GLU 148 ? CG  ? A GLU 149 CG  
47 1 Y 1 A GLU 148 ? CD  ? A GLU 149 CD  
48 1 Y 1 A GLU 148 ? OE1 ? A GLU 149 OE1 
49 1 Y 1 A GLU 148 ? OE2 ? A GLU 149 OE2 
50 1 Y 1 A GLU 155 ? CD  ? A GLU 156 CD  
51 1 Y 1 A GLU 155 ? OE1 ? A GLU 156 OE1 
52 1 Y 1 A GLU 155 ? OE2 ? A GLU 156 OE2 
53 1 Y 1 A PHE 162 ? CD1 ? A PHE 163 CD1 
54 1 Y 1 A PHE 162 ? CD2 ? A PHE 163 CD2 
55 1 Y 1 A PHE 162 ? CE1 ? A PHE 163 CE1 
56 1 Y 1 A PHE 162 ? CE2 ? A PHE 163 CE2 
57 1 Y 1 A PHE 162 ? CZ  ? A PHE 163 CZ  
58 1 Y 1 A LYS 167 ? CD  ? A LYS 168 CD  
59 1 Y 1 A LYS 167 ? CE  ? A LYS 168 CE  
60 1 Y 1 A LYS 167 ? NZ  ? A LYS 168 NZ  
61 1 Y 1 A ARG 178 ? CD  ? A ARG 179 CD  
62 1 Y 1 A ARG 178 ? NE  ? A ARG 179 NE  
63 1 Y 1 A ARG 178 ? CZ  ? A ARG 179 CZ  
64 1 Y 1 A ARG 178 ? NH1 ? A ARG 179 NH1 
65 1 Y 1 A ARG 178 ? NH2 ? A ARG 179 NH2 
66 1 Y 1 A ASP 185 ? CG  ? A ASP 186 CG  
67 1 Y 1 A ASP 185 ? OD1 ? A ASP 186 OD1 
68 1 Y 1 A ASP 185 ? OD2 ? A ASP 186 OD2 
# 
loop_
_pdbx_unobs_or_zero_occ_residues.id 
_pdbx_unobs_or_zero_occ_residues.PDB_model_num 
_pdbx_unobs_or_zero_occ_residues.polymer_flag 
_pdbx_unobs_or_zero_occ_residues.occupancy_flag 
_pdbx_unobs_or_zero_occ_residues.auth_asym_id 
_pdbx_unobs_or_zero_occ_residues.auth_comp_id 
_pdbx_unobs_or_zero_occ_residues.auth_seq_id 
_pdbx_unobs_or_zero_occ_residues.PDB_ins_code 
_pdbx_unobs_or_zero_occ_residues.label_asym_id 
_pdbx_unobs_or_zero_occ_residues.label_comp_id 
_pdbx_unobs_or_zero_occ_residues.label_seq_id 
1  1 Y 1 A MET 0   ? A MET 1   
2  1 Y 1 A HIS 1   ? A HIS 2   
3  1 Y 1 A HIS 2   ? A HIS 3   
4  1 Y 1 A HIS 3   ? A HIS 4   
5  1 Y 1 A HIS 4   ? A HIS 5   
6  1 Y 1 A HIS 5   ? A HIS 6   
7  1 Y 1 A HIS 6   ? A HIS 7   
8  1 Y 1 A SER 7   ? A SER 8   
9  1 Y 1 A SER 8   ? A SER 9   
10 1 Y 1 A GLY 9   ? A GLY 10  
11 1 Y 1 A SER 188 ? A SER 189 
12 1 Y 1 A ASP 189 ? A ASP 190 
13 1 Y 1 A SER 190 ? A SER 191 
# 
loop_
_chem_comp_atom.comp_id 
_chem_comp_atom.atom_id 
_chem_comp_atom.type_symbol 
_chem_comp_atom.pdbx_aromatic_flag 
_chem_comp_atom.pdbx_stereo_config 
_chem_comp_atom.pdbx_ordinal 
ALA N      N N N 1   
ALA CA     C N S 2   
ALA C      C N N 3   
ALA O      O N N 4   
ALA CB     C N N 5   
ALA OXT    O N N 6   
ALA H      H N N 7   
ALA H2     H N N 8   
ALA HA     H N N 9   
ALA HB1    H N N 10  
ALA HB2    H N N 11  
ALA HB3    H N N 12  
ALA HXT    H N N 13  
ARG N      N N N 14  
ARG CA     C N S 15  
ARG C      C N N 16  
ARG O      O N N 17  
ARG CB     C N N 18  
ARG CG     C N N 19  
ARG CD     C N N 20  
ARG NE     N N N 21  
ARG CZ     C N N 22  
ARG NH1    N N N 23  
ARG NH2    N N N 24  
ARG OXT    O N N 25  
ARG H      H N N 26  
ARG H2     H N N 27  
ARG HA     H N N 28  
ARG HB2    H N N 29  
ARG HB3    H N N 30  
ARG HG2    H N N 31  
ARG HG3    H N N 32  
ARG HD2    H N N 33  
ARG HD3    H N N 34  
ARG HE     H N N 35  
ARG HH11   H N N 36  
ARG HH12   H N N 37  
ARG HH21   H N N 38  
ARG HH22   H N N 39  
ARG HXT    H N N 40  
ASN N      N N N 41  
ASN CA     C N S 42  
ASN C      C N N 43  
ASN O      O N N 44  
ASN CB     C N N 45  
ASN CG     C N N 46  
ASN OD1    O N N 47  
ASN ND2    N N N 48  
ASN OXT    O N N 49  
ASN H      H N N 50  
ASN H2     H N N 51  
ASN HA     H N N 52  
ASN HB2    H N N 53  
ASN HB3    H N N 54  
ASN HD21   H N N 55  
ASN HD22   H N N 56  
ASN HXT    H N N 57  
ASP N      N N N 58  
ASP CA     C N S 59  
ASP C      C N N 60  
ASP O      O N N 61  
ASP CB     C N N 62  
ASP CG     C N N 63  
ASP OD1    O N N 64  
ASP OD2    O N N 65  
ASP OXT    O N N 66  
ASP H      H N N 67  
ASP H2     H N N 68  
ASP HA     H N N 69  
ASP HB2    H N N 70  
ASP HB3    H N N 71  
ASP HD2    H N N 72  
ASP HXT    H N N 73  
CYS N      N N N 74  
CYS CA     C N R 75  
CYS C      C N N 76  
CYS O      O N N 77  
CYS CB     C N N 78  
CYS SG     S N N 79  
CYS OXT    O N N 80  
CYS H      H N N 81  
CYS H2     H N N 82  
CYS HA     H N N 83  
CYS HB2    H N N 84  
CYS HB3    H N N 85  
CYS HG     H N N 86  
CYS HXT    H N N 87  
GDP PB     P N N 88  
GDP O1B    O N N 89  
GDP O2B    O N N 90  
GDP O3B    O N N 91  
GDP O3A    O N N 92  
GDP PA     P N N 93  
GDP O1A    O N N 94  
GDP O2A    O N N 95  
GDP "O5'"  O N N 96  
GDP "C5'"  C N N 97  
GDP "C4'"  C N R 98  
GDP "O4'"  O N N 99  
GDP "C3'"  C N S 100 
GDP "O3'"  O N N 101 
GDP "C2'"  C N R 102 
GDP "O2'"  O N N 103 
GDP "C1'"  C N R 104 
GDP N9     N Y N 105 
GDP C8     C Y N 106 
GDP N7     N Y N 107 
GDP C5     C Y N 108 
GDP C6     C N N 109 
GDP O6     O N N 110 
GDP N1     N N N 111 
GDP C2     C N N 112 
GDP N2     N N N 113 
GDP N3     N N N 114 
GDP C4     C Y N 115 
GDP HOB2   H N N 116 
GDP HOB3   H N N 117 
GDP HOA2   H N N 118 
GDP "H5'"  H N N 119 
GDP "H5''" H N N 120 
GDP "H4'"  H N N 121 
GDP "H3'"  H N N 122 
GDP "HO3'" H N N 123 
GDP "H2'"  H N N 124 
GDP "HO2'" H N N 125 
GDP "H1'"  H N N 126 
GDP H8     H N N 127 
GDP HN1    H N N 128 
GDP HN21   H N N 129 
GDP HN22   H N N 130 
GLN N      N N N 131 
GLN CA     C N S 132 
GLN C      C N N 133 
GLN O      O N N 134 
GLN CB     C N N 135 
GLN CG     C N N 136 
GLN CD     C N N 137 
GLN OE1    O N N 138 
GLN NE2    N N N 139 
GLN OXT    O N N 140 
GLN H      H N N 141 
GLN H2     H N N 142 
GLN HA     H N N 143 
GLN HB2    H N N 144 
GLN HB3    H N N 145 
GLN HG2    H N N 146 
GLN HG3    H N N 147 
GLN HE21   H N N 148 
GLN HE22   H N N 149 
GLN HXT    H N N 150 
GLU N      N N N 151 
GLU CA     C N S 152 
GLU C      C N N 153 
GLU O      O N N 154 
GLU CB     C N N 155 
GLU CG     C N N 156 
GLU CD     C N N 157 
GLU OE1    O N N 158 
GLU OE2    O N N 159 
GLU OXT    O N N 160 
GLU H      H N N 161 
GLU H2     H N N 162 
GLU HA     H N N 163 
GLU HB2    H N N 164 
GLU HB3    H N N 165 
GLU HG2    H N N 166 
GLU HG3    H N N 167 
GLU HE2    H N N 168 
GLU HXT    H N N 169 
GLY N      N N N 170 
GLY CA     C N N 171 
GLY C      C N N 172 
GLY O      O N N 173 
GLY OXT    O N N 174 
GLY H      H N N 175 
GLY H2     H N N 176 
GLY HA2    H N N 177 
GLY HA3    H N N 178 
GLY HXT    H N N 179 
HIS N      N N N 180 
HIS CA     C N S 181 
HIS C      C N N 182 
HIS O      O N N 183 
HIS CB     C N N 184 
HIS CG     C Y N 185 
HIS ND1    N Y N 186 
HIS CD2    C Y N 187 
HIS CE1    C Y N 188 
HIS NE2    N Y N 189 
HIS OXT    O N N 190 
HIS H      H N N 191 
HIS H2     H N N 192 
HIS HA     H N N 193 
HIS HB2    H N N 194 
HIS HB3    H N N 195 
HIS HD1    H N N 196 
HIS HD2    H N N 197 
HIS HE1    H N N 198 
HIS HE2    H N N 199 
HIS HXT    H N N 200 
HOH O      O N N 201 
HOH H1     H N N 202 
HOH H2     H N N 203 
ILE N      N N N 204 
ILE CA     C N S 205 
ILE C      C N N 206 
ILE O      O N N 207 
ILE CB     C N S 208 
ILE CG1    C N N 209 
ILE CG2    C N N 210 
ILE CD1    C N N 211 
ILE OXT    O N N 212 
ILE H      H N N 213 
ILE H2     H N N 214 
ILE HA     H N N 215 
ILE HB     H N N 216 
ILE HG12   H N N 217 
ILE HG13   H N N 218 
ILE HG21   H N N 219 
ILE HG22   H N N 220 
ILE HG23   H N N 221 
ILE HD11   H N N 222 
ILE HD12   H N N 223 
ILE HD13   H N N 224 
ILE HXT    H N N 225 
LEU N      N N N 226 
LEU CA     C N S 227 
LEU C      C N N 228 
LEU O      O N N 229 
LEU CB     C N N 230 
LEU CG     C N N 231 
LEU CD1    C N N 232 
LEU CD2    C N N 233 
LEU OXT    O N N 234 
LEU H      H N N 235 
LEU H2     H N N 236 
LEU HA     H N N 237 
LEU HB2    H N N 238 
LEU HB3    H N N 239 
LEU HG     H N N 240 
LEU HD11   H N N 241 
LEU HD12   H N N 242 
LEU HD13   H N N 243 
LEU HD21   H N N 244 
LEU HD22   H N N 245 
LEU HD23   H N N 246 
LEU HXT    H N N 247 
LYS N      N N N 248 
LYS CA     C N S 249 
LYS C      C N N 250 
LYS O      O N N 251 
LYS CB     C N N 252 
LYS CG     C N N 253 
LYS CD     C N N 254 
LYS CE     C N N 255 
LYS NZ     N N N 256 
LYS OXT    O N N 257 
LYS H      H N N 258 
LYS H2     H N N 259 
LYS HA     H N N 260 
LYS HB2    H N N 261 
LYS HB3    H N N 262 
LYS HG2    H N N 263 
LYS HG3    H N N 264 
LYS HD2    H N N 265 
LYS HD3    H N N 266 
LYS HE2    H N N 267 
LYS HE3    H N N 268 
LYS HZ1    H N N 269 
LYS HZ2    H N N 270 
LYS HZ3    H N N 271 
LYS HXT    H N N 272 
MET N      N N N 273 
MET CA     C N S 274 
MET C      C N N 275 
MET O      O N N 276 
MET CB     C N N 277 
MET CG     C N N 278 
MET SD     S N N 279 
MET CE     C N N 280 
MET OXT    O N N 281 
MET H      H N N 282 
MET H2     H N N 283 
MET HA     H N N 284 
MET HB2    H N N 285 
MET HB3    H N N 286 
MET HG2    H N N 287 
MET HG3    H N N 288 
MET HE1    H N N 289 
MET HE2    H N N 290 
MET HE3    H N N 291 
MET HXT    H N N 292 
PHE N      N N N 293 
PHE CA     C N S 294 
PHE C      C N N 295 
PHE O      O N N 296 
PHE CB     C N N 297 
PHE CG     C Y N 298 
PHE CD1    C Y N 299 
PHE CD2    C Y N 300 
PHE CE1    C Y N 301 
PHE CE2    C Y N 302 
PHE CZ     C Y N 303 
PHE OXT    O N N 304 
PHE H      H N N 305 
PHE H2     H N N 306 
PHE HA     H N N 307 
PHE HB2    H N N 308 
PHE HB3    H N N 309 
PHE HD1    H N N 310 
PHE HD2    H N N 311 
PHE HE1    H N N 312 
PHE HE2    H N N 313 
PHE HZ     H N N 314 
PHE HXT    H N N 315 
PRO N      N N N 316 
PRO CA     C N S 317 
PRO C      C N N 318 
PRO O      O N N 319 
PRO CB     C N N 320 
PRO CG     C N N 321 
PRO CD     C N N 322 
PRO OXT    O N N 323 
PRO H      H N N 324 
PRO HA     H N N 325 
PRO HB2    H N N 326 
PRO HB3    H N N 327 
PRO HG2    H N N 328 
PRO HG3    H N N 329 
PRO HD2    H N N 330 
PRO HD3    H N N 331 
PRO HXT    H N N 332 
SER N      N N N 333 
SER CA     C N S 334 
SER C      C N N 335 
SER O      O N N 336 
SER CB     C N N 337 
SER OG     O N N 338 
SER OXT    O N N 339 
SER H      H N N 340 
SER H2     H N N 341 
SER HA     H N N 342 
SER HB2    H N N 343 
SER HB3    H N N 344 
SER HG     H N N 345 
SER HXT    H N N 346 
THR N      N N N 347 
THR CA     C N S 348 
THR C      C N N 349 
THR O      O N N 350 
THR CB     C N R 351 
THR OG1    O N N 352 
THR CG2    C N N 353 
THR OXT    O N N 354 
THR H      H N N 355 
THR H2     H N N 356 
THR HA     H N N 357 
THR HB     H N N 358 
THR HG1    H N N 359 
THR HG21   H N N 360 
THR HG22   H N N 361 
THR HG23   H N N 362 
THR HXT    H N N 363 
TRP N      N N N 364 
TRP CA     C N S 365 
TRP C      C N N 366 
TRP O      O N N 367 
TRP CB     C N N 368 
TRP CG     C Y N 369 
TRP CD1    C Y N 370 
TRP CD2    C Y N 371 
TRP NE1    N Y N 372 
TRP CE2    C Y N 373 
TRP CE3    C Y N 374 
TRP CZ2    C Y N 375 
TRP CZ3    C Y N 376 
TRP CH2    C Y N 377 
TRP OXT    O N N 378 
TRP H      H N N 379 
TRP H2     H N N 380 
TRP HA     H N N 381 
TRP HB2    H N N 382 
TRP HB3    H N N 383 
TRP HD1    H N N 384 
TRP HE1    H N N 385 
TRP HE3    H N N 386 
TRP HZ2    H N N 387 
TRP HZ3    H N N 388 
TRP HH2    H N N 389 
TRP HXT    H N N 390 
TYR N      N N N 391 
TYR CA     C N S 392 
TYR C      C N N 393 
TYR O      O N N 394 
TYR CB     C N N 395 
TYR CG     C Y N 396 
TYR CD1    C Y N 397 
TYR CD2    C Y N 398 
TYR CE1    C Y N 399 
TYR CE2    C Y N 400 
TYR CZ     C Y N 401 
TYR OH     O N N 402 
TYR OXT    O N N 403 
TYR H      H N N 404 
TYR H2     H N N 405 
TYR HA     H N N 406 
TYR HB2    H N N 407 
TYR HB3    H N N 408 
TYR HD1    H N N 409 
TYR HD2    H N N 410 
TYR HE1    H N N 411 
TYR HE2    H N N 412 
TYR HH     H N N 413 
TYR HXT    H N N 414 
VAL N      N N N 415 
VAL CA     C N S 416 
VAL C      C N N 417 
VAL O      O N N 418 
VAL CB     C N N 419 
VAL CG1    C N N 420 
VAL CG2    C N N 421 
VAL OXT    O N N 422 
VAL H      H N N 423 
VAL H2     H N N 424 
VAL HA     H N N 425 
VAL HB     H N N 426 
VAL HG11   H N N 427 
VAL HG12   H N N 428 
VAL HG13   H N N 429 
VAL HG21   H N N 430 
VAL HG22   H N N 431 
VAL HG23   H N N 432 
VAL HXT    H N N 433 
# 
loop_
_chem_comp_bond.comp_id 
_chem_comp_bond.atom_id_1 
_chem_comp_bond.atom_id_2 
_chem_comp_bond.value_order 
_chem_comp_bond.pdbx_aromatic_flag 
_chem_comp_bond.pdbx_stereo_config 
_chem_comp_bond.pdbx_ordinal 
ALA N     CA     sing N N 1   
ALA N     H      sing N N 2   
ALA N     H2     sing N N 3   
ALA CA    C      sing N N 4   
ALA CA    CB     sing N N 5   
ALA CA    HA     sing N N 6   
ALA C     O      doub N N 7   
ALA C     OXT    sing N N 8   
ALA CB    HB1    sing N N 9   
ALA CB    HB2    sing N N 10  
ALA CB    HB3    sing N N 11  
ALA OXT   HXT    sing N N 12  
ARG N     CA     sing N N 13  
ARG N     H      sing N N 14  
ARG N     H2     sing N N 15  
ARG CA    C      sing N N 16  
ARG CA    CB     sing N N 17  
ARG CA    HA     sing N N 18  
ARG C     O      doub N N 19  
ARG C     OXT    sing N N 20  
ARG CB    CG     sing N N 21  
ARG CB    HB2    sing N N 22  
ARG CB    HB3    sing N N 23  
ARG CG    CD     sing N N 24  
ARG CG    HG2    sing N N 25  
ARG CG    HG3    sing N N 26  
ARG CD    NE     sing N N 27  
ARG CD    HD2    sing N N 28  
ARG CD    HD3    sing N N 29  
ARG NE    CZ     sing N N 30  
ARG NE    HE     sing N N 31  
ARG CZ    NH1    sing N N 32  
ARG CZ    NH2    doub N N 33  
ARG NH1   HH11   sing N N 34  
ARG NH1   HH12   sing N N 35  
ARG NH2   HH21   sing N N 36  
ARG NH2   HH22   sing N N 37  
ARG OXT   HXT    sing N N 38  
ASN N     CA     sing N N 39  
ASN N     H      sing N N 40  
ASN N     H2     sing N N 41  
ASN CA    C      sing N N 42  
ASN CA    CB     sing N N 43  
ASN CA    HA     sing N N 44  
ASN C     O      doub N N 45  
ASN C     OXT    sing N N 46  
ASN CB    CG     sing N N 47  
ASN CB    HB2    sing N N 48  
ASN CB    HB3    sing N N 49  
ASN CG    OD1    doub N N 50  
ASN CG    ND2    sing N N 51  
ASN ND2   HD21   sing N N 52  
ASN ND2   HD22   sing N N 53  
ASN OXT   HXT    sing N N 54  
ASP N     CA     sing N N 55  
ASP N     H      sing N N 56  
ASP N     H2     sing N N 57  
ASP CA    C      sing N N 58  
ASP CA    CB     sing N N 59  
ASP CA    HA     sing N N 60  
ASP C     O      doub N N 61  
ASP C     OXT    sing N N 62  
ASP CB    CG     sing N N 63  
ASP CB    HB2    sing N N 64  
ASP CB    HB3    sing N N 65  
ASP CG    OD1    doub N N 66  
ASP CG    OD2    sing N N 67  
ASP OD2   HD2    sing N N 68  
ASP OXT   HXT    sing N N 69  
CYS N     CA     sing N N 70  
CYS N     H      sing N N 71  
CYS N     H2     sing N N 72  
CYS CA    C      sing N N 73  
CYS CA    CB     sing N N 74  
CYS CA    HA     sing N N 75  
CYS C     O      doub N N 76  
CYS C     OXT    sing N N 77  
CYS CB    SG     sing N N 78  
CYS CB    HB2    sing N N 79  
CYS CB    HB3    sing N N 80  
CYS SG    HG     sing N N 81  
CYS OXT   HXT    sing N N 82  
GDP PB    O1B    doub N N 83  
GDP PB    O2B    sing N N 84  
GDP PB    O3B    sing N N 85  
GDP PB    O3A    sing N N 86  
GDP O2B   HOB2   sing N N 87  
GDP O3B   HOB3   sing N N 88  
GDP O3A   PA     sing N N 89  
GDP PA    O1A    doub N N 90  
GDP PA    O2A    sing N N 91  
GDP PA    "O5'"  sing N N 92  
GDP O2A   HOA2   sing N N 93  
GDP "O5'" "C5'"  sing N N 94  
GDP "C5'" "C4'"  sing N N 95  
GDP "C5'" "H5'"  sing N N 96  
GDP "C5'" "H5''" sing N N 97  
GDP "C4'" "O4'"  sing N N 98  
GDP "C4'" "C3'"  sing N N 99  
GDP "C4'" "H4'"  sing N N 100 
GDP "O4'" "C1'"  sing N N 101 
GDP "C3'" "O3'"  sing N N 102 
GDP "C3'" "C2'"  sing N N 103 
GDP "C3'" "H3'"  sing N N 104 
GDP "O3'" "HO3'" sing N N 105 
GDP "C2'" "O2'"  sing N N 106 
GDP "C2'" "C1'"  sing N N 107 
GDP "C2'" "H2'"  sing N N 108 
GDP "O2'" "HO2'" sing N N 109 
GDP "C1'" N9     sing N N 110 
GDP "C1'" "H1'"  sing N N 111 
GDP N9    C8     sing Y N 112 
GDP N9    C4     sing Y N 113 
GDP C8    N7     doub Y N 114 
GDP C8    H8     sing N N 115 
GDP N7    C5     sing Y N 116 
GDP C5    C6     sing N N 117 
GDP C5    C4     doub Y N 118 
GDP C6    O6     doub N N 119 
GDP C6    N1     sing N N 120 
GDP N1    C2     sing N N 121 
GDP N1    HN1    sing N N 122 
GDP C2    N2     sing N N 123 
GDP C2    N3     doub N N 124 
GDP N2    HN21   sing N N 125 
GDP N2    HN22   sing N N 126 
GDP N3    C4     sing N N 127 
GLN N     CA     sing N N 128 
GLN N     H      sing N N 129 
GLN N     H2     sing N N 130 
GLN CA    C      sing N N 131 
GLN CA    CB     sing N N 132 
GLN CA    HA     sing N N 133 
GLN C     O      doub N N 134 
GLN C     OXT    sing N N 135 
GLN CB    CG     sing N N 136 
GLN CB    HB2    sing N N 137 
GLN CB    HB3    sing N N 138 
GLN CG    CD     sing N N 139 
GLN CG    HG2    sing N N 140 
GLN CG    HG3    sing N N 141 
GLN CD    OE1    doub N N 142 
GLN CD    NE2    sing N N 143 
GLN NE2   HE21   sing N N 144 
GLN NE2   HE22   sing N N 145 
GLN OXT   HXT    sing N N 146 
GLU N     CA     sing N N 147 
GLU N     H      sing N N 148 
GLU N     H2     sing N N 149 
GLU CA    C      sing N N 150 
GLU CA    CB     sing N N 151 
GLU CA    HA     sing N N 152 
GLU C     O      doub N N 153 
GLU C     OXT    sing N N 154 
GLU CB    CG     sing N N 155 
GLU CB    HB2    sing N N 156 
GLU CB    HB3    sing N N 157 
GLU CG    CD     sing N N 158 
GLU CG    HG2    sing N N 159 
GLU CG    HG3    sing N N 160 
GLU CD    OE1    doub N N 161 
GLU CD    OE2    sing N N 162 
GLU OE2   HE2    sing N N 163 
GLU OXT   HXT    sing N N 164 
GLY N     CA     sing N N 165 
GLY N     H      sing N N 166 
GLY N     H2     sing N N 167 
GLY CA    C      sing N N 168 
GLY CA    HA2    sing N N 169 
GLY CA    HA3    sing N N 170 
GLY C     O      doub N N 171 
GLY C     OXT    sing N N 172 
GLY OXT   HXT    sing N N 173 
HIS N     CA     sing N N 174 
HIS N     H      sing N N 175 
HIS N     H2     sing N N 176 
HIS CA    C      sing N N 177 
HIS CA    CB     sing N N 178 
HIS CA    HA     sing N N 179 
HIS C     O      doub N N 180 
HIS C     OXT    sing N N 181 
HIS CB    CG     sing N N 182 
HIS CB    HB2    sing N N 183 
HIS CB    HB3    sing N N 184 
HIS CG    ND1    sing Y N 185 
HIS CG    CD2    doub Y N 186 
HIS ND1   CE1    doub Y N 187 
HIS ND1   HD1    sing N N 188 
HIS CD2   NE2    sing Y N 189 
HIS CD2   HD2    sing N N 190 
HIS CE1   NE2    sing Y N 191 
HIS CE1   HE1    sing N N 192 
HIS NE2   HE2    sing N N 193 
HIS OXT   HXT    sing N N 194 
HOH O     H1     sing N N 195 
HOH O     H2     sing N N 196 
ILE N     CA     sing N N 197 
ILE N     H      sing N N 198 
ILE N     H2     sing N N 199 
ILE CA    C      sing N N 200 
ILE CA    CB     sing N N 201 
ILE CA    HA     sing N N 202 
ILE C     O      doub N N 203 
ILE C     OXT    sing N N 204 
ILE CB    CG1    sing N N 205 
ILE CB    CG2    sing N N 206 
ILE CB    HB     sing N N 207 
ILE CG1   CD1    sing N N 208 
ILE CG1   HG12   sing N N 209 
ILE CG1   HG13   sing N N 210 
ILE CG2   HG21   sing N N 211 
ILE CG2   HG22   sing N N 212 
ILE CG2   HG23   sing N N 213 
ILE CD1   HD11   sing N N 214 
ILE CD1   HD12   sing N N 215 
ILE CD1   HD13   sing N N 216 
ILE OXT   HXT    sing N N 217 
LEU N     CA     sing N N 218 
LEU N     H      sing N N 219 
LEU N     H2     sing N N 220 
LEU CA    C      sing N N 221 
LEU CA    CB     sing N N 222 
LEU CA    HA     sing N N 223 
LEU C     O      doub N N 224 
LEU C     OXT    sing N N 225 
LEU CB    CG     sing N N 226 
LEU CB    HB2    sing N N 227 
LEU CB    HB3    sing N N 228 
LEU CG    CD1    sing N N 229 
LEU CG    CD2    sing N N 230 
LEU CG    HG     sing N N 231 
LEU CD1   HD11   sing N N 232 
LEU CD1   HD12   sing N N 233 
LEU CD1   HD13   sing N N 234 
LEU CD2   HD21   sing N N 235 
LEU CD2   HD22   sing N N 236 
LEU CD2   HD23   sing N N 237 
LEU OXT   HXT    sing N N 238 
LYS N     CA     sing N N 239 
LYS N     H      sing N N 240 
LYS N     H2     sing N N 241 
LYS CA    C      sing N N 242 
LYS CA    CB     sing N N 243 
LYS CA    HA     sing N N 244 
LYS C     O      doub N N 245 
LYS C     OXT    sing N N 246 
LYS CB    CG     sing N N 247 
LYS CB    HB2    sing N N 248 
LYS CB    HB3    sing N N 249 
LYS CG    CD     sing N N 250 
LYS CG    HG2    sing N N 251 
LYS CG    HG3    sing N N 252 
LYS CD    CE     sing N N 253 
LYS CD    HD2    sing N N 254 
LYS CD    HD3    sing N N 255 
LYS CE    NZ     sing N N 256 
LYS CE    HE2    sing N N 257 
LYS CE    HE3    sing N N 258 
LYS NZ    HZ1    sing N N 259 
LYS NZ    HZ2    sing N N 260 
LYS NZ    HZ3    sing N N 261 
LYS OXT   HXT    sing N N 262 
MET N     CA     sing N N 263 
MET N     H      sing N N 264 
MET N     H2     sing N N 265 
MET CA    C      sing N N 266 
MET CA    CB     sing N N 267 
MET CA    HA     sing N N 268 
MET C     O      doub N N 269 
MET C     OXT    sing N N 270 
MET CB    CG     sing N N 271 
MET CB    HB2    sing N N 272 
MET CB    HB3    sing N N 273 
MET CG    SD     sing N N 274 
MET CG    HG2    sing N N 275 
MET CG    HG3    sing N N 276 
MET SD    CE     sing N N 277 
MET CE    HE1    sing N N 278 
MET CE    HE2    sing N N 279 
MET CE    HE3    sing N N 280 
MET OXT   HXT    sing N N 281 
PHE N     CA     sing N N 282 
PHE N     H      sing N N 283 
PHE N     H2     sing N N 284 
PHE CA    C      sing N N 285 
PHE CA    CB     sing N N 286 
PHE CA    HA     sing N N 287 
PHE C     O      doub N N 288 
PHE C     OXT    sing N N 289 
PHE CB    CG     sing N N 290 
PHE CB    HB2    sing N N 291 
PHE CB    HB3    sing N N 292 
PHE CG    CD1    doub Y N 293 
PHE CG    CD2    sing Y N 294 
PHE CD1   CE1    sing Y N 295 
PHE CD1   HD1    sing N N 296 
PHE CD2   CE2    doub Y N 297 
PHE CD2   HD2    sing N N 298 
PHE CE1   CZ     doub Y N 299 
PHE CE1   HE1    sing N N 300 
PHE CE2   CZ     sing Y N 301 
PHE CE2   HE2    sing N N 302 
PHE CZ    HZ     sing N N 303 
PHE OXT   HXT    sing N N 304 
PRO N     CA     sing N N 305 
PRO N     CD     sing N N 306 
PRO N     H      sing N N 307 
PRO CA    C      sing N N 308 
PRO CA    CB     sing N N 309 
PRO CA    HA     sing N N 310 
PRO C     O      doub N N 311 
PRO C     OXT    sing N N 312 
PRO CB    CG     sing N N 313 
PRO CB    HB2    sing N N 314 
PRO CB    HB3    sing N N 315 
PRO CG    CD     sing N N 316 
PRO CG    HG2    sing N N 317 
PRO CG    HG3    sing N N 318 
PRO CD    HD2    sing N N 319 
PRO CD    HD3    sing N N 320 
PRO OXT   HXT    sing N N 321 
SER N     CA     sing N N 322 
SER N     H      sing N N 323 
SER N     H2     sing N N 324 
SER CA    C      sing N N 325 
SER CA    CB     sing N N 326 
SER CA    HA     sing N N 327 
SER C     O      doub N N 328 
SER C     OXT    sing N N 329 
SER CB    OG     sing N N 330 
SER CB    HB2    sing N N 331 
SER CB    HB3    sing N N 332 
SER OG    HG     sing N N 333 
SER OXT   HXT    sing N N 334 
THR N     CA     sing N N 335 
THR N     H      sing N N 336 
THR N     H2     sing N N 337 
THR CA    C      sing N N 338 
THR CA    CB     sing N N 339 
THR CA    HA     sing N N 340 
THR C     O      doub N N 341 
THR C     OXT    sing N N 342 
THR CB    OG1    sing N N 343 
THR CB    CG2    sing N N 344 
THR CB    HB     sing N N 345 
THR OG1   HG1    sing N N 346 
THR CG2   HG21   sing N N 347 
THR CG2   HG22   sing N N 348 
THR CG2   HG23   sing N N 349 
THR OXT   HXT    sing N N 350 
TRP N     CA     sing N N 351 
TRP N     H      sing N N 352 
TRP N     H2     sing N N 353 
TRP CA    C      sing N N 354 
TRP CA    CB     sing N N 355 
TRP CA    HA     sing N N 356 
TRP C     O      doub N N 357 
TRP C     OXT    sing N N 358 
TRP CB    CG     sing N N 359 
TRP CB    HB2    sing N N 360 
TRP CB    HB3    sing N N 361 
TRP CG    CD1    doub Y N 362 
TRP CG    CD2    sing Y N 363 
TRP CD1   NE1    sing Y N 364 
TRP CD1   HD1    sing N N 365 
TRP CD2   CE2    doub Y N 366 
TRP CD2   CE3    sing Y N 367 
TRP NE1   CE2    sing Y N 368 
TRP NE1   HE1    sing N N 369 
TRP CE2   CZ2    sing Y N 370 
TRP CE3   CZ3    doub Y N 371 
TRP CE3   HE3    sing N N 372 
TRP CZ2   CH2    doub Y N 373 
TRP CZ2   HZ2    sing N N 374 
TRP CZ3   CH2    sing Y N 375 
TRP CZ3   HZ3    sing N N 376 
TRP CH2   HH2    sing N N 377 
TRP OXT   HXT    sing N N 378 
TYR N     CA     sing N N 379 
TYR N     H      sing N N 380 
TYR N     H2     sing N N 381 
TYR CA    C      sing N N 382 
TYR CA    CB     sing N N 383 
TYR CA    HA     sing N N 384 
TYR C     O      doub N N 385 
TYR C     OXT    sing N N 386 
TYR CB    CG     sing N N 387 
TYR CB    HB2    sing N N 388 
TYR CB    HB3    sing N N 389 
TYR CG    CD1    doub Y N 390 
TYR CG    CD2    sing Y N 391 
TYR CD1   CE1    sing Y N 392 
TYR CD1   HD1    sing N N 393 
TYR CD2   CE2    doub Y N 394 
TYR CD2   HD2    sing N N 395 
TYR CE1   CZ     doub Y N 396 
TYR CE1   HE1    sing N N 397 
TYR CE2   CZ     sing Y N 398 
TYR CE2   HE2    sing N N 399 
TYR CZ    OH     sing N N 400 
TYR OH    HH     sing N N 401 
TYR OXT   HXT    sing N N 402 
VAL N     CA     sing N N 403 
VAL N     H      sing N N 404 
VAL N     H2     sing N N 405 
VAL CA    C      sing N N 406 
VAL CA    CB     sing N N 407 
VAL CA    HA     sing N N 408 
VAL C     O      doub N N 409 
VAL C     OXT    sing N N 410 
VAL CB    CG1    sing N N 411 
VAL CB    CG2    sing N N 412 
VAL CB    HB     sing N N 413 
VAL CG1   HG11   sing N N 414 
VAL CG1   HG12   sing N N 415 
VAL CG1   HG13   sing N N 416 
VAL CG2   HG21   sing N N 417 
VAL CG2   HG22   sing N N 418 
VAL CG2   HG23   sing N N 419 
VAL OXT   HXT    sing N N 420 
# 
loop_
_pdbx_entity_nonpoly.entity_id 
_pdbx_entity_nonpoly.name 
_pdbx_entity_nonpoly.comp_id 
2 "GUANOSINE-5'-DIPHOSPHATE" GDP 
3 'UNKNOWN ATOM OR ION'      UNX 
4 water                      HOH 
# 
_pdbx_initial_refinement_model.id               1 
_pdbx_initial_refinement_model.entity_id_list   ? 
_pdbx_initial_refinement_model.type             'experimental model' 
_pdbx_initial_refinement_model.source_name      PDB 
_pdbx_initial_refinement_model.accession_code   2GF9 
_pdbx_initial_refinement_model.details          'PDB ENTRY 2GF9' 
# 
